data_9E7H
#
_entry.id   9E7H
#
_cell.length_a   1.00
_cell.length_b   1.00
_cell.length_c   1.00
_cell.angle_alpha   90.00
_cell.angle_beta   90.00
_cell.angle_gamma   90.00
#
_symmetry.space_group_name_H-M   'P 1'
#
loop_
_entity.id
_entity.type
_entity.pdbx_description
1 polymer 'Light-independent protochlorophyllide reductase subunit N'
2 polymer 'Light-independent protochlorophyllide reductase subunit B'
3 non-polymer 'IRON/SULFUR CLUSTER'
4 non-polymer Protochlorophyllide
5 non-polymer 'COPPER (II) ION'
#
loop_
_entity_poly.entity_id
_entity_poly.type
_entity_poly.pdbx_seq_one_letter_code
_entity_poly.pdbx_strand_id
1 'polypeptide(L)'
;MSLDLPPPPARGCRSTEVLKERGQREVFCGLTGIIWLHRKMQDAFFLVVGSRTCAHLLQSAAGVMIFAEPRFGTAVLEEK
DLAGLADANAELDREVDRLLARRPDIRQLFLVGSCPSEVIKLDLHRAAERLSAHHGPAVRVYNFSGSGIETTFTQGEDAC
LASIVPTLPATEARELLLVGALPDVVEDQAVSLLTQLGIGPVRCLPAHHAAEAPGVGPNTVFALVQPFLGDTHGALTRRG
ARHIAAPFPFGEEGTTLWLKAIADEFGVSAETFEAVTAAPRARARKAVAAASEGLRGKSVFFLPDSQLEPSLARFLTREC
GMSAVEVGTPFLHRGILGPDLDLLAEGPVLSEGQDVERQLDRVRAARPDLTVCGLGLANPLEAEGFTTKWAIELVFTPVH
FYEQAGDLAGLFSRPVRRRAILRREAAE
;
A,C
2 'polypeptide(L)'
;MKLTLWTYEGPPHVGAMRVATGMTGMHYVLHAPQGDTYADLLFTMIERRGKRPPVSYTTFQARDLGSDTAELFQSACRDA
YERFQPQAIMVGSSCTAELIQDDTGGLADALSLPVPVVHLELPSYQRKENFGADESFLQICRKLARPMERTEKVSCNLLG
PTALGFRHRDDILEVTRLLEGMGIAVNAVAPMGASPADIARLGAAHFNVLLYPETGESAARWAEKTLKQPYTKTVPIGVG
ATRDFVAEVAALAGVAPVADDSRLRQPWWSASVDSTYLTGKRVFLFGDATHVIAAARVARDEMGFEVVGMGCYNREFARP
MRAAAKGYGLEALVTDDYLEVEEAIQALAPELILGTQMERHIAKRLGIPCAVISAPVHVQDFPARYSPQMGFEGANVLFD
TWIHPLTMGLEEHLLTMFREDFEFHDEAGPSHHGGKAVPASAPRADEAAEALPATGAETAEGGSIPPEAVPPAAAAAAEA
PAGEIVWLTDAERELKKIPFFVRGKARRNTEKFAAEKGLTRISIETLYEAKAHYAR
;
B,D
#
loop_
_chem_comp.id
_chem_comp.type
_chem_comp.name
_chem_comp.formula
CU non-polymer 'COPPER (II) ION' 'Cu 2'
PMR non-polymer Protochlorophyllide 'C35 H32 Mg N4 O5 2'
SF4 non-polymer 'IRON/SULFUR CLUSTER' 'Fe4 S4'
#
# COMPACT_ATOMS: atom_id res chain seq x y z
N ARG A 22 -20.56 0.87 -42.13
CA ARG A 22 -19.15 0.54 -42.23
C ARG A 22 -18.29 1.65 -41.64
N GLY A 23 -18.35 1.81 -40.33
CA GLY A 23 -17.56 2.80 -39.62
C GLY A 23 -16.74 2.14 -38.53
N GLN A 24 -16.70 2.78 -37.38
CA GLN A 24 -15.95 2.25 -36.25
C GLN A 24 -16.61 1.00 -35.69
N ARG A 25 -15.78 0.03 -35.33
CA ARG A 25 -16.23 -1.20 -34.68
C ARG A 25 -15.41 -1.42 -33.42
N GLU A 26 -16.06 -1.83 -32.36
CA GLU A 26 -15.37 -2.07 -31.10
C GLU A 26 -15.12 -3.56 -30.92
N VAL A 27 -13.89 -3.99 -31.17
CA VAL A 27 -13.45 -5.35 -30.95
C VAL A 27 -11.93 -5.36 -31.02
N PHE A 28 -11.30 -6.33 -30.38
CA PHE A 28 -9.85 -6.37 -30.31
C PHE A 28 -9.24 -6.92 -31.60
N CYS A 29 -7.92 -6.96 -31.58
CA CYS A 29 -7.23 -7.68 -32.66
C CYS A 29 -6.99 -9.04 -32.03
N GLY A 30 -6.62 -10.03 -32.82
CA GLY A 30 -6.44 -11.39 -32.33
C GLY A 30 -5.23 -11.59 -31.45
N LEU A 31 -4.36 -10.57 -31.35
CA LEU A 31 -3.19 -10.65 -30.49
C LEU A 31 -3.55 -10.93 -29.04
N THR A 32 -4.72 -10.52 -28.59
CA THR A 32 -5.12 -10.79 -27.22
C THR A 32 -5.55 -12.23 -27.01
N GLY A 33 -5.60 -13.04 -28.07
CA GLY A 33 -5.79 -14.47 -27.89
C GLY A 33 -4.57 -15.16 -27.34
N ILE A 34 -3.39 -14.57 -27.52
CA ILE A 34 -2.15 -15.14 -27.03
C ILE A 34 -2.18 -15.25 -25.51
N ILE A 35 -2.92 -14.37 -24.83
CA ILE A 35 -2.95 -14.39 -23.37
C ILE A 35 -3.56 -15.69 -22.85
N TRP A 36 -4.56 -16.23 -23.55
CA TRP A 36 -5.05 -17.57 -23.22
C TRP A 36 -4.37 -18.67 -24.00
N LEU A 37 -3.84 -18.37 -25.18
CA LEU A 37 -3.24 -19.41 -26.01
C LEU A 37 -2.03 -20.04 -25.33
N HIS A 38 -1.08 -19.21 -24.88
CA HIS A 38 0.14 -19.75 -24.31
C HIS A 38 -0.08 -20.39 -22.94
N ARG A 39 -1.20 -20.07 -22.29
CA ARG A 39 -1.51 -20.71 -21.02
C ARG A 39 -1.93 -22.17 -21.18
N LYS A 40 -2.27 -22.59 -22.39
CA LYS A 40 -2.58 -24.00 -22.65
C LYS A 40 -1.35 -24.75 -23.18
N MET A 41 -0.77 -24.25 -24.25
CA MET A 41 0.39 -24.90 -24.88
C MET A 41 1.65 -24.37 -24.20
N GLN A 42 2.03 -25.03 -23.11
CA GLN A 42 3.17 -24.63 -22.29
C GLN A 42 4.52 -24.94 -22.93
N ASP A 43 4.52 -25.34 -24.19
CA ASP A 43 5.75 -25.61 -24.94
C ASP A 43 5.84 -24.71 -26.17
N ALA A 44 5.15 -23.57 -26.13
CA ALA A 44 5.00 -22.69 -27.28
C ALA A 44 5.39 -21.27 -26.90
N PHE A 45 6.11 -20.60 -27.80
CA PHE A 45 6.43 -19.20 -27.66
C PHE A 45 5.73 -18.41 -28.75
N PHE A 46 4.89 -17.46 -28.35
CA PHE A 46 4.13 -16.64 -29.29
C PHE A 46 4.87 -15.35 -29.57
N LEU A 47 5.92 -15.45 -30.38
CA LEU A 47 6.80 -14.30 -30.60
C LEU A 47 6.08 -13.26 -31.44
N VAL A 48 5.34 -12.38 -30.77
CA VAL A 48 4.50 -11.41 -31.45
C VAL A 48 5.33 -10.28 -32.05
N VAL A 49 5.49 -10.31 -33.36
CA VAL A 49 6.05 -9.15 -34.04
C VAL A 49 4.99 -8.06 -34.14
N GLY A 50 5.42 -6.85 -34.45
CA GLY A 50 4.52 -5.73 -34.58
C GLY A 50 5.14 -4.48 -34.01
N SER A 51 4.35 -3.41 -33.99
CA SER A 51 4.82 -2.12 -33.53
C SER A 51 4.71 -2.01 -32.01
N ARG A 52 5.05 -0.83 -31.49
CA ARG A 52 4.93 -0.59 -30.05
C ARG A 52 3.48 -0.54 -29.60
N THR A 53 2.55 -0.24 -30.51
CA THR A 53 1.13 -0.21 -30.14
C THR A 53 0.63 -1.60 -29.78
N CYS A 54 1.01 -2.59 -30.57
CA CYS A 54 0.59 -3.99 -30.30
C CYS A 54 1.28 -4.41 -29.02
N ALA A 55 2.55 -4.04 -28.89
CA ALA A 55 3.26 -4.37 -27.67
C ALA A 55 2.57 -3.80 -26.45
N HIS A 56 2.08 -2.57 -26.53
CA HIS A 56 1.35 -1.99 -25.42
C HIS A 56 0.03 -2.70 -25.20
N LEU A 57 -0.62 -3.16 -26.28
CA LEU A 57 -1.82 -3.97 -26.11
C LEU A 57 -1.51 -5.23 -25.32
N LEU A 58 -0.48 -5.97 -25.73
CA LEU A 58 -0.15 -7.20 -25.03
C LEU A 58 0.27 -6.89 -23.59
N GLN A 59 1.03 -5.82 -23.38
CA GLN A 59 1.44 -5.41 -22.05
C GLN A 59 0.24 -5.15 -21.16
N SER A 60 -0.68 -4.28 -21.60
CA SER A 60 -1.84 -3.95 -20.80
C SER A 60 -2.76 -5.15 -20.61
N ALA A 61 -2.95 -5.92 -21.67
CA ALA A 61 -3.83 -7.08 -21.63
C ALA A 61 -3.35 -8.12 -20.64
N ALA A 62 -2.07 -8.49 -20.72
CA ALA A 62 -1.48 -9.38 -19.75
C ALA A 62 -1.44 -8.75 -18.36
N GLY A 63 -1.44 -7.43 -18.28
CA GLY A 63 -1.44 -6.77 -16.99
C GLY A 63 -0.17 -7.07 -16.23
N VAL A 64 -0.28 -7.94 -15.21
CA VAL A 64 0.87 -8.24 -14.38
C VAL A 64 1.64 -9.43 -14.96
N MET A 65 1.06 -10.12 -15.93
CA MET A 65 1.71 -11.31 -16.50
C MET A 65 3.00 -10.99 -17.23
N ILE A 66 3.09 -9.83 -17.88
CA ILE A 66 4.32 -9.45 -18.56
C ILE A 66 5.50 -9.35 -17.61
N PHE A 67 5.27 -9.41 -16.31
CA PHE A 67 6.33 -9.26 -15.32
C PHE A 67 6.94 -10.58 -14.89
N ALA A 68 6.18 -11.67 -14.97
CA ALA A 68 6.68 -13.01 -14.67
C ALA A 68 7.16 -13.72 -15.93
N GLU A 69 7.98 -13.06 -16.74
CA GLU A 69 8.60 -13.55 -17.97
C GLU A 69 7.69 -14.48 -18.76
N PRO A 70 6.58 -13.99 -19.29
CA PRO A 70 5.70 -14.85 -20.09
C PRO A 70 6.27 -15.08 -21.48
N ARG A 71 5.65 -16.04 -22.19
CA ARG A 71 6.10 -16.42 -23.53
C ARG A 71 5.41 -15.57 -24.59
N PHE A 72 5.65 -14.26 -24.52
CA PHE A 72 5.23 -13.32 -25.56
C PHE A 72 6.38 -12.97 -26.50
N GLY A 73 7.45 -12.43 -25.96
CA GLY A 73 8.48 -11.84 -26.80
C GLY A 73 8.11 -10.44 -27.20
N THR A 74 7.01 -10.30 -27.94
CA THR A 74 6.42 -9.00 -28.26
C THR A 74 7.43 -8.09 -28.98
N ALA A 75 8.30 -8.68 -29.79
CA ALA A 75 9.38 -7.96 -30.44
C ALA A 75 8.85 -6.81 -31.30
N VAL A 76 9.16 -5.57 -30.91
CA VAL A 76 8.68 -4.39 -31.62
C VAL A 76 9.64 -4.09 -32.76
N LEU A 77 9.11 -3.52 -33.84
CA LEU A 77 9.93 -3.09 -34.95
C LEU A 77 10.24 -1.61 -34.83
N GLU A 78 11.52 -1.27 -34.88
CA GLU A 78 11.96 0.12 -34.90
C GLU A 78 11.76 0.69 -36.30
N GLU A 79 11.91 2.02 -36.40
CA GLU A 79 11.79 2.66 -37.71
C GLU A 79 12.87 2.17 -38.66
N LYS A 80 14.07 1.90 -38.15
CA LYS A 80 15.11 1.32 -38.98
C LYS A 80 14.74 -0.10 -39.41
N ASP A 81 14.07 -0.85 -38.53
CA ASP A 81 13.58 -2.18 -38.88
C ASP A 81 12.25 -2.12 -39.63
N LEU A 82 11.59 -0.96 -39.64
CA LEU A 82 10.36 -0.82 -40.41
C LEU A 82 10.65 -0.92 -41.91
N ALA A 83 11.62 -0.16 -42.39
CA ALA A 83 11.95 -0.17 -43.81
C ALA A 83 12.72 -1.43 -44.16
N GLY A 84 12.37 -2.03 -45.31
CA GLY A 84 13.01 -3.24 -45.76
C GLY A 84 12.37 -4.49 -45.18
N LEU A 85 12.79 -5.62 -45.71
CA LEU A 85 12.25 -6.91 -45.29
C LEU A 85 13.34 -7.89 -44.88
N ALA A 86 14.50 -7.87 -45.56
CA ALA A 86 15.59 -8.77 -45.21
C ALA A 86 16.14 -8.45 -43.83
N ASP A 87 16.28 -7.16 -43.51
CA ASP A 87 16.80 -6.77 -42.20
C ASP A 87 15.87 -7.26 -41.08
N ALA A 88 14.57 -7.14 -41.29
CA ALA A 88 13.61 -7.54 -40.27
C ALA A 88 13.75 -9.03 -39.94
N ASN A 89 13.80 -9.87 -40.96
CA ASN A 89 13.90 -11.31 -40.70
C ASN A 89 15.28 -11.69 -40.20
N ALA A 90 16.33 -10.95 -40.59
CA ALA A 90 17.65 -11.22 -40.06
C ALA A 90 17.71 -10.97 -38.56
N GLU A 91 17.19 -9.80 -38.13
CA GLU A 91 17.12 -9.52 -36.70
C GLU A 91 16.23 -10.54 -36.00
N LEU A 92 15.11 -10.90 -36.63
CA LEU A 92 14.20 -11.88 -36.05
C LEU A 92 14.92 -13.21 -35.84
N ASP A 93 15.72 -13.63 -36.81
CA ASP A 93 16.51 -14.85 -36.67
C ASP A 93 17.46 -14.74 -35.49
N ARG A 94 18.19 -13.62 -35.39
CA ARG A 94 19.20 -13.52 -34.34
C ARG A 94 18.55 -13.52 -32.95
N GLU A 95 17.45 -12.79 -32.78
CA GLU A 95 16.80 -12.80 -31.47
C GLU A 95 16.07 -14.11 -31.18
N VAL A 96 15.56 -14.80 -32.21
CA VAL A 96 14.97 -16.11 -31.98
C VAL A 96 16.03 -17.08 -31.48
N ASP A 97 17.20 -17.07 -32.13
CA ASP A 97 18.30 -17.93 -31.68
C ASP A 97 18.72 -17.58 -30.27
N ARG A 98 18.81 -16.29 -29.96
CA ARG A 98 19.15 -15.88 -28.60
C ARG A 98 18.12 -16.36 -27.59
N LEU A 99 16.83 -16.25 -27.93
CA LEU A 99 15.78 -16.68 -27.03
C LEU A 99 15.82 -18.19 -26.79
N LEU A 100 15.91 -18.97 -27.87
CA LEU A 100 15.93 -20.42 -27.71
C LEU A 100 17.20 -20.91 -27.03
N ALA A 101 18.32 -20.18 -27.20
CA ALA A 101 19.50 -20.49 -26.40
C ALA A 101 19.25 -20.18 -24.92
N ARG A 102 18.57 -19.06 -24.64
CA ARG A 102 18.25 -18.70 -23.27
C ARG A 102 17.15 -19.59 -22.68
N ARG A 103 16.18 -20.00 -23.49
CA ARG A 103 15.08 -20.86 -23.05
C ARG A 103 15.00 -22.05 -23.98
N PRO A 104 15.84 -23.07 -23.78
CA PRO A 104 15.81 -24.28 -24.60
C PRO A 104 14.73 -25.28 -24.18
N ASP A 105 13.52 -24.77 -23.98
CA ASP A 105 12.38 -25.58 -23.58
C ASP A 105 11.15 -25.25 -24.40
N ILE A 106 11.34 -24.71 -25.60
CA ILE A 106 10.26 -24.33 -26.50
C ILE A 106 10.36 -25.18 -27.76
N ARG A 107 9.26 -25.87 -28.10
CA ARG A 107 9.21 -26.69 -29.30
C ARG A 107 8.30 -26.09 -30.37
N GLN A 108 7.03 -25.82 -30.03
CA GLN A 108 6.07 -25.30 -31.01
C GLN A 108 6.12 -23.78 -31.02
N LEU A 109 7.11 -23.25 -31.74
CA LEU A 109 7.26 -21.80 -31.83
C LEU A 109 6.12 -21.19 -32.63
N PHE A 110 5.78 -19.95 -32.28
CA PHE A 110 4.61 -19.26 -32.84
C PHE A 110 4.99 -17.83 -33.20
N LEU A 111 5.29 -17.60 -34.47
CA LEU A 111 5.59 -16.25 -34.95
C LEU A 111 4.28 -15.56 -35.31
N VAL A 112 3.63 -15.01 -34.28
CA VAL A 112 2.34 -14.36 -34.47
C VAL A 112 2.51 -13.10 -35.30
N GLY A 113 1.63 -12.92 -36.28
CA GLY A 113 1.59 -11.70 -37.05
C GLY A 113 0.91 -10.59 -36.31
N SER A 114 0.82 -9.43 -36.96
CA SER A 114 0.16 -8.28 -36.37
C SER A 114 -0.22 -7.32 -37.49
N CYS A 115 -1.11 -6.37 -37.14
CA CYS A 115 -1.49 -5.34 -38.14
C CYS A 115 -0.22 -4.68 -38.65
N PRO A 116 0.71 -4.15 -37.81
CA PRO A 116 1.94 -3.61 -38.40
C PRO A 116 2.65 -4.63 -39.27
N SER A 117 2.85 -5.86 -38.75
CA SER A 117 3.54 -6.89 -39.50
C SER A 117 2.80 -7.23 -40.78
N GLU A 118 1.47 -7.27 -40.74
CA GLU A 118 0.71 -7.54 -41.95
C GLU A 118 0.87 -6.42 -42.97
N VAL A 119 0.85 -5.16 -42.52
CA VAL A 119 1.00 -4.06 -43.47
C VAL A 119 2.40 -4.09 -44.09
N ILE A 120 3.41 -4.44 -43.30
CA ILE A 120 4.73 -4.68 -43.88
C ILE A 120 4.73 -5.90 -44.77
N LYS A 121 3.67 -6.71 -44.71
CA LYS A 121 3.59 -7.99 -45.42
C LYS A 121 4.69 -8.94 -44.99
N LEU A 122 5.09 -8.87 -43.72
CA LEU A 122 6.09 -9.78 -43.18
C LEU A 122 5.58 -11.21 -43.27
N ASP A 123 6.33 -12.07 -43.95
CA ASP A 123 5.90 -13.45 -44.17
C ASP A 123 6.24 -14.29 -42.95
N LEU A 124 5.23 -14.62 -42.16
CA LEU A 124 5.45 -15.51 -41.02
C LEU A 124 5.58 -16.95 -41.46
N HIS A 125 4.99 -17.32 -42.59
CA HIS A 125 5.10 -18.68 -43.11
C HIS A 125 6.49 -18.93 -43.72
N ARG A 126 6.99 -17.96 -44.49
CA ARG A 126 8.37 -18.05 -44.98
C ARG A 126 9.35 -18.08 -43.81
N ALA A 127 9.12 -17.25 -42.81
CA ALA A 127 9.98 -17.25 -41.63
C ALA A 127 9.91 -18.59 -40.91
N ALA A 128 8.72 -19.19 -40.84
CA ALA A 128 8.58 -20.49 -40.22
C ALA A 128 9.38 -21.55 -40.96
N GLU A 129 9.27 -21.58 -42.29
CA GLU A 129 10.05 -22.54 -43.07
C GLU A 129 11.55 -22.33 -42.86
N ARG A 130 12.00 -21.09 -43.01
CA ARG A 130 13.42 -20.79 -42.89
C ARG A 130 13.94 -21.09 -41.49
N LEU A 131 13.08 -21.01 -40.47
CA LEU A 131 13.54 -21.15 -39.11
C LEU A 131 13.54 -22.61 -38.67
N SER A 132 12.52 -23.37 -39.06
CA SER A 132 12.57 -24.82 -38.87
C SER A 132 13.63 -25.47 -39.73
N ALA A 133 14.14 -24.77 -40.75
CA ALA A 133 15.29 -25.26 -41.48
C ALA A 133 16.49 -25.45 -40.54
N HIS A 134 16.69 -24.52 -39.61
CA HIS A 134 17.86 -24.58 -38.75
C HIS A 134 17.55 -24.86 -37.28
N HIS A 135 16.33 -24.58 -36.80
CA HIS A 135 15.97 -25.11 -35.49
C HIS A 135 15.52 -26.57 -35.55
N GLY A 136 15.07 -27.06 -36.70
CA GLY A 136 14.73 -28.45 -36.88
C GLY A 136 13.67 -28.95 -35.93
N PRO A 137 13.76 -30.24 -35.57
CA PRO A 137 12.77 -30.80 -34.63
C PRO A 137 12.82 -30.18 -33.25
N ALA A 138 13.94 -29.57 -32.88
CA ALA A 138 14.05 -28.95 -31.57
C ALA A 138 13.02 -27.84 -31.39
N VAL A 139 12.81 -27.04 -32.44
CA VAL A 139 11.80 -25.99 -32.39
C VAL A 139 10.96 -26.02 -33.67
N ARG A 140 9.77 -26.60 -33.58
CA ARG A 140 8.84 -26.67 -34.69
C ARG A 140 7.95 -25.45 -34.68
N VAL A 141 8.08 -24.59 -35.69
CA VAL A 141 7.42 -23.29 -35.69
C VAL A 141 6.11 -23.39 -36.46
N TYR A 142 5.05 -22.82 -35.89
CA TYR A 142 3.81 -22.58 -36.60
C TYR A 142 3.54 -21.09 -36.63
N ASN A 143 2.85 -20.64 -37.67
CA ASN A 143 2.62 -19.21 -37.88
C ASN A 143 1.14 -18.95 -38.13
N PHE A 144 0.64 -17.88 -37.53
CA PHE A 144 -0.74 -17.46 -37.77
C PHE A 144 -0.80 -15.95 -37.61
N SER A 145 -2.01 -15.42 -37.47
CA SER A 145 -2.22 -13.98 -37.38
C SER A 145 -3.12 -13.64 -36.20
N GLY A 146 -2.88 -12.47 -35.63
CA GLY A 146 -3.75 -11.90 -34.62
C GLY A 146 -4.06 -10.47 -34.98
N SER A 147 -3.70 -10.10 -36.20
CA SER A 147 -3.89 -8.73 -36.67
C SER A 147 -5.36 -8.39 -36.76
N GLY A 148 -5.72 -7.21 -36.23
CA GLY A 148 -7.09 -6.74 -36.32
C GLY A 148 -7.54 -6.47 -37.74
N ILE A 149 -6.62 -6.41 -38.68
CA ILE A 149 -6.98 -6.18 -40.07
C ILE A 149 -7.81 -7.35 -40.60
N GLU A 150 -7.40 -8.59 -40.32
CA GLU A 150 -8.17 -9.73 -40.80
C GLU A 150 -8.61 -10.65 -39.65
N THR A 151 -8.48 -10.19 -38.41
CA THR A 151 -8.84 -11.02 -37.27
C THR A 151 -9.46 -10.15 -36.19
N THR A 152 -10.30 -10.77 -35.37
CA THR A 152 -10.91 -10.08 -34.25
C THR A 152 -10.48 -10.72 -32.94
N PHE A 153 -11.14 -10.34 -31.83
CA PHE A 153 -10.74 -10.71 -30.48
C PHE A 153 -10.25 -12.15 -30.37
N THR A 154 -11.07 -13.11 -30.75
CA THR A 154 -10.79 -14.51 -30.45
C THR A 154 -10.73 -15.39 -31.68
N GLN A 155 -10.70 -14.81 -32.88
CA GLN A 155 -10.39 -15.56 -34.08
C GLN A 155 -8.89 -15.76 -34.25
N GLY A 156 -8.09 -15.20 -33.34
CA GLY A 156 -6.68 -15.51 -33.25
C GLY A 156 -6.46 -16.91 -32.71
N GLU A 157 -7.27 -17.32 -31.73
CA GLU A 157 -7.31 -18.70 -31.30
C GLU A 157 -7.53 -19.63 -32.49
N ASP A 158 -8.52 -19.29 -33.31
CA ASP A 158 -8.85 -20.11 -34.47
C ASP A 158 -7.69 -20.19 -35.45
N ALA A 159 -7.03 -19.06 -35.70
CA ALA A 159 -5.89 -19.08 -36.61
C ALA A 159 -4.74 -19.89 -36.03
N CYS A 160 -4.54 -19.82 -34.72
CA CYS A 160 -3.49 -20.62 -34.08
C CYS A 160 -3.78 -22.11 -34.22
N LEU A 161 -5.01 -22.52 -33.94
CA LEU A 161 -5.38 -23.92 -34.07
C LEU A 161 -5.29 -24.39 -35.52
N ALA A 162 -5.70 -23.52 -36.45
CA ALA A 162 -5.55 -23.81 -37.88
C ALA A 162 -4.11 -23.72 -38.33
N SER A 163 -3.19 -23.28 -37.48
CA SER A 163 -1.77 -23.31 -37.77
C SER A 163 -1.10 -24.60 -37.30
N ILE A 164 -1.74 -25.36 -36.41
CA ILE A 164 -1.21 -26.64 -35.99
C ILE A 164 -1.97 -27.81 -36.63
N VAL A 165 -3.18 -27.59 -37.12
CA VAL A 165 -3.98 -28.63 -37.79
C VAL A 165 -3.26 -29.17 -39.02
N PRO A 166 -2.78 -28.34 -39.96
CA PRO A 166 -2.07 -28.89 -41.12
C PRO A 166 -0.81 -29.66 -40.75
N THR A 167 -0.12 -29.26 -39.67
CA THR A 167 1.06 -29.98 -39.22
C THR A 167 0.74 -31.12 -38.28
N LEU A 168 -0.52 -31.36 -37.99
CA LEU A 168 -0.90 -32.41 -37.06
C LEU A 168 -0.54 -33.77 -37.65
N PRO A 169 -0.15 -34.75 -36.82
CA PRO A 169 0.19 -36.08 -37.36
C PRO A 169 -0.90 -36.69 -38.22
N ALA A 170 -0.58 -36.99 -39.47
CA ALA A 170 -1.54 -37.59 -40.38
C ALA A 170 -1.72 -39.07 -40.06
N THR A 171 -2.95 -39.55 -40.20
CA THR A 171 -3.27 -40.95 -39.97
C THR A 171 -4.55 -41.29 -40.72
N GLU A 172 -5.06 -42.49 -40.48
CA GLU A 172 -6.33 -42.92 -41.07
C GLU A 172 -7.32 -43.46 -40.05
N ALA A 173 -6.92 -43.65 -38.79
CA ALA A 173 -7.82 -44.17 -37.77
C ALA A 173 -9.02 -43.25 -37.56
N ARG A 174 -10.22 -43.82 -37.58
CA ARG A 174 -11.44 -43.06 -37.36
C ARG A 174 -11.55 -42.67 -35.89
N GLU A 175 -11.52 -41.36 -35.61
CA GLU A 175 -11.51 -40.88 -34.24
C GLU A 175 -12.04 -39.45 -34.20
N LEU A 176 -12.34 -38.99 -32.99
CA LEU A 176 -12.87 -37.65 -32.77
C LEU A 176 -11.83 -36.76 -32.11
N LEU A 177 -12.08 -35.46 -32.16
CA LEU A 177 -11.18 -34.48 -31.55
C LEU A 177 -11.94 -33.58 -30.58
N LEU A 178 -11.25 -32.55 -30.08
CA LEU A 178 -11.82 -31.55 -29.19
C LEU A 178 -11.37 -30.17 -29.64
N VAL A 179 -11.55 -29.89 -30.93
CA VAL A 179 -10.97 -28.70 -31.57
C VAL A 179 -11.36 -27.45 -30.79
N GLY A 180 -10.35 -26.67 -30.41
CA GLY A 180 -10.54 -25.48 -29.61
C GLY A 180 -9.56 -25.43 -28.46
N ALA A 181 -8.79 -24.34 -28.35
CA ALA A 181 -7.80 -24.18 -27.30
C ALA A 181 -8.47 -23.74 -26.00
N LEU A 182 -9.38 -24.60 -25.54
CA LEU A 182 -10.14 -24.43 -24.32
C LEU A 182 -9.28 -24.78 -23.10
N PRO A 183 -9.69 -24.34 -21.91
CA PRO A 183 -8.88 -24.60 -20.71
C PRO A 183 -8.61 -26.08 -20.50
N ASP A 184 -7.53 -26.37 -19.74
CA ASP A 184 -7.13 -27.74 -19.50
C ASP A 184 -8.19 -28.47 -18.67
N VAL A 185 -8.79 -27.79 -17.70
CA VAL A 185 -9.86 -28.40 -16.92
C VAL A 185 -11.06 -28.69 -17.80
N VAL A 186 -11.32 -27.81 -18.78
CA VAL A 186 -12.42 -28.03 -19.71
C VAL A 186 -12.20 -29.32 -20.49
N GLU A 187 -11.00 -29.51 -21.03
CA GLU A 187 -10.69 -30.73 -21.77
C GLU A 187 -10.73 -31.95 -20.85
N ASP A 188 -10.26 -31.79 -19.60
CA ASP A 188 -10.27 -32.90 -18.65
C ASP A 188 -11.70 -33.36 -18.39
N GLN A 189 -12.61 -32.43 -18.13
CA GLN A 189 -14.00 -32.78 -17.90
C GLN A 189 -14.63 -33.37 -19.16
N ALA A 190 -14.30 -32.80 -20.33
CA ALA A 190 -14.83 -33.32 -21.58
C ALA A 190 -14.46 -34.78 -21.77
N VAL A 191 -13.17 -35.10 -21.65
CA VAL A 191 -12.73 -36.49 -21.84
C VAL A 191 -13.22 -37.40 -20.72
N SER A 192 -13.31 -36.91 -19.48
CA SER A 192 -13.82 -37.75 -18.40
C SER A 192 -15.27 -38.12 -18.65
N LEU A 193 -16.10 -37.15 -19.04
CA LEU A 193 -17.47 -37.45 -19.44
C LEU A 193 -17.48 -38.39 -20.64
N LEU A 194 -16.57 -38.18 -21.59
CA LEU A 194 -16.57 -38.97 -22.81
C LEU A 194 -16.29 -40.44 -22.50
N THR A 195 -15.31 -40.71 -21.65
CA THR A 195 -14.97 -42.08 -21.28
C THR A 195 -15.99 -42.68 -20.31
N GLN A 196 -16.70 -41.84 -19.54
CA GLN A 196 -17.86 -42.35 -18.81
C GLN A 196 -18.93 -42.84 -19.77
N LEU A 197 -19.15 -42.10 -20.87
CA LEU A 197 -19.91 -42.63 -21.99
C LEU A 197 -19.11 -43.74 -22.65
N GLY A 198 -17.95 -43.37 -23.20
CA GLY A 198 -17.02 -44.25 -23.87
C GLY A 198 -17.23 -44.17 -25.36
N ILE A 199 -16.48 -43.32 -26.05
CA ILE A 199 -16.69 -43.11 -27.48
C ILE A 199 -15.36 -42.84 -28.16
N GLY A 200 -14.90 -43.77 -29.00
CA GLY A 200 -13.77 -43.56 -29.87
C GLY A 200 -12.50 -43.16 -29.14
N PRO A 201 -11.45 -42.90 -29.92
CA PRO A 201 -10.23 -42.29 -29.37
C PRO A 201 -10.35 -40.77 -29.33
N VAL A 202 -10.38 -40.22 -28.12
CA VAL A 202 -10.49 -38.78 -27.94
C VAL A 202 -9.11 -38.16 -28.07
N ARG A 203 -8.97 -37.24 -29.04
CA ARG A 203 -7.68 -36.62 -29.35
C ARG A 203 -7.85 -35.10 -29.32
N CYS A 204 -7.39 -34.47 -28.24
CA CYS A 204 -7.57 -33.04 -28.05
C CYS A 204 -6.73 -32.27 -29.07
N LEU A 205 -7.39 -31.49 -29.91
CA LEU A 205 -6.70 -30.79 -31.00
C LEU A 205 -5.61 -29.85 -30.52
N PRO A 206 -5.81 -29.00 -29.50
CA PRO A 206 -4.68 -28.17 -29.03
C PRO A 206 -3.58 -29.05 -28.47
N ALA A 207 -2.46 -29.13 -29.19
CA ALA A 207 -1.34 -29.98 -28.78
C ALA A 207 -0.44 -29.16 -27.87
N HIS A 208 -0.74 -29.23 -26.57
CA HIS A 208 0.02 -28.50 -25.56
C HIS A 208 1.48 -28.94 -25.57
N HIS A 209 1.71 -30.19 -25.95
CA HIS A 209 3.05 -30.73 -26.13
C HIS A 209 2.95 -31.92 -27.08
N ALA A 210 4.06 -32.63 -27.25
CA ALA A 210 4.07 -33.79 -28.13
C ALA A 210 3.46 -35.03 -27.49
N ALA A 211 3.36 -35.06 -26.15
CA ALA A 211 2.83 -36.24 -25.47
C ALA A 211 1.35 -36.46 -25.81
N GLU A 212 0.63 -35.39 -26.08
CA GLU A 212 -0.78 -35.49 -26.45
C GLU A 212 -1.00 -34.92 -27.84
N ALA A 213 -0.16 -35.34 -28.78
CA ALA A 213 -0.34 -34.98 -30.18
C ALA A 213 -1.38 -35.89 -30.80
N PRO A 214 -2.45 -35.37 -31.38
CA PRO A 214 -3.50 -36.20 -31.98
C PRO A 214 -3.09 -36.77 -33.33
N GLY A 215 -4.03 -37.50 -33.92
CA GLY A 215 -3.89 -37.94 -35.29
C GLY A 215 -5.13 -37.63 -36.12
N VAL A 216 -4.97 -36.79 -37.13
CA VAL A 216 -6.08 -36.44 -38.01
C VAL A 216 -5.90 -37.17 -39.33
N GLY A 217 -7.00 -37.26 -40.07
CA GLY A 217 -7.00 -37.98 -41.34
C GLY A 217 -8.33 -37.94 -42.04
N PRO A 218 -8.45 -38.69 -43.13
CA PRO A 218 -9.70 -38.67 -43.91
C PRO A 218 -10.92 -39.17 -43.16
N ASN A 219 -10.75 -40.08 -42.19
CA ASN A 219 -11.87 -40.63 -41.44
C ASN A 219 -12.10 -39.93 -40.10
N THR A 220 -11.34 -38.87 -39.81
CA THR A 220 -11.49 -38.16 -38.56
C THR A 220 -12.66 -37.18 -38.65
N VAL A 221 -12.85 -36.38 -37.59
CA VAL A 221 -13.90 -35.36 -37.54
C VAL A 221 -13.36 -34.14 -36.79
N PHE A 222 -13.71 -32.94 -37.26
CA PHE A 222 -13.36 -31.72 -36.53
C PHE A 222 -14.51 -31.36 -35.61
N ALA A 223 -14.53 -32.00 -34.45
CA ALA A 223 -15.59 -31.76 -33.47
C ALA A 223 -15.38 -30.40 -32.82
N LEU A 224 -15.73 -29.34 -33.55
CA LEU A 224 -15.48 -27.98 -33.08
C LEU A 224 -16.24 -27.70 -31.80
N VAL A 225 -15.65 -26.85 -30.97
CA VAL A 225 -16.20 -26.52 -29.68
C VAL A 225 -16.53 -25.04 -29.56
N GLN A 226 -15.88 -24.17 -30.33
CA GLN A 226 -15.92 -22.74 -30.15
C GLN A 226 -16.23 -22.04 -31.46
N PRO A 227 -17.26 -21.18 -31.49
CA PRO A 227 -17.80 -20.70 -32.77
C PRO A 227 -16.80 -19.94 -33.62
N PHE A 228 -15.88 -19.22 -32.99
CA PHE A 228 -14.90 -18.45 -33.75
C PHE A 228 -13.91 -19.33 -34.49
N LEU A 229 -13.98 -20.65 -34.30
CA LEU A 229 -13.11 -21.60 -34.99
C LEU A 229 -13.58 -21.80 -36.44
N GLY A 230 -13.65 -20.68 -37.17
CA GLY A 230 -14.11 -20.68 -38.53
C GLY A 230 -13.09 -21.04 -39.58
N ASP A 231 -11.80 -21.02 -39.25
CA ASP A 231 -10.76 -21.38 -40.20
C ASP A 231 -10.17 -22.76 -39.95
N THR A 232 -10.14 -23.23 -38.69
CA THR A 232 -9.68 -24.59 -38.44
C THR A 232 -10.66 -25.61 -38.99
N HIS A 233 -11.96 -25.27 -39.04
CA HIS A 233 -12.92 -26.14 -39.70
C HIS A 233 -12.55 -26.34 -41.16
N GLY A 234 -12.28 -25.25 -41.88
CA GLY A 234 -11.89 -25.37 -43.28
C GLY A 234 -10.55 -26.08 -43.44
N ALA A 235 -9.61 -25.81 -42.54
CA ALA A 235 -8.30 -26.42 -42.66
C ALA A 235 -8.36 -27.92 -42.48
N LEU A 236 -9.07 -28.38 -41.45
CA LEU A 236 -9.04 -29.81 -41.19
C LEU A 236 -10.13 -30.49 -42.02
N THR A 237 -10.95 -29.69 -42.73
CA THR A 237 -11.67 -30.16 -43.91
C THR A 237 -10.71 -30.47 -45.05
N ARG A 238 -9.79 -29.55 -45.33
CA ARG A 238 -8.71 -29.83 -46.28
C ARG A 238 -7.92 -31.07 -45.87
N ARG A 239 -7.86 -31.35 -44.57
CA ARG A 239 -7.38 -32.65 -44.11
C ARG A 239 -8.29 -33.79 -44.57
N GLY A 240 -9.56 -33.53 -44.86
CA GLY A 240 -10.46 -34.53 -45.39
C GLY A 240 -11.46 -35.10 -44.41
N ALA A 241 -11.54 -34.55 -43.20
CA ALA A 241 -12.38 -35.09 -42.14
C ALA A 241 -13.82 -34.58 -42.28
N ARG A 242 -14.61 -34.76 -41.21
CA ARG A 242 -16.05 -34.54 -41.22
C ARG A 242 -16.45 -33.63 -40.06
N HIS A 243 -17.63 -33.03 -40.15
CA HIS A 243 -18.14 -32.17 -39.09
C HIS A 243 -19.26 -32.87 -38.34
N ILE A 244 -19.23 -32.74 -37.02
CA ILE A 244 -20.39 -33.06 -36.20
C ILE A 244 -21.32 -31.85 -36.31
N ALA A 245 -22.31 -31.95 -37.19
CA ALA A 245 -23.20 -30.82 -37.45
C ALA A 245 -24.11 -30.59 -36.26
N ALA A 246 -23.69 -29.73 -35.36
CA ALA A 246 -24.37 -29.57 -34.08
C ALA A 246 -24.06 -28.19 -33.53
N PRO A 247 -24.91 -27.65 -32.65
CA PRO A 247 -24.63 -26.34 -32.06
C PRO A 247 -23.34 -26.35 -31.26
N PHE A 248 -22.67 -25.21 -31.25
CA PHE A 248 -21.41 -25.08 -30.54
C PHE A 248 -21.62 -25.27 -29.05
N PRO A 249 -20.85 -26.13 -28.39
CA PRO A 249 -21.15 -26.48 -27.00
C PRO A 249 -20.88 -25.34 -26.02
N PHE A 250 -21.94 -24.69 -25.58
CA PHE A 250 -21.86 -23.56 -24.65
C PHE A 250 -22.97 -23.61 -23.61
N GLY A 251 -23.30 -24.79 -23.12
CA GLY A 251 -24.32 -24.86 -22.09
C GLY A 251 -24.95 -26.24 -22.05
N GLU A 252 -26.12 -26.30 -21.41
CA GLU A 252 -26.83 -27.56 -21.30
C GLU A 252 -27.16 -28.12 -22.69
N GLU A 253 -28.00 -27.41 -23.44
CA GLU A 253 -28.50 -27.98 -24.69
C GLU A 253 -27.52 -27.82 -25.84
N GLY A 254 -26.72 -26.75 -25.86
CA GLY A 254 -25.72 -26.62 -26.91
C GLY A 254 -24.73 -27.76 -26.88
N THR A 255 -24.12 -28.00 -25.71
CA THR A 255 -23.21 -29.13 -25.58
C THR A 255 -23.97 -30.46 -25.66
N THR A 256 -25.22 -30.47 -25.20
CA THR A 256 -26.04 -31.68 -25.33
C THR A 256 -26.13 -32.11 -26.78
N LEU A 257 -26.49 -31.19 -27.67
CA LEU A 257 -26.63 -31.54 -29.07
C LEU A 257 -25.28 -31.76 -29.73
N TRP A 258 -24.24 -31.02 -29.31
CA TRP A 258 -22.89 -31.27 -29.84
C TRP A 258 -22.46 -32.70 -29.55
N LEU A 259 -22.55 -33.11 -28.29
CA LEU A 259 -22.17 -34.45 -27.87
C LEU A 259 -23.08 -35.53 -28.46
N LYS A 260 -24.39 -35.28 -28.48
CA LYS A 260 -25.32 -36.25 -29.03
C LYS A 260 -25.03 -36.49 -30.51
N ALA A 261 -24.84 -35.42 -31.27
CA ALA A 261 -24.50 -35.56 -32.68
C ALA A 261 -23.15 -36.25 -32.85
N ILE A 262 -22.18 -35.97 -31.97
CA ILE A 262 -20.89 -36.67 -32.05
C ILE A 262 -21.10 -38.17 -31.95
N ALA A 263 -21.81 -38.60 -30.92
CA ALA A 263 -21.97 -40.04 -30.71
C ALA A 263 -22.80 -40.67 -31.82
N ASP A 264 -23.81 -39.95 -32.32
CA ASP A 264 -24.55 -40.45 -33.47
C ASP A 264 -23.68 -40.53 -34.72
N GLU A 265 -22.63 -39.69 -34.82
CA GLU A 265 -21.66 -39.89 -35.88
C GLU A 265 -20.77 -41.10 -35.59
N PHE A 266 -20.67 -41.51 -34.33
CA PHE A 266 -19.95 -42.74 -34.02
C PHE A 266 -20.87 -43.92 -33.72
N GLY A 267 -22.12 -43.69 -33.37
CA GLY A 267 -23.09 -44.76 -33.23
C GLY A 267 -23.36 -45.24 -31.83
N VAL A 268 -23.22 -44.39 -30.81
CA VAL A 268 -23.30 -44.83 -29.44
C VAL A 268 -24.74 -44.79 -28.95
N SER A 269 -25.12 -45.83 -28.20
CA SER A 269 -26.51 -45.99 -27.78
C SER A 269 -26.92 -44.86 -26.84
N ALA A 270 -28.21 -44.47 -26.93
CA ALA A 270 -28.74 -43.44 -26.05
C ALA A 270 -28.93 -43.93 -24.62
N GLU A 271 -28.82 -45.23 -24.39
CA GLU A 271 -28.94 -45.75 -23.03
C GLU A 271 -27.86 -45.17 -22.14
N THR A 272 -26.60 -45.25 -22.57
CA THR A 272 -25.51 -44.63 -21.83
C THR A 272 -25.68 -43.12 -21.79
N PHE A 273 -26.11 -42.52 -22.91
CA PHE A 273 -26.44 -41.10 -22.96
C PHE A 273 -27.22 -40.67 -21.74
N GLU A 274 -28.41 -41.25 -21.55
CA GLU A 274 -29.26 -40.79 -20.47
C GLU A 274 -29.00 -41.48 -19.14
N ALA A 275 -28.11 -42.48 -19.10
CA ALA A 275 -27.75 -43.13 -17.85
C ALA A 275 -26.51 -42.53 -17.20
N VAL A 276 -25.72 -41.76 -17.93
CA VAL A 276 -24.47 -41.24 -17.36
C VAL A 276 -24.54 -39.72 -17.23
N THR A 277 -25.70 -39.13 -17.49
CA THR A 277 -25.83 -37.69 -17.54
C THR A 277 -26.77 -37.16 -16.47
N ALA A 278 -26.61 -37.66 -15.24
CA ALA A 278 -27.30 -37.07 -14.10
C ALA A 278 -26.48 -35.95 -13.47
N ALA A 279 -25.19 -36.18 -13.25
CA ALA A 279 -24.32 -35.14 -12.73
C ALA A 279 -23.92 -34.16 -13.82
N PRO A 280 -23.41 -34.60 -14.99
CA PRO A 280 -23.04 -33.61 -16.01
C PRO A 280 -24.21 -32.77 -16.53
N ARG A 281 -25.21 -33.39 -17.17
CA ARG A 281 -26.22 -32.61 -17.91
C ARG A 281 -27.27 -31.97 -17.01
N ALA A 282 -27.87 -32.75 -16.12
CA ALA A 282 -28.94 -32.23 -15.28
C ALA A 282 -28.41 -31.10 -14.41
N ARG A 283 -27.22 -31.30 -13.83
CA ARG A 283 -26.62 -30.23 -13.04
C ARG A 283 -26.10 -29.09 -13.91
N ALA A 284 -25.74 -29.36 -15.18
CA ALA A 284 -25.38 -28.26 -16.07
C ALA A 284 -26.56 -27.34 -16.29
N ARG A 285 -27.73 -27.89 -16.64
CA ARG A 285 -28.91 -27.05 -16.83
C ARG A 285 -29.32 -26.40 -15.52
N LYS A 286 -29.23 -27.14 -14.41
CA LYS A 286 -29.57 -26.55 -13.12
C LYS A 286 -28.68 -25.35 -12.80
N ALA A 287 -27.38 -25.48 -13.01
CA ALA A 287 -26.47 -24.38 -12.71
C ALA A 287 -26.67 -23.22 -13.67
N VAL A 288 -26.93 -23.49 -14.95
CA VAL A 288 -27.15 -22.42 -15.91
C VAL A 288 -28.41 -21.64 -15.57
N ALA A 289 -29.48 -22.35 -15.19
CA ALA A 289 -30.75 -21.69 -14.91
C ALA A 289 -30.92 -21.38 -13.43
N ALA A 290 -29.83 -21.52 -12.66
CA ALA A 290 -29.81 -21.13 -11.26
C ALA A 290 -29.62 -19.64 -11.06
N ALA A 291 -29.52 -18.86 -12.13
CA ALA A 291 -29.47 -17.41 -12.04
C ALA A 291 -30.90 -16.91 -12.00
N SER A 292 -31.44 -16.78 -10.77
CA SER A 292 -32.84 -16.39 -10.61
C SER A 292 -33.12 -15.03 -11.23
N GLU A 293 -32.32 -14.02 -10.87
CA GLU A 293 -32.38 -12.75 -11.59
C GLU A 293 -31.82 -12.94 -12.99
N GLY A 294 -30.54 -13.29 -13.08
CA GLY A 294 -29.89 -13.60 -14.33
C GLY A 294 -30.23 -12.64 -15.44
N LEU A 295 -30.83 -13.16 -16.51
CA LEU A 295 -31.30 -12.34 -17.60
C LEU A 295 -32.64 -12.84 -18.10
N ARG A 296 -33.49 -13.28 -17.17
CA ARG A 296 -34.78 -13.87 -17.50
C ARG A 296 -35.73 -12.77 -17.96
N GLY A 297 -35.94 -12.67 -19.26
CA GLY A 297 -36.83 -11.69 -19.84
C GLY A 297 -36.18 -10.37 -20.20
N LYS A 298 -34.92 -10.15 -19.82
CA LYS A 298 -34.23 -8.93 -20.19
C LYS A 298 -33.65 -9.06 -21.61
N SER A 299 -32.93 -8.04 -22.04
CA SER A 299 -32.44 -7.94 -23.40
C SER A 299 -30.92 -7.99 -23.42
N VAL A 300 -30.38 -8.33 -24.59
CA VAL A 300 -28.95 -8.21 -24.87
C VAL A 300 -28.80 -7.59 -26.24
N PHE A 301 -27.83 -6.72 -26.39
CA PHE A 301 -27.51 -6.11 -27.68
C PHE A 301 -26.05 -6.43 -27.95
N PHE A 302 -25.81 -7.50 -28.70
CA PHE A 302 -24.44 -7.98 -28.92
C PHE A 302 -23.73 -7.11 -29.93
N LEU A 303 -22.75 -6.35 -29.47
CA LEU A 303 -21.78 -5.74 -30.36
C LEU A 303 -20.84 -6.82 -30.87
N PRO A 304 -20.08 -6.56 -31.93
CA PRO A 304 -19.07 -7.54 -32.35
C PRO A 304 -18.03 -7.72 -31.27
N ASP A 305 -18.03 -8.87 -30.58
CA ASP A 305 -17.07 -9.11 -29.52
C ASP A 305 -16.23 -10.36 -29.77
N SER A 306 -16.84 -11.53 -29.97
CA SER A 306 -16.04 -12.75 -29.96
C SER A 306 -16.49 -13.82 -30.95
N GLN A 307 -17.21 -13.45 -32.03
CA GLN A 307 -17.79 -14.43 -32.95
C GLN A 307 -18.62 -15.48 -32.20
N LEU A 308 -19.07 -15.09 -31.01
CA LEU A 308 -19.60 -16.01 -30.02
C LEU A 308 -20.99 -15.61 -29.53
N GLU A 309 -21.48 -14.46 -30.00
CA GLU A 309 -22.83 -13.99 -29.69
C GLU A 309 -23.94 -14.91 -30.21
N PRO A 310 -23.92 -15.37 -31.47
CA PRO A 310 -25.03 -16.23 -31.93
C PRO A 310 -25.17 -17.49 -31.09
N SER A 311 -24.05 -18.03 -30.61
CA SER A 311 -24.11 -19.20 -29.73
C SER A 311 -24.76 -18.83 -28.39
N LEU A 312 -24.37 -17.70 -27.81
CA LEU A 312 -24.91 -17.31 -26.50
C LEU A 312 -26.41 -17.08 -26.56
N ALA A 313 -26.88 -16.43 -27.63
CA ALA A 313 -28.25 -15.96 -27.65
C ALA A 313 -29.24 -17.09 -27.49
N ARG A 314 -28.98 -18.23 -28.14
CA ARG A 314 -29.95 -19.32 -28.13
C ARG A 314 -30.13 -19.91 -26.72
N PHE A 315 -29.04 -20.20 -26.02
CA PHE A 315 -29.20 -20.84 -24.72
C PHE A 315 -29.43 -19.84 -23.60
N LEU A 316 -29.19 -18.54 -23.84
CA LEU A 316 -29.70 -17.54 -22.92
C LEU A 316 -31.19 -17.32 -23.12
N THR A 317 -31.68 -17.55 -24.34
CA THR A 317 -33.10 -17.40 -24.65
C THR A 317 -33.91 -18.56 -24.09
N ARG A 318 -33.51 -19.79 -24.43
CA ARG A 318 -34.31 -20.95 -24.05
C ARG A 318 -34.16 -21.28 -22.58
N GLU A 319 -32.93 -21.26 -22.07
CA GLU A 319 -32.69 -21.70 -20.70
C GLU A 319 -32.72 -20.53 -19.71
N CYS A 320 -31.98 -19.47 -20.00
CA CYS A 320 -31.94 -18.31 -19.13
C CYS A 320 -33.02 -17.28 -19.46
N GLY A 321 -33.85 -17.54 -20.46
CA GLY A 321 -34.97 -16.67 -20.77
C GLY A 321 -34.59 -15.32 -21.30
N MET A 322 -33.87 -15.28 -22.42
CA MET A 322 -33.42 -14.02 -22.99
C MET A 322 -34.38 -13.52 -24.05
N SER A 323 -34.50 -12.19 -24.13
CA SER A 323 -35.20 -11.59 -25.26
C SER A 323 -34.34 -11.65 -26.51
N ALA A 324 -33.04 -11.42 -26.38
CA ALA A 324 -32.09 -11.49 -27.48
C ALA A 324 -32.52 -10.58 -28.64
N VAL A 325 -32.56 -9.28 -28.35
CA VAL A 325 -32.96 -8.31 -29.36
C VAL A 325 -31.97 -8.30 -30.52
N GLU A 326 -30.68 -8.38 -30.22
CA GLU A 326 -29.65 -8.36 -31.24
C GLU A 326 -28.73 -9.56 -31.08
N VAL A 327 -28.22 -10.05 -32.21
CA VAL A 327 -27.26 -11.15 -32.22
C VAL A 327 -26.03 -10.72 -33.01
N GLY A 328 -25.75 -9.42 -33.00
CA GLY A 328 -24.66 -8.87 -33.78
C GLY A 328 -23.34 -9.58 -33.56
N THR A 329 -22.68 -9.95 -34.64
CA THR A 329 -21.49 -10.78 -34.60
C THR A 329 -20.43 -10.23 -35.55
N PRO A 330 -19.15 -10.45 -35.25
CA PRO A 330 -18.11 -10.06 -36.21
C PRO A 330 -18.24 -10.78 -37.54
N PHE A 331 -18.66 -12.05 -37.53
CA PHE A 331 -18.88 -12.82 -38.74
C PHE A 331 -19.69 -14.05 -38.37
N LEU A 332 -20.72 -14.35 -39.16
CA LEU A 332 -21.54 -15.53 -38.95
C LEU A 332 -21.20 -16.60 -39.98
N HIS A 333 -20.91 -17.81 -39.50
CA HIS A 333 -20.66 -18.94 -40.36
C HIS A 333 -21.94 -19.76 -40.48
N ARG A 334 -22.35 -20.03 -41.72
CA ARG A 334 -23.65 -20.66 -41.95
C ARG A 334 -23.72 -22.05 -41.33
N GLY A 335 -22.90 -22.98 -41.82
CA GLY A 335 -23.08 -24.37 -41.45
C GLY A 335 -22.74 -24.66 -40.00
N ILE A 336 -21.59 -24.18 -39.54
CA ILE A 336 -21.06 -24.63 -38.26
C ILE A 336 -21.93 -24.14 -37.11
N LEU A 337 -22.43 -22.92 -37.20
CA LEU A 337 -23.45 -22.44 -36.28
C LEU A 337 -24.86 -22.71 -36.79
N GLY A 338 -25.01 -23.50 -37.85
CA GLY A 338 -26.29 -23.83 -38.42
C GLY A 338 -27.29 -24.36 -37.41
N PRO A 339 -27.00 -25.53 -36.85
CA PRO A 339 -27.85 -26.03 -35.76
C PRO A 339 -27.91 -25.09 -34.57
N ASP A 340 -26.80 -24.38 -34.30
CA ASP A 340 -26.81 -23.36 -33.26
C ASP A 340 -27.74 -22.22 -33.62
N LEU A 341 -27.78 -21.82 -34.89
CA LEU A 341 -28.71 -20.80 -35.35
C LEU A 341 -30.16 -21.27 -35.33
N ASP A 342 -30.39 -22.58 -35.53
CA ASP A 342 -31.76 -23.09 -35.56
C ASP A 342 -32.46 -22.89 -34.23
N LEU A 343 -31.74 -23.11 -33.12
CA LEU A 343 -32.30 -22.88 -31.80
C LEU A 343 -32.36 -21.40 -31.44
N LEU A 344 -31.74 -20.55 -32.27
CA LEU A 344 -31.79 -19.11 -32.08
C LEU A 344 -33.06 -18.55 -32.73
N ALA A 345 -33.65 -17.54 -32.10
CA ALA A 345 -34.85 -16.93 -32.64
C ALA A 345 -34.53 -16.13 -33.91
N GLU A 346 -35.55 -15.97 -34.75
CA GLU A 346 -35.41 -15.24 -36.00
C GLU A 346 -35.50 -13.73 -35.83
N GLY A 347 -35.96 -13.25 -34.67
CA GLY A 347 -36.12 -11.84 -34.42
C GLY A 347 -34.84 -11.06 -34.57
N PRO A 348 -33.83 -11.36 -33.75
CA PRO A 348 -32.53 -10.68 -33.88
C PRO A 348 -31.89 -10.98 -35.22
N VAL A 349 -31.11 -10.02 -35.71
CA VAL A 349 -30.52 -10.08 -37.04
C VAL A 349 -29.01 -10.16 -36.91
N LEU A 350 -28.40 -11.05 -37.72
CA LEU A 350 -26.96 -11.28 -37.70
C LEU A 350 -26.26 -10.22 -38.56
N SER A 351 -26.27 -8.99 -38.04
CA SER A 351 -25.66 -7.88 -38.76
C SER A 351 -24.14 -8.00 -38.72
N GLU A 352 -23.52 -7.87 -39.90
CA GLU A 352 -22.07 -8.01 -40.05
C GLU A 352 -21.47 -6.67 -40.48
N GLY A 353 -20.17 -6.53 -40.21
CA GLY A 353 -19.49 -5.26 -40.46
C GLY A 353 -20.12 -4.16 -39.63
N GLN A 354 -20.60 -4.55 -38.45
CA GLN A 354 -21.46 -3.69 -37.65
C GLN A 354 -20.75 -2.42 -37.21
N ASP A 355 -21.30 -1.28 -37.61
CA ASP A 355 -20.80 0.02 -37.19
C ASP A 355 -21.28 0.29 -35.78
N VAL A 356 -20.34 0.49 -34.86
CA VAL A 356 -20.69 0.56 -33.44
C VAL A 356 -21.56 1.76 -33.14
N GLU A 357 -21.42 2.86 -33.89
CA GLU A 357 -22.15 4.08 -33.56
C GLU A 357 -23.67 3.89 -33.69
N ARG A 358 -24.11 3.41 -34.86
CA ARG A 358 -25.51 3.06 -35.02
C ARG A 358 -25.93 2.06 -33.97
N GLN A 359 -25.00 1.22 -33.51
CA GLN A 359 -25.34 0.22 -32.51
C GLN A 359 -25.59 0.86 -31.16
N LEU A 360 -24.80 1.88 -30.79
CA LEU A 360 -25.12 2.66 -29.60
C LEU A 360 -26.47 3.34 -29.74
N ASP A 361 -26.78 3.85 -30.94
CA ASP A 361 -28.11 4.44 -31.14
C ASP A 361 -29.20 3.40 -30.88
N ARG A 362 -28.99 2.18 -31.35
CA ARG A 362 -30.00 1.12 -31.16
C ARG A 362 -30.11 0.71 -29.69
N VAL A 363 -28.99 0.65 -28.97
CA VAL A 363 -29.05 0.39 -27.53
C VAL A 363 -29.81 1.51 -26.83
N ARG A 364 -29.50 2.76 -27.17
CA ARG A 364 -30.17 3.88 -26.52
C ARG A 364 -31.67 3.89 -26.81
N ALA A 365 -32.06 3.45 -28.00
CA ALA A 365 -33.48 3.33 -28.31
C ALA A 365 -34.14 2.16 -27.56
N ALA A 366 -33.48 1.00 -27.55
CA ALA A 366 -34.09 -0.21 -27.01
C ALA A 366 -34.10 -0.23 -25.48
N ARG A 367 -33.15 0.45 -24.85
CA ARG A 367 -32.99 0.41 -23.39
C ARG A 367 -32.87 -1.02 -22.88
N PRO A 368 -31.85 -1.78 -23.30
CA PRO A 368 -31.72 -3.17 -22.85
C PRO A 368 -31.27 -3.25 -21.40
N ASP A 369 -31.03 -4.47 -20.93
CA ASP A 369 -30.39 -4.66 -19.63
C ASP A 369 -28.98 -5.22 -19.79
N LEU A 370 -28.52 -5.44 -21.02
CA LEU A 370 -27.19 -5.91 -21.40
C LEU A 370 -26.74 -5.41 -22.77
N THR A 371 -25.46 -5.08 -22.89
CA THR A 371 -24.88 -4.56 -24.12
C THR A 371 -23.50 -5.17 -24.37
N VAL A 372 -23.41 -6.51 -24.34
CA VAL A 372 -22.16 -7.21 -24.60
C VAL A 372 -21.45 -6.63 -25.82
N CYS A 373 -20.13 -6.40 -25.67
CA CYS A 373 -19.33 -5.74 -26.70
C CYS A 373 -17.86 -6.11 -26.50
N GLY A 374 -17.01 -5.59 -27.39
CA GLY A 374 -15.57 -5.63 -27.15
C GLY A 374 -15.13 -4.68 -26.05
N LEU A 375 -15.89 -3.62 -25.85
CA LEU A 375 -16.06 -2.92 -24.57
C LEU A 375 -14.76 -2.34 -24.01
N GLY A 376 -14.23 -1.37 -24.75
CA GLY A 376 -13.74 -0.15 -24.18
C GLY A 376 -14.85 0.85 -24.00
N LEU A 377 -16.08 0.45 -24.35
CA LEU A 377 -17.33 1.16 -24.11
C LEU A 377 -18.22 0.38 -23.15
N ALA A 378 -17.62 -0.29 -22.18
CA ALA A 378 -18.39 -0.92 -21.10
C ALA A 378 -18.70 0.11 -20.01
N ASN A 379 -17.66 0.66 -19.41
CA ASN A 379 -17.83 1.81 -18.51
C ASN A 379 -18.53 2.98 -19.20
N PRO A 380 -18.19 3.35 -20.43
CA PRO A 380 -18.99 4.38 -21.13
C PRO A 380 -20.46 4.03 -21.26
N LEU A 381 -20.80 2.76 -21.50
CA LEU A 381 -22.19 2.38 -21.57
C LEU A 381 -22.81 2.09 -20.20
N GLU A 382 -21.99 1.91 -19.17
CA GLU A 382 -22.49 1.88 -17.81
C GLU A 382 -22.79 3.27 -17.28
N ALA A 383 -22.12 4.29 -17.79
CA ALA A 383 -22.42 5.67 -17.42
C ALA A 383 -23.80 6.12 -17.84
N GLU A 384 -24.27 5.70 -19.01
CA GLU A 384 -25.63 5.99 -19.47
C GLU A 384 -26.68 5.08 -18.86
N GLY A 385 -26.35 4.38 -17.78
CA GLY A 385 -27.29 3.53 -17.07
C GLY A 385 -27.37 2.10 -17.57
N PHE A 386 -27.11 1.88 -18.86
CA PHE A 386 -27.18 0.54 -19.43
C PHE A 386 -26.20 -0.38 -18.72
N THR A 387 -26.67 -1.58 -18.35
CA THR A 387 -25.78 -2.58 -17.80
C THR A 387 -24.95 -3.19 -18.92
N THR A 388 -23.70 -3.55 -18.60
CA THR A 388 -22.79 -4.10 -19.58
C THR A 388 -22.04 -5.28 -18.99
N LYS A 389 -21.71 -6.24 -19.85
CA LYS A 389 -20.98 -7.45 -19.47
C LYS A 389 -19.86 -7.68 -20.47
N TRP A 390 -18.74 -8.21 -19.96
CA TRP A 390 -17.56 -8.37 -20.77
CA TRP A 390 -17.47 -8.38 -20.68
C TRP A 390 -17.39 -9.81 -21.20
N ALA A 391 -17.44 -10.01 -22.53
CA ALA A 391 -17.30 -11.33 -23.11
C ALA A 391 -15.84 -11.76 -23.25
N ILE A 392 -14.90 -10.85 -23.00
CA ILE A 392 -13.48 -11.21 -23.04
C ILE A 392 -13.16 -12.16 -21.89
N GLU A 393 -13.58 -11.82 -20.68
CA GLU A 393 -13.46 -12.73 -19.55
C GLU A 393 -14.17 -14.04 -19.83
N LEU A 394 -15.27 -13.98 -20.59
CA LEU A 394 -15.99 -15.19 -20.96
C LEU A 394 -15.13 -16.09 -21.82
N VAL A 395 -14.48 -15.52 -22.85
CA VAL A 395 -13.61 -16.30 -23.71
C VAL A 395 -12.42 -16.84 -22.91
N PHE A 396 -12.01 -16.11 -21.88
CA PHE A 396 -10.95 -16.54 -20.99
C PHE A 396 -11.43 -17.57 -19.97
N THR A 397 -12.54 -17.29 -19.30
CA THR A 397 -13.01 -18.18 -18.25
C THR A 397 -13.46 -19.51 -18.85
N PRO A 398 -13.21 -20.64 -18.17
CA PRO A 398 -13.83 -21.90 -18.60
C PRO A 398 -15.33 -21.79 -18.62
N VAL A 399 -15.93 -21.85 -19.81
CA VAL A 399 -17.35 -21.59 -19.97
C VAL A 399 -17.98 -22.71 -20.78
N HIS A 400 -17.21 -23.76 -21.06
CA HIS A 400 -17.66 -24.70 -22.05
C HIS A 400 -18.28 -25.95 -21.42
N PHE A 401 -18.87 -26.77 -22.28
CA PHE A 401 -19.39 -28.09 -21.93
C PHE A 401 -20.40 -27.93 -20.80
N TYR A 402 -20.30 -28.70 -19.71
CA TYR A 402 -21.41 -28.91 -18.80
C TYR A 402 -21.17 -28.27 -17.43
N GLU A 403 -20.07 -28.62 -16.77
CA GLU A 403 -19.83 -28.16 -15.42
C GLU A 403 -19.43 -26.69 -15.34
N GLN A 404 -18.94 -26.11 -16.44
CA GLN A 404 -18.45 -24.74 -16.41
C GLN A 404 -19.28 -23.77 -17.25
N ALA A 405 -20.36 -24.24 -17.87
CA ALA A 405 -21.32 -23.33 -18.48
C ALA A 405 -22.36 -22.86 -17.47
N GLY A 406 -22.52 -23.62 -16.38
CA GLY A 406 -23.36 -23.20 -15.29
C GLY A 406 -22.90 -21.86 -14.76
N ASP A 407 -21.58 -21.69 -14.68
CA ASP A 407 -21.04 -20.39 -14.29
C ASP A 407 -20.82 -19.46 -15.46
N LEU A 408 -20.90 -19.95 -16.71
CA LEU A 408 -21.11 -19.05 -17.84
C LEU A 408 -22.37 -18.21 -17.66
N ALA A 409 -23.46 -18.87 -17.28
CA ALA A 409 -24.71 -18.18 -17.03
C ALA A 409 -24.57 -17.19 -15.87
N GLY A 410 -23.93 -17.60 -14.78
CA GLY A 410 -23.70 -16.70 -13.67
C GLY A 410 -22.76 -15.55 -14.01
N LEU A 411 -21.81 -15.79 -14.90
CA LEU A 411 -20.91 -14.76 -15.38
C LEU A 411 -21.69 -13.69 -16.14
N PHE A 412 -22.64 -14.11 -16.97
CA PHE A 412 -23.54 -13.12 -17.55
C PHE A 412 -24.40 -12.44 -16.49
N SER A 413 -24.82 -13.19 -15.47
CA SER A 413 -25.76 -12.65 -14.49
C SER A 413 -25.14 -11.57 -13.62
N ARG A 414 -23.86 -11.73 -13.26
CA ARG A 414 -23.27 -10.87 -12.23
C ARG A 414 -23.33 -9.38 -12.55
N PRO A 415 -23.06 -8.90 -13.78
CA PRO A 415 -23.25 -7.46 -14.04
C PRO A 415 -24.68 -6.99 -13.81
N VAL A 416 -25.68 -7.85 -14.02
CA VAL A 416 -27.05 -7.45 -13.73
C VAL A 416 -27.21 -7.13 -12.26
N ARG A 417 -26.67 -8.00 -11.38
CA ARG A 417 -26.69 -7.71 -9.96
C ARG A 417 -25.85 -6.49 -9.60
N ARG A 418 -24.77 -6.24 -10.36
CA ARG A 418 -23.98 -5.04 -10.15
C ARG A 418 -24.82 -3.79 -10.39
N ARG A 419 -25.57 -3.78 -11.48
CA ARG A 419 -26.49 -2.66 -11.73
C ARG A 419 -27.57 -2.59 -10.66
N ALA A 420 -28.07 -3.74 -10.21
CA ALA A 420 -29.13 -3.76 -9.21
C ALA A 420 -28.67 -3.11 -7.91
N ILE A 421 -27.44 -3.41 -7.48
CA ILE A 421 -26.96 -2.84 -6.22
C ILE A 421 -26.42 -1.43 -6.44
N LEU A 422 -26.00 -1.09 -7.65
CA LEU A 422 -25.41 0.22 -7.93
C LEU A 422 -26.41 1.22 -8.48
N ARG A 423 -27.01 0.89 -9.63
CA ARG A 423 -27.91 1.79 -10.34
C ARG A 423 -27.21 3.09 -10.71
N MET B 1 14.35 -4.64 -33.75
CA MET B 1 13.42 -5.76 -33.59
C MET B 1 13.69 -6.54 -32.32
N LYS B 2 14.14 -5.84 -31.28
CA LYS B 2 14.52 -6.51 -30.04
C LYS B 2 13.29 -7.02 -29.29
N LEU B 3 13.51 -8.02 -28.45
CA LEU B 3 12.46 -8.65 -27.68
C LEU B 3 12.03 -7.77 -26.51
N THR B 4 11.41 -6.63 -26.81
CA THR B 4 10.96 -5.73 -25.74
C THR B 4 9.66 -6.24 -25.16
N LEU B 5 9.76 -7.14 -24.20
CA LEU B 5 8.57 -7.75 -23.60
C LEU B 5 7.76 -6.75 -22.79
N TRP B 6 8.29 -5.57 -22.51
CA TRP B 6 7.59 -4.53 -21.78
C TRP B 6 8.07 -3.19 -22.31
N THR B 7 7.18 -2.41 -22.93
CA THR B 7 7.52 -1.04 -23.27
C THR B 7 7.26 -0.14 -22.07
N TYR B 8 8.11 0.87 -21.90
CA TYR B 8 8.00 1.70 -20.70
C TYR B 8 6.85 2.68 -20.82
N GLU B 9 6.80 3.44 -21.89
CA GLU B 9 5.65 4.27 -22.20
C GLU B 9 5.01 3.77 -23.49
N GLY B 10 3.69 3.76 -23.52
CA GLY B 10 2.95 3.20 -24.63
C GLY B 10 3.18 3.95 -25.93
N PRO B 11 2.43 3.59 -26.97
CA PRO B 11 2.57 4.30 -28.23
C PRO B 11 2.20 5.77 -28.05
N PRO B 12 2.88 6.67 -28.75
CA PRO B 12 2.65 8.10 -28.50
C PRO B 12 1.25 8.54 -28.82
N HIS B 13 0.49 7.77 -29.61
CA HIS B 13 -0.91 8.11 -29.83
C HIS B 13 -1.72 8.00 -28.55
N VAL B 14 -1.36 7.08 -27.66
CA VAL B 14 -2.02 7.00 -26.35
C VAL B 14 -1.78 8.29 -25.57
N GLY B 15 -0.54 8.77 -25.57
CA GLY B 15 -0.25 10.05 -24.95
C GLY B 15 -1.02 11.19 -25.59
N ALA B 16 -1.17 11.14 -26.91
CA ALA B 16 -1.97 12.13 -27.61
C ALA B 16 -3.42 12.10 -27.12
N MET B 17 -3.98 10.91 -26.93
CA MET B 17 -5.35 10.83 -26.44
C MET B 17 -5.45 11.23 -24.98
N ARG B 18 -4.34 11.19 -24.23
CA ARG B 18 -4.36 11.73 -22.88
C ARG B 18 -4.71 13.21 -22.88
N VAL B 19 -4.16 13.97 -23.84
CA VAL B 19 -4.55 15.36 -24.01
C VAL B 19 -6.01 15.44 -24.47
N ALA B 20 -6.38 14.57 -25.41
CA ALA B 20 -7.72 14.61 -26.02
C ALA B 20 -8.81 14.51 -24.97
N THR B 21 -8.86 13.38 -24.28
CA THR B 21 -9.88 13.11 -23.29
C THR B 21 -9.74 13.94 -22.05
N GLY B 22 -8.74 14.81 -21.97
CA GLY B 22 -8.63 15.71 -20.85
C GLY B 22 -9.55 16.89 -20.99
N MET B 23 -9.65 17.44 -22.19
CA MET B 23 -10.46 18.63 -22.44
C MET B 23 -11.88 18.24 -22.81
N THR B 24 -12.85 18.85 -22.14
CA THR B 24 -14.24 18.70 -22.53
C THR B 24 -14.48 19.41 -23.86
N GLY B 25 -15.24 18.77 -24.74
CA GLY B 25 -15.57 19.35 -26.02
C GLY B 25 -14.50 19.17 -27.08
N MET B 26 -13.50 18.34 -26.84
CA MET B 26 -12.44 18.10 -27.81
C MET B 26 -12.44 16.62 -28.15
N HIS B 27 -12.64 16.30 -29.43
CA HIS B 27 -12.85 14.93 -29.88
C HIS B 27 -11.68 14.49 -30.74
N TYR B 28 -11.11 13.33 -30.41
CA TYR B 28 -9.92 12.81 -31.10
C TYR B 28 -10.32 11.66 -32.02
N VAL B 29 -10.76 12.00 -33.22
CA VAL B 29 -10.98 10.96 -34.21
C VAL B 29 -9.64 10.37 -34.61
N LEU B 30 -9.52 9.05 -34.48
CA LEU B 30 -8.27 8.33 -34.67
C LEU B 30 -8.45 7.31 -35.78
N HIS B 31 -7.44 7.18 -36.64
CA HIS B 31 -7.54 6.28 -37.78
C HIS B 31 -6.81 4.97 -37.46
N ALA B 32 -7.23 4.37 -36.33
CA ALA B 32 -6.71 3.19 -35.67
C ALA B 32 -7.40 1.93 -36.22
N PRO B 33 -6.64 0.91 -36.72
CA PRO B 33 -7.22 -0.36 -37.16
C PRO B 33 -7.98 -1.02 -36.02
N GLN B 34 -9.07 -1.72 -36.34
CA GLN B 34 -9.93 -2.28 -35.27
C GLN B 34 -9.06 -3.01 -34.26
N GLY B 35 -9.32 -2.81 -33.00
CA GLY B 35 -8.48 -3.44 -31.99
C GLY B 35 -7.57 -2.41 -31.38
N ASP B 36 -7.07 -1.46 -32.18
CA ASP B 36 -6.21 -0.44 -31.49
C ASP B 36 -7.06 0.28 -30.44
N THR B 37 -8.36 -0.03 -30.38
CA THR B 37 -9.26 0.64 -29.43
C THR B 37 -9.02 0.10 -28.01
N TYR B 38 -7.95 -0.65 -27.78
CA TYR B 38 -7.73 -1.03 -26.37
C TYR B 38 -7.55 0.24 -25.57
N ALA B 39 -6.91 1.24 -26.18
CA ALA B 39 -6.63 2.47 -25.47
C ALA B 39 -7.90 3.10 -24.91
N ASP B 40 -9.04 2.85 -25.53
CA ASP B 40 -10.30 3.21 -24.88
C ASP B 40 -10.45 2.49 -23.55
N LEU B 41 -10.07 1.21 -23.50
CA LEU B 41 -10.07 0.52 -22.21
C LEU B 41 -9.04 1.13 -21.27
N LEU B 42 -7.90 1.55 -21.81
CA LEU B 42 -6.93 2.26 -20.97
C LEU B 42 -7.60 3.43 -20.27
N PHE B 43 -8.30 4.28 -21.02
CA PHE B 43 -8.86 5.50 -20.46
C PHE B 43 -10.11 5.29 -19.62
N THR B 44 -10.96 4.31 -19.94
CA THR B 44 -12.13 4.04 -19.13
C THR B 44 -11.89 3.00 -18.05
N MET B 45 -10.70 2.42 -17.98
CA MET B 45 -10.50 1.26 -17.14
C MET B 45 -9.27 1.35 -16.26
N ILE B 46 -8.22 2.04 -16.69
CA ILE B 46 -7.11 2.42 -15.83
C ILE B 46 -7.45 3.70 -15.08
N GLU B 47 -7.77 4.75 -15.82
CA GLU B 47 -8.15 6.04 -15.26
C GLU B 47 -9.64 6.14 -14.94
N ARG B 48 -10.45 5.20 -15.44
CA ARG B 48 -11.85 5.05 -15.06
C ARG B 48 -12.66 6.34 -15.24
N ARG B 49 -12.86 6.73 -16.49
CA ARG B 49 -13.72 7.87 -16.81
C ARG B 49 -15.12 7.38 -17.18
N GLY B 50 -16.15 8.08 -16.70
CA GLY B 50 -17.52 7.71 -17.06
C GLY B 50 -17.92 8.29 -18.40
N LYS B 51 -17.06 8.15 -19.40
CA LYS B 51 -17.44 8.61 -20.76
C LYS B 51 -16.47 8.01 -21.76
N ARG B 52 -17.02 7.43 -22.83
CA ARG B 52 -16.16 6.82 -23.88
C ARG B 52 -15.01 7.79 -24.09
N PRO B 53 -13.74 7.37 -23.97
CA PRO B 53 -12.63 8.27 -24.07
C PRO B 53 -13.07 8.78 -25.42
N PRO B 54 -13.43 10.06 -25.56
CA PRO B 54 -14.03 10.47 -26.81
C PRO B 54 -12.89 10.49 -27.82
N VAL B 55 -12.52 9.29 -28.28
CA VAL B 55 -11.50 9.09 -29.33
C VAL B 55 -12.21 8.17 -30.31
N SER B 56 -12.90 8.71 -31.31
CA SER B 56 -13.74 7.93 -32.20
C SER B 56 -12.86 7.34 -33.28
N TYR B 57 -12.49 6.08 -33.12
CA TYR B 57 -11.62 5.42 -34.09
C TYR B 57 -12.38 5.15 -35.38
N THR B 58 -11.66 4.60 -36.36
CA THR B 58 -12.28 4.12 -37.59
C THR B 58 -12.35 2.61 -37.66
N THR B 59 -11.38 1.91 -37.06
CA THR B 59 -11.37 0.46 -36.95
C THR B 59 -11.54 -0.22 -38.29
N PHE B 60 -10.81 0.25 -39.30
CA PHE B 60 -10.87 -0.34 -40.62
C PHE B 60 -10.29 -1.76 -40.61
N GLN B 61 -10.87 -2.62 -41.43
CA GLN B 61 -10.55 -4.03 -41.48
C GLN B 61 -9.82 -4.34 -42.79
N ALA B 62 -9.56 -5.63 -43.04
CA ALA B 62 -8.97 -6.03 -44.31
C ALA B 62 -9.85 -5.66 -45.49
N ARG B 63 -11.18 -5.70 -45.29
CA ARG B 63 -12.08 -5.22 -46.32
C ARG B 63 -11.89 -3.74 -46.59
N ASP B 64 -11.46 -2.98 -45.58
CA ASP B 64 -11.23 -1.54 -45.71
C ASP B 64 -9.73 -1.28 -45.86
N LEU B 65 -9.22 -1.54 -47.05
CA LEU B 65 -7.84 -1.21 -47.41
C LEU B 65 -7.85 -0.22 -48.58
N GLY B 66 -6.66 0.15 -49.04
CA GLY B 66 -6.55 1.14 -50.09
C GLY B 66 -7.06 2.48 -49.61
N SER B 67 -8.00 3.06 -50.38
CA SER B 67 -8.64 4.31 -49.99
C SER B 67 -9.89 4.08 -49.15
N ASP B 68 -10.32 2.83 -48.97
CA ASP B 68 -11.47 2.55 -48.13
C ASP B 68 -11.24 2.99 -46.69
N THR B 69 -10.01 2.83 -46.19
CA THR B 69 -9.72 3.25 -44.83
C THR B 69 -9.78 4.76 -44.69
N ALA B 70 -9.33 5.50 -45.71
CA ALA B 70 -9.49 6.95 -45.70
C ALA B 70 -10.96 7.34 -45.74
N GLU B 71 -11.77 6.62 -46.52
CA GLU B 71 -13.20 6.88 -46.54
C GLU B 71 -13.82 6.62 -45.17
N LEU B 72 -13.35 5.57 -44.49
CA LEU B 72 -13.83 5.30 -43.13
C LEU B 72 -13.41 6.40 -42.18
N PHE B 73 -12.21 6.96 -42.34
CA PHE B 73 -11.82 8.08 -41.50
C PHE B 73 -12.72 9.28 -41.73
N GLN B 74 -13.01 9.59 -42.99
CA GLN B 74 -13.96 10.66 -43.31
C GLN B 74 -15.29 10.41 -42.63
N SER B 75 -15.80 9.19 -42.75
CA SER B 75 -17.09 8.85 -42.17
C SER B 75 -17.07 8.99 -40.66
N ALA B 76 -16.01 8.50 -40.01
CA ALA B 76 -15.92 8.56 -38.56
C ALA B 76 -15.85 10.00 -38.07
N CYS B 77 -15.05 10.83 -38.73
CA CYS B 77 -14.97 12.23 -38.35
C CYS B 77 -16.32 12.92 -38.52
N ARG B 78 -17.01 12.65 -39.63
CA ARG B 78 -18.30 13.27 -39.86
C ARG B 78 -19.33 12.80 -38.83
N ASP B 79 -19.35 11.51 -38.52
CA ASP B 79 -20.28 11.01 -37.50
C ASP B 79 -19.98 11.61 -36.14
N ALA B 80 -18.69 11.76 -35.81
CA ALA B 80 -18.34 12.41 -34.55
C ALA B 80 -18.86 13.83 -34.51
N TYR B 81 -18.68 14.58 -35.60
CA TYR B 81 -19.11 15.97 -35.62
C TYR B 81 -20.63 16.10 -35.54
N GLU B 82 -21.37 15.25 -36.24
CA GLU B 82 -22.82 15.32 -36.19
C GLU B 82 -23.43 14.52 -35.05
N ARG B 83 -22.61 13.88 -34.22
CA ARG B 83 -23.08 13.08 -33.11
C ARG B 83 -22.80 13.74 -31.76
N PHE B 84 -21.54 14.06 -31.48
CA PHE B 84 -21.20 14.73 -30.23
C PHE B 84 -21.11 16.24 -30.36
N GLN B 85 -20.98 16.75 -31.59
CA GLN B 85 -20.84 18.16 -31.88
C GLN B 85 -19.73 18.78 -31.04
N PRO B 86 -18.47 18.42 -31.28
CA PRO B 86 -17.38 19.00 -30.50
C PRO B 86 -17.13 20.45 -30.90
N GLN B 87 -16.54 21.19 -29.96
CA GLN B 87 -16.19 22.58 -30.20
C GLN B 87 -14.87 22.74 -30.93
N ALA B 88 -14.09 21.66 -31.06
CA ALA B 88 -12.86 21.67 -31.85
C ALA B 88 -12.48 20.23 -32.12
N ILE B 89 -12.36 19.86 -33.39
CA ILE B 89 -12.02 18.49 -33.73
C ILE B 89 -10.51 18.31 -33.65
N MET B 90 -10.11 17.08 -33.35
CA MET B 90 -8.72 16.75 -33.01
C MET B 90 -8.40 15.42 -33.69
N VAL B 91 -7.49 15.44 -34.65
CA VAL B 91 -7.29 14.29 -35.52
C VAL B 91 -5.86 13.79 -35.36
N GLY B 92 -5.68 12.51 -35.67
CA GLY B 92 -4.37 11.89 -35.56
C GLY B 92 -4.45 10.45 -36.00
N SER B 93 -3.30 9.78 -35.92
CA SER B 93 -3.20 8.42 -36.44
C SER B 93 -2.66 7.45 -35.40
N SER B 94 -2.44 6.21 -35.81
CA SER B 94 -1.83 5.19 -34.97
C SER B 94 -0.60 4.65 -35.68
N CYS B 95 0.03 3.61 -35.12
CA CYS B 95 1.22 3.04 -35.75
C CYS B 95 0.88 2.47 -37.13
N THR B 96 -0.15 1.61 -37.18
CA THR B 96 -0.54 1.00 -38.45
C THR B 96 -1.07 2.05 -39.41
N ALA B 97 -1.73 3.10 -38.91
CA ALA B 97 -2.16 4.18 -39.77
C ALA B 97 -0.97 4.86 -40.43
N GLU B 98 0.12 5.08 -39.67
CA GLU B 98 1.35 5.56 -40.28
C GLU B 98 1.86 4.56 -41.30
N LEU B 99 1.71 3.26 -41.03
CA LEU B 99 2.15 2.25 -41.98
C LEU B 99 1.31 2.23 -43.25
N ILE B 100 0.06 2.74 -43.18
CA ILE B 100 -0.74 2.84 -44.40
C ILE B 100 -0.50 4.17 -45.09
N GLN B 101 0.21 5.09 -44.43
CA GLN B 101 0.34 6.48 -44.87
C GLN B 101 -1.06 7.10 -44.99
N ASP B 102 -1.74 7.07 -43.85
CA ASP B 102 -3.17 7.27 -43.81
C ASP B 102 -3.56 8.74 -43.89
N ASP B 103 -2.67 9.66 -43.51
CA ASP B 103 -2.84 11.09 -43.72
C ASP B 103 -4.14 11.62 -43.11
N THR B 104 -4.23 11.49 -41.79
CA THR B 104 -5.42 11.96 -41.07
C THR B 104 -5.55 13.47 -41.07
N GLY B 105 -4.52 14.19 -41.48
CA GLY B 105 -4.58 15.64 -41.52
C GLY B 105 -5.41 16.18 -42.67
N GLY B 106 -5.00 15.86 -43.90
CA GLY B 106 -5.67 16.42 -45.06
C GLY B 106 -7.13 16.01 -45.17
N LEU B 107 -7.44 14.78 -44.75
CA LEU B 107 -8.82 14.30 -44.83
C LEU B 107 -9.75 15.17 -43.98
N ALA B 108 -9.49 15.24 -42.68
CA ALA B 108 -10.33 16.05 -41.81
C ALA B 108 -10.17 17.54 -42.06
N ASP B 109 -9.09 17.96 -42.72
CA ASP B 109 -8.99 19.35 -43.15
C ASP B 109 -9.96 19.65 -44.29
N ALA B 110 -10.06 18.74 -45.25
CA ALA B 110 -10.99 18.89 -46.37
C ALA B 110 -12.42 18.60 -45.97
N LEU B 111 -12.65 17.96 -44.82
CA LEU B 111 -14.02 17.79 -44.33
C LEU B 111 -14.69 19.14 -44.12
N SER B 112 -13.92 20.15 -43.75
CA SER B 112 -14.38 21.54 -43.67
C SER B 112 -15.47 21.73 -42.61
N LEU B 113 -15.35 21.02 -41.50
CA LEU B 113 -16.21 21.29 -40.37
C LEU B 113 -15.76 22.58 -39.69
N PRO B 114 -16.70 23.45 -39.29
CA PRO B 114 -16.34 24.80 -38.82
C PRO B 114 -15.42 24.81 -37.61
N VAL B 115 -15.51 23.83 -36.72
CA VAL B 115 -14.74 23.84 -35.48
C VAL B 115 -13.26 23.64 -35.79
N PRO B 116 -12.35 24.11 -34.93
CA PRO B 116 -10.92 23.98 -35.25
C PRO B 116 -10.50 22.54 -35.41
N VAL B 117 -9.62 22.30 -36.39
CA VAL B 117 -9.06 20.98 -36.65
C VAL B 117 -7.57 21.05 -36.35
N VAL B 118 -7.12 20.27 -35.38
CA VAL B 118 -5.71 20.19 -35.02
C VAL B 118 -5.18 18.85 -35.50
N HIS B 119 -3.91 18.83 -35.90
CA HIS B 119 -3.27 17.60 -36.34
C HIS B 119 -2.32 17.10 -35.27
N LEU B 120 -2.13 15.79 -35.24
CA LEU B 120 -1.30 15.12 -34.24
C LEU B 120 -0.32 14.19 -34.92
N GLU B 121 0.22 14.59 -36.05
CA GLU B 121 1.11 13.72 -36.82
C GLU B 121 2.46 13.69 -36.12
N LEU B 122 2.57 12.75 -35.18
CA LEU B 122 3.73 12.51 -34.34
C LEU B 122 4.32 11.13 -34.61
N PRO B 123 5.64 11.00 -34.61
CA PRO B 123 6.25 9.68 -34.79
C PRO B 123 5.86 8.73 -33.67
N SER B 124 5.65 7.46 -34.04
CA SER B 124 5.27 6.43 -33.08
C SER B 124 6.32 5.34 -32.92
N TYR B 125 7.22 5.18 -33.88
CA TYR B 125 8.29 4.19 -33.78
C TYR B 125 9.57 4.77 -33.19
N GLN B 126 9.62 6.09 -32.97
CA GLN B 126 10.76 6.75 -32.38
C GLN B 126 10.44 7.35 -31.01
N ARG B 127 9.18 7.63 -30.72
CA ARG B 127 8.81 8.32 -29.49
C ARG B 127 7.93 7.44 -28.61
N LYS B 128 7.39 8.01 -27.55
CA LYS B 128 6.58 7.25 -26.59
C LYS B 128 5.44 8.13 -26.09
N GLU B 129 4.77 7.66 -25.03
CA GLU B 129 3.52 8.26 -24.58
C GLU B 129 3.71 9.72 -24.17
N ASN B 130 4.75 10.00 -23.38
CA ASN B 130 4.93 11.33 -22.82
C ASN B 130 5.16 12.36 -23.91
N PHE B 131 5.97 12.03 -24.93
CA PHE B 131 6.15 12.95 -26.05
C PHE B 131 4.84 13.17 -26.78
N GLY B 132 4.05 12.12 -26.96
CA GLY B 132 2.77 12.29 -27.62
C GLY B 132 1.89 13.30 -26.88
N ALA B 133 1.80 13.15 -25.56
CA ALA B 133 1.00 14.08 -24.77
C ALA B 133 1.54 15.51 -24.87
N ASP B 134 2.86 15.66 -24.72
CA ASP B 134 3.45 17.00 -24.75
C ASP B 134 3.26 17.67 -26.09
N GLU B 135 3.56 16.96 -27.19
CA GLU B 135 3.42 17.53 -28.51
C GLU B 135 1.96 17.84 -28.83
N SER B 136 1.05 16.96 -28.44
CA SER B 136 -0.37 17.20 -28.72
C SER B 136 -0.86 18.44 -27.99
N PHE B 137 -0.52 18.57 -26.70
CA PHE B 137 -0.96 19.75 -25.95
C PHE B 137 -0.32 21.03 -26.47
N LEU B 138 0.96 20.96 -26.83
CA LEU B 138 1.62 22.13 -27.41
C LEU B 138 0.95 22.56 -28.71
N GLN B 139 0.62 21.59 -29.58
CA GLN B 139 -0.08 21.93 -30.81
C GLN B 139 -1.47 22.48 -30.54
N ILE B 140 -2.13 21.99 -29.49
CA ILE B 140 -3.44 22.50 -29.11
C ILE B 140 -3.33 23.99 -28.80
N CYS B 141 -2.37 24.33 -27.93
CA CYS B 141 -2.17 25.74 -27.58
C CYS B 141 -1.75 26.54 -28.81
N ARG B 142 -0.93 25.94 -29.68
CA ARG B 142 -0.44 26.66 -30.86
C ARG B 142 -1.59 27.05 -31.78
N LYS B 143 -2.57 26.16 -31.96
CA LYS B 143 -3.68 26.50 -32.85
C LYS B 143 -4.68 27.41 -32.15
N LEU B 144 -5.12 27.06 -30.94
CA LEU B 144 -6.20 27.82 -30.32
C LEU B 144 -5.70 29.03 -29.57
N ALA B 145 -4.80 28.84 -28.61
CA ALA B 145 -4.35 29.94 -27.77
C ALA B 145 -3.68 31.02 -28.60
N ARG B 146 -4.06 32.28 -28.33
CA ARG B 146 -3.52 33.43 -29.02
C ARG B 146 -3.16 34.51 -28.02
N PRO B 147 -2.15 35.32 -28.31
CA PRO B 147 -1.79 36.42 -27.40
C PRO B 147 -2.90 37.45 -27.35
N MET B 148 -3.46 37.65 -26.17
CA MET B 148 -4.54 38.60 -25.95
C MET B 148 -4.24 39.41 -24.70
N GLU B 149 -5.17 40.30 -24.36
CA GLU B 149 -4.97 41.18 -23.21
C GLU B 149 -4.90 40.36 -21.93
N ARG B 150 -3.93 40.70 -21.08
CA ARG B 150 -3.74 39.99 -19.83
C ARG B 150 -4.91 40.26 -18.88
N THR B 151 -5.11 39.33 -17.96
CA THR B 151 -6.13 39.52 -16.93
C THR B 151 -5.79 40.73 -16.08
N GLU B 152 -6.83 41.43 -15.62
CA GLU B 152 -6.62 42.60 -14.76
C GLU B 152 -5.88 42.19 -13.48
N LYS B 153 -6.15 41.00 -12.99
CA LYS B 153 -5.36 40.42 -11.91
C LYS B 153 -4.28 39.51 -12.50
N VAL B 154 -3.33 39.12 -11.65
CA VAL B 154 -2.27 38.22 -12.10
C VAL B 154 -2.86 36.82 -12.27
N SER B 155 -2.48 36.16 -13.36
CA SER B 155 -2.99 34.83 -13.66
C SER B 155 -1.84 33.90 -14.05
N CYS B 156 -2.08 32.60 -13.87
CA CYS B 156 -1.02 31.61 -13.73
C CYS B 156 -1.34 30.29 -14.44
N ASN B 157 -1.72 30.35 -15.73
CA ASN B 157 -2.15 29.17 -16.47
C ASN B 157 -1.27 27.96 -16.16
N LEU B 158 -1.89 26.91 -15.64
CA LEU B 158 -1.16 25.67 -15.41
C LEU B 158 -0.89 24.97 -16.74
N LEU B 159 0.31 24.42 -16.88
CA LEU B 159 0.73 23.79 -18.12
C LEU B 159 1.32 22.43 -17.81
N GLY B 160 0.84 21.40 -18.49
CA GLY B 160 1.41 20.09 -18.34
C GLY B 160 0.47 18.97 -17.94
N PRO B 161 -0.44 19.21 -16.97
CA PRO B 161 -1.30 18.09 -16.52
C PRO B 161 -2.19 17.55 -17.62
N THR B 162 -1.86 16.36 -18.11
CA THR B 162 -2.72 15.65 -19.03
C THR B 162 -3.64 14.73 -18.24
N ALA B 163 -4.60 14.14 -18.94
CA ALA B 163 -5.62 13.36 -18.25
C ALA B 163 -5.06 12.06 -17.69
N LEU B 164 -4.60 11.17 -18.56
CA LEU B 164 -3.98 9.92 -18.12
C LEU B 164 -2.53 10.21 -17.77
N GLY B 165 -2.22 10.22 -16.49
CA GLY B 165 -0.87 10.50 -16.05
C GLY B 165 -0.74 10.23 -14.57
N PHE B 166 0.46 9.93 -14.09
CA PHE B 166 0.62 9.55 -12.70
C PHE B 166 0.37 10.78 -11.84
N ARG B 167 -0.84 10.88 -11.30
CA ARG B 167 -1.26 11.95 -10.40
C ARG B 167 -1.07 13.32 -11.04
N HIS B 168 -1.85 13.57 -12.11
CA HIS B 168 -2.00 14.92 -12.62
C HIS B 168 -3.21 15.62 -12.04
N ARG B 169 -4.28 14.86 -11.81
CA ARG B 169 -5.54 15.42 -11.33
C ARG B 169 -5.37 16.10 -9.98
N ASP B 170 -4.45 15.61 -9.15
CA ASP B 170 -4.29 16.16 -7.82
C ASP B 170 -3.22 17.23 -7.73
N ASP B 171 -2.15 17.16 -8.52
CA ASP B 171 -1.23 18.30 -8.53
C ASP B 171 -1.84 19.51 -9.20
N ILE B 172 -2.76 19.33 -10.15
CA ILE B 172 -3.44 20.50 -10.69
C ILE B 172 -4.19 21.23 -9.57
N LEU B 173 -4.84 20.47 -8.68
CA LEU B 173 -5.53 21.08 -7.54
C LEU B 173 -4.55 21.69 -6.55
N GLU B 174 -3.44 21.00 -6.25
CA GLU B 174 -2.49 21.51 -5.27
C GLU B 174 -1.87 22.81 -5.73
N VAL B 175 -1.47 22.88 -7.02
CA VAL B 175 -0.85 24.10 -7.53
C VAL B 175 -1.87 25.22 -7.66
N THR B 176 -3.12 24.88 -8.02
CA THR B 176 -4.18 25.87 -7.98
C THR B 176 -4.33 26.45 -6.58
N ARG B 177 -4.32 25.59 -5.56
CA ARG B 177 -4.43 26.06 -4.18
C ARG B 177 -3.26 26.97 -3.81
N LEU B 178 -2.04 26.57 -4.16
CA LEU B 178 -0.88 27.38 -3.84
C LEU B 178 -0.98 28.76 -4.49
N LEU B 179 -1.32 28.78 -5.78
CA LEU B 179 -1.38 30.05 -6.50
C LEU B 179 -2.51 30.95 -5.99
N GLU B 180 -3.65 30.35 -5.64
CA GLU B 180 -4.77 31.17 -5.17
C GLU B 180 -4.52 31.68 -3.76
N GLY B 181 -3.89 30.89 -2.90
CA GLY B 181 -3.57 31.37 -1.57
C GLY B 181 -2.51 32.44 -1.59
N MET B 182 -1.53 32.31 -2.48
CA MET B 182 -0.46 33.30 -2.56
C MET B 182 -0.96 34.62 -3.16
N GLY B 183 -1.93 34.56 -4.05
CA GLY B 183 -2.53 35.78 -4.56
C GLY B 183 -2.79 35.78 -6.06
N ILE B 184 -2.35 34.75 -6.75
CA ILE B 184 -2.51 34.67 -8.18
C ILE B 184 -3.76 33.87 -8.50
N ALA B 185 -4.38 34.16 -9.64
CA ALA B 185 -5.62 33.53 -10.05
C ALA B 185 -5.35 32.53 -11.16
N VAL B 186 -5.93 31.33 -11.02
CA VAL B 186 -5.74 30.28 -12.02
C VAL B 186 -6.64 30.54 -13.21
N ASN B 187 -6.09 31.19 -14.24
CA ASN B 187 -6.89 31.52 -15.42
C ASN B 187 -7.37 30.25 -16.13
N ALA B 188 -6.50 29.27 -16.27
CA ALA B 188 -6.86 28.01 -16.92
C ALA B 188 -6.00 26.88 -16.36
N VAL B 189 -6.47 25.66 -16.59
CA VAL B 189 -5.83 24.46 -16.04
C VAL B 189 -5.52 23.47 -17.16
N ALA B 190 -5.23 23.96 -18.35
CA ALA B 190 -5.03 23.11 -19.50
C ALA B 190 -3.85 22.17 -19.29
N PRO B 191 -3.86 20.99 -19.94
CA PRO B 191 -4.94 20.41 -20.76
C PRO B 191 -5.94 19.51 -20.03
N MET B 192 -5.84 19.31 -18.73
CA MET B 192 -6.79 18.46 -18.01
C MET B 192 -7.87 19.33 -17.39
N GLY B 193 -9.13 19.05 -17.73
CA GLY B 193 -10.24 19.86 -17.27
C GLY B 193 -10.48 21.11 -18.07
N ALA B 194 -9.71 21.35 -19.12
CA ALA B 194 -9.84 22.56 -19.91
C ALA B 194 -10.81 22.34 -21.07
N SER B 195 -10.82 23.27 -22.01
CA SER B 195 -11.66 23.19 -23.20
C SER B 195 -11.09 24.16 -24.23
N PRO B 196 -11.53 24.07 -25.49
CA PRO B 196 -11.05 25.03 -26.49
C PRO B 196 -11.20 26.49 -26.07
N ALA B 197 -12.30 26.84 -25.41
CA ALA B 197 -12.44 28.19 -24.88
C ALA B 197 -11.37 28.48 -23.83
N ASP B 198 -11.08 27.51 -22.96
CA ASP B 198 -10.00 27.71 -21.98
C ASP B 198 -8.64 27.80 -22.66
N ILE B 199 -8.41 27.02 -23.71
CA ILE B 199 -7.15 27.14 -24.45
C ILE B 199 -7.01 28.54 -25.02
N ALA B 200 -8.10 29.10 -25.55
CA ALA B 200 -8.06 30.49 -26.00
C ALA B 200 -7.80 31.44 -24.84
N ARG B 201 -8.42 31.17 -23.69
CA ARG B 201 -8.26 32.00 -22.49
C ARG B 201 -6.88 31.92 -21.87
N LEU B 202 -6.05 30.95 -22.30
CA LEU B 202 -4.70 30.85 -21.75
C LEU B 202 -3.91 32.15 -21.89
N GLY B 203 -4.25 32.99 -22.87
CA GLY B 203 -3.49 34.21 -23.08
C GLY B 203 -3.60 35.24 -21.97
N ALA B 204 -4.66 35.17 -21.17
CA ALA B 204 -4.91 36.19 -20.14
C ALA B 204 -4.24 35.77 -18.84
N ALA B 205 -2.96 36.10 -18.72
CA ALA B 205 -2.20 35.78 -17.52
C ALA B 205 -0.93 36.62 -17.49
N HIS B 206 -0.04 36.28 -16.55
CA HIS B 206 1.27 36.90 -16.45
C HIS B 206 2.42 35.91 -16.42
N PHE B 207 2.17 34.64 -16.09
CA PHE B 207 3.19 33.61 -16.18
C PHE B 207 2.49 32.27 -16.40
N ASN B 208 3.24 31.33 -16.98
CA ASN B 208 2.72 30.03 -17.41
C ASN B 208 3.39 28.95 -16.57
N VAL B 209 2.72 28.54 -15.49
CA VAL B 209 3.27 27.56 -14.56
C VAL B 209 3.61 26.26 -15.27
N LEU B 210 4.86 25.80 -15.14
CA LEU B 210 5.27 24.49 -15.64
C LEU B 210 5.22 23.47 -14.51
N LEU B 211 4.15 22.68 -14.52
CA LEU B 211 4.00 21.58 -13.58
C LEU B 211 4.78 20.36 -14.06
N TYR B 212 4.43 19.84 -15.22
CA TYR B 212 5.03 18.63 -15.76
C TYR B 212 5.89 19.00 -16.96
N PRO B 213 7.21 19.08 -16.81
CA PRO B 213 8.04 19.35 -17.99
C PRO B 213 7.90 18.29 -19.07
N GLU B 214 7.72 17.02 -18.69
CA GLU B 214 7.63 15.95 -19.68
C GLU B 214 6.44 16.15 -20.61
N THR B 215 5.31 16.58 -20.07
CA THR B 215 4.09 16.72 -20.84
C THR B 215 3.73 18.17 -21.17
N GLY B 216 4.48 19.15 -20.67
CA GLY B 216 4.13 20.53 -20.93
C GLY B 216 5.28 21.49 -21.12
N GLU B 217 6.52 20.98 -21.20
CA GLU B 217 7.68 21.85 -21.34
C GLU B 217 7.63 22.61 -22.65
N SER B 218 7.26 21.93 -23.74
CA SER B 218 7.12 22.60 -25.03
C SER B 218 6.07 23.69 -24.94
N ALA B 219 4.94 23.39 -24.29
CA ALA B 219 3.88 24.38 -24.15
C ALA B 219 4.37 25.60 -23.37
N ALA B 220 5.11 25.38 -22.29
CA ALA B 220 5.58 26.50 -21.47
C ALA B 220 6.60 27.35 -22.21
N ARG B 221 7.53 26.70 -22.90
CA ARG B 221 8.52 27.46 -23.67
C ARG B 221 7.83 28.26 -24.77
N TRP B 222 6.86 27.66 -25.46
CA TRP B 222 6.13 28.38 -26.49
C TRP B 222 5.33 29.53 -25.89
N ALA B 223 4.76 29.34 -24.71
CA ALA B 223 3.98 30.41 -24.08
C ALA B 223 4.87 31.57 -23.67
N GLU B 224 6.03 31.27 -23.08
CA GLU B 224 6.96 32.33 -22.71
C GLU B 224 7.50 33.03 -23.96
N LYS B 225 7.62 32.31 -25.07
CA LYS B 225 8.07 32.93 -26.31
C LYS B 225 7.00 33.77 -26.98
N THR B 226 5.73 33.37 -26.87
CA THR B 226 4.63 34.00 -27.59
C THR B 226 3.67 34.74 -26.68
N LEU B 227 3.14 34.07 -25.66
CA LEU B 227 2.20 34.72 -24.74
C LEU B 227 2.88 35.77 -23.86
N LYS B 228 4.21 35.85 -23.89
CA LYS B 228 4.97 36.80 -23.08
C LYS B 228 4.73 36.57 -21.59
N GLN B 229 4.83 35.30 -21.18
CA GLN B 229 4.64 34.93 -19.79
C GLN B 229 5.75 33.99 -19.36
N PRO B 230 6.66 34.42 -18.48
CA PRO B 230 7.80 33.57 -18.10
C PRO B 230 7.33 32.32 -17.38
N TYR B 231 7.64 31.17 -17.96
CA TYR B 231 7.27 29.90 -17.35
C TYR B 231 8.11 29.64 -16.12
N THR B 232 7.48 29.04 -15.10
CA THR B 232 8.19 28.75 -13.87
C THR B 232 9.08 27.53 -14.05
N LYS B 233 10.36 27.67 -13.69
CA LYS B 233 11.32 26.61 -13.95
C LYS B 233 11.18 25.47 -12.94
N THR B 234 11.38 25.76 -11.66
CA THR B 234 11.33 24.71 -10.65
C THR B 234 9.90 24.21 -10.47
N VAL B 235 9.72 22.90 -10.54
CA VAL B 235 8.41 22.29 -10.32
C VAL B 235 8.19 22.14 -8.82
N PRO B 236 6.95 22.21 -8.35
CA PRO B 236 6.71 22.14 -6.90
C PRO B 236 6.79 20.73 -6.32
N ILE B 237 7.80 19.95 -6.71
CA ILE B 237 7.95 18.59 -6.19
C ILE B 237 9.05 18.63 -5.11
N GLY B 238 8.65 18.48 -3.86
CA GLY B 238 9.61 18.52 -2.77
C GLY B 238 9.66 19.86 -2.08
N VAL B 239 9.96 19.86 -0.77
CA VAL B 239 9.86 21.08 0.02
C VAL B 239 10.79 22.15 -0.51
N GLY B 240 12.04 21.78 -0.81
CA GLY B 240 12.97 22.74 -1.38
C GLY B 240 12.49 23.29 -2.71
N ALA B 241 12.07 22.39 -3.60
CA ALA B 241 11.55 22.83 -4.89
C ALA B 241 10.19 23.51 -4.75
N THR B 242 9.40 23.15 -3.72
CA THR B 242 8.14 23.85 -3.48
C THR B 242 8.41 25.31 -3.10
N ARG B 243 9.36 25.53 -2.19
CA ARG B 243 9.73 26.89 -1.83
C ARG B 243 10.32 27.63 -3.02
N ASP B 244 11.14 26.95 -3.82
CA ASP B 244 11.71 27.58 -5.00
C ASP B 244 10.61 28.02 -5.97
N PHE B 245 9.62 27.16 -6.21
CA PHE B 245 8.51 27.50 -7.10
C PHE B 245 7.70 28.65 -6.52
N VAL B 246 7.43 28.61 -5.21
CA VAL B 246 6.66 29.66 -4.57
C VAL B 246 7.34 31.00 -4.73
N ALA B 247 8.64 31.05 -4.41
CA ALA B 247 9.39 32.30 -4.54
C ALA B 247 9.48 32.75 -6.00
N GLU B 248 9.68 31.79 -6.91
CA GLU B 248 9.80 32.12 -8.32
C GLU B 248 8.52 32.78 -8.83
N VAL B 249 7.37 32.16 -8.60
CA VAL B 249 6.12 32.73 -9.08
C VAL B 249 5.72 33.96 -8.29
N ALA B 250 6.14 34.09 -7.03
CA ALA B 250 5.92 35.34 -6.31
C ALA B 250 6.76 36.47 -6.89
N ALA B 251 7.88 36.14 -7.53
CA ALA B 251 8.65 37.13 -8.28
C ALA B 251 8.04 37.44 -9.64
N LEU B 252 7.58 36.42 -10.38
CA LEU B 252 6.95 36.68 -11.67
C LEU B 252 5.67 37.49 -11.51
N ALA B 253 4.87 37.19 -10.49
CA ALA B 253 3.63 37.92 -10.24
C ALA B 253 3.83 39.13 -9.35
N GLY B 254 4.96 39.26 -8.67
CA GLY B 254 5.19 40.38 -7.78
C GLY B 254 4.21 40.42 -6.62
N VAL B 255 3.99 39.27 -5.99
CA VAL B 255 3.02 39.15 -4.91
C VAL B 255 3.74 38.55 -3.70
N ALA B 256 3.18 38.80 -2.52
CA ALA B 256 3.76 38.27 -1.29
C ALA B 256 3.74 36.75 -1.31
N PRO B 257 4.84 36.09 -0.92
CA PRO B 257 4.88 34.62 -1.01
C PRO B 257 4.14 33.93 0.12
N VAL B 258 2.81 34.08 0.15
CA VAL B 258 2.01 33.36 1.13
C VAL B 258 1.87 31.90 0.70
N ALA B 259 2.31 31.00 1.56
CA ALA B 259 2.25 29.57 1.26
C ALA B 259 1.94 28.85 2.58
N ASP B 260 0.70 28.38 2.70
CA ASP B 260 0.23 27.74 3.92
C ASP B 260 1.11 26.55 4.28
N ASP B 261 1.82 26.66 5.40
CA ASP B 261 2.70 25.61 5.87
C ASP B 261 2.07 24.77 6.98
N SER B 262 0.81 25.00 7.31
CA SER B 262 0.13 24.16 8.30
C SER B 262 -0.09 22.75 7.75
N ARG B 263 0.06 22.56 6.44
CA ARG B 263 -0.16 21.25 5.83
C ARG B 263 1.13 20.45 5.72
N LEU B 264 2.24 21.13 5.45
CA LEU B 264 3.52 20.46 5.23
C LEU B 264 3.96 19.68 6.46
N ARG B 265 4.03 18.35 6.35
CA ARG B 265 4.53 17.51 7.42
C ARG B 265 5.74 16.69 7.01
N GLN B 266 6.17 16.76 5.74
CA GLN B 266 7.30 15.96 5.30
C GLN B 266 8.58 16.29 6.05
N PRO B 267 8.97 17.58 6.17
CA PRO B 267 10.22 17.86 6.89
C PRO B 267 10.22 17.36 8.32
N TRP B 268 9.10 17.49 9.03
CA TRP B 268 9.09 16.96 10.39
CA TRP B 268 9.05 16.97 10.40
C TRP B 268 9.01 15.45 10.41
N TRP B 269 8.17 14.87 9.54
CA TRP B 269 7.98 13.42 9.54
C TRP B 269 9.27 12.68 9.19
N SER B 270 10.15 13.32 8.41
CA SER B 270 11.41 12.70 8.05
C SER B 270 12.55 13.13 8.97
N ALA B 271 12.72 14.42 9.20
CA ALA B 271 13.79 14.93 10.06
C ALA B 271 13.43 14.71 11.54
N SER B 272 13.38 13.44 11.93
CA SER B 272 13.00 13.08 13.29
C SER B 272 13.75 11.81 13.68
N VAL B 273 13.32 11.20 14.78
CA VAL B 273 14.09 10.11 15.40
C VAL B 273 13.92 8.82 14.60
N ASP B 274 12.67 8.44 14.31
CA ASP B 274 12.44 7.22 13.53
C ASP B 274 13.05 7.32 12.15
N SER B 275 12.73 8.37 11.42
CA SER B 275 13.25 8.52 10.06
C SER B 275 14.66 9.08 10.12
N THR B 276 15.48 8.47 10.97
CA THR B 276 16.93 8.64 10.99
C THR B 276 17.66 7.40 10.49
N TYR B 277 17.02 6.23 10.60
CA TYR B 277 17.57 5.04 9.95
C TYR B 277 17.58 5.21 8.44
N LEU B 278 16.82 6.18 7.92
CA LEU B 278 16.91 6.51 6.50
C LEU B 278 18.34 6.90 6.13
N THR B 279 18.94 7.80 6.92
CA THR B 279 20.28 8.31 6.62
C THR B 279 21.28 7.17 6.48
N GLY B 280 21.81 6.97 5.27
CA GLY B 280 22.75 5.92 4.97
C GLY B 280 22.21 4.88 4.00
N LYS B 281 20.90 4.72 3.91
CA LYS B 281 20.33 3.77 2.97
C LYS B 281 20.69 4.16 1.55
N ARG B 282 21.11 3.17 0.76
CA ARG B 282 21.66 3.41 -0.57
C ARG B 282 20.57 3.25 -1.62
N VAL B 283 19.86 4.35 -1.86
CA VAL B 283 18.67 4.30 -2.71
C VAL B 283 19.07 4.38 -4.18
N PHE B 284 18.20 3.83 -5.04
CA PHE B 284 18.33 3.88 -6.49
C PHE B 284 17.06 4.49 -7.03
N LEU B 285 17.19 5.42 -7.98
CA LEU B 285 16.05 6.22 -8.42
C LEU B 285 15.95 6.19 -9.95
N PHE B 286 15.04 5.37 -10.46
CA PHE B 286 14.70 5.32 -11.87
C PHE B 286 13.31 5.92 -12.09
N GLY B 287 12.98 6.15 -13.35
CA GLY B 287 11.63 6.54 -13.69
C GLY B 287 11.48 7.85 -14.43
N ASP B 288 10.29 8.45 -14.33
CA ASP B 288 9.98 9.67 -15.04
C ASP B 288 10.96 10.77 -14.68
N ALA B 289 11.43 11.48 -15.71
CA ALA B 289 12.61 12.33 -15.55
C ALA B 289 12.41 13.37 -14.45
N THR B 290 11.33 14.16 -14.53
CA THR B 290 11.17 15.27 -13.60
C THR B 290 10.88 14.78 -12.19
N HIS B 291 9.98 13.80 -12.06
CA HIS B 291 9.62 13.30 -10.74
C HIS B 291 10.83 12.72 -10.04
N VAL B 292 11.64 11.94 -10.76
CA VAL B 292 12.82 11.34 -10.15
C VAL B 292 13.93 12.37 -9.94
N ILE B 293 14.02 13.39 -10.80
CA ILE B 293 14.99 14.46 -10.60
C ILE B 293 14.74 15.16 -9.27
N ALA B 294 13.49 15.57 -9.05
CA ALA B 294 13.18 16.22 -7.77
C ALA B 294 13.12 15.22 -6.62
N ALA B 295 12.89 13.94 -6.93
CA ALA B 295 12.93 12.90 -5.92
C ALA B 295 14.33 12.74 -5.36
N ALA B 296 15.34 12.92 -6.20
CA ALA B 296 16.72 12.90 -5.69
C ALA B 296 16.94 14.00 -4.66
N ARG B 297 16.45 15.20 -4.94
CA ARG B 297 16.58 16.31 -3.99
C ARG B 297 15.87 15.98 -2.68
N VAL B 298 14.63 15.49 -2.78
CA VAL B 298 13.89 15.15 -1.56
C VAL B 298 14.63 14.08 -0.78
N ALA B 299 15.06 13.01 -1.47
CA ALA B 299 15.69 11.88 -0.81
C ALA B 299 16.97 12.28 -0.08
N ARG B 300 17.81 13.07 -0.73
CA ARG B 300 19.05 13.47 -0.07
C ARG B 300 18.78 14.51 1.01
N ASP B 301 18.27 15.68 0.62
CA ASP B 301 18.22 16.80 1.54
C ASP B 301 17.19 16.58 2.65
N GLU B 302 15.97 16.18 2.29
CA GLU B 302 14.86 16.19 3.23
C GLU B 302 14.48 14.81 3.73
N MET B 303 15.14 13.75 3.26
CA MET B 303 14.83 12.40 3.69
C MET B 303 16.02 11.71 4.34
N GLY B 304 17.19 11.78 3.72
CA GLY B 304 18.39 11.31 4.38
C GLY B 304 19.15 10.21 3.68
N PHE B 305 18.45 9.24 3.09
CA PHE B 305 19.15 8.08 2.54
C PHE B 305 19.98 8.46 1.32
N GLU B 306 21.19 7.90 1.27
CA GLU B 306 22.17 8.23 0.26
C GLU B 306 21.76 7.62 -1.10
N VAL B 307 22.04 8.37 -2.15
CA VAL B 307 21.62 8.01 -3.51
C VAL B 307 22.77 7.32 -4.21
N VAL B 308 22.52 6.12 -4.73
CA VAL B 308 23.44 5.40 -5.59
C VAL B 308 22.67 5.03 -6.85
N GLY B 309 23.07 5.60 -7.97
CA GLY B 309 22.51 5.20 -9.24
C GLY B 309 21.18 5.89 -9.45
N MET B 310 21.06 6.73 -10.48
CA MET B 310 19.74 7.31 -10.79
C MET B 310 19.66 7.51 -12.29
N GLY B 311 18.99 6.58 -12.97
CA GLY B 311 18.69 6.71 -14.37
C GLY B 311 17.27 7.18 -14.61
N CYS B 312 16.94 7.32 -15.90
CA CYS B 312 15.60 7.74 -16.30
C CYS B 312 15.40 7.37 -17.76
N TYR B 313 14.26 6.74 -18.05
CA TYR B 313 14.02 6.30 -19.43
C TYR B 313 13.71 7.47 -20.36
N ASN B 314 13.29 8.60 -19.82
CA ASN B 314 13.04 9.77 -20.65
C ASN B 314 14.35 10.27 -21.25
N ARG B 315 14.42 10.32 -22.58
CA ARG B 315 15.65 10.69 -23.26
C ARG B 315 15.72 12.18 -23.56
N GLU B 316 14.59 12.80 -23.90
CA GLU B 316 14.58 14.23 -24.18
C GLU B 316 14.84 15.06 -22.93
N PHE B 317 14.66 14.47 -21.74
CA PHE B 317 14.99 15.12 -20.48
C PHE B 317 16.16 14.42 -19.80
N ALA B 318 17.10 13.93 -20.61
CA ALA B 318 18.27 13.25 -20.07
C ALA B 318 19.14 14.20 -19.27
N ARG B 319 19.51 15.33 -19.87
CA ARG B 319 20.50 16.21 -19.26
C ARG B 319 20.15 16.69 -17.86
N PRO B 320 18.92 17.10 -17.54
CA PRO B 320 18.62 17.43 -16.14
C PRO B 320 18.86 16.28 -15.19
N MET B 321 18.58 15.04 -15.59
CA MET B 321 18.93 13.90 -14.73
C MET B 321 20.44 13.73 -14.61
N ARG B 322 21.19 13.91 -15.70
CA ARG B 322 22.64 13.85 -15.57
C ARG B 322 23.15 14.91 -14.61
N ALA B 323 22.54 16.10 -14.62
CA ALA B 323 22.94 17.16 -13.71
C ALA B 323 22.60 16.81 -12.26
N ALA B 324 21.39 16.28 -12.03
CA ALA B 324 20.99 15.91 -10.68
C ALA B 324 21.86 14.77 -10.15
N ALA B 325 22.34 13.91 -11.05
CA ALA B 325 23.26 12.85 -10.64
C ALA B 325 24.64 13.40 -10.33
N LYS B 326 25.15 14.28 -11.19
CA LYS B 326 26.49 14.83 -11.02
C LYS B 326 26.56 15.78 -9.85
N GLY B 327 25.43 16.31 -9.40
CA GLY B 327 25.43 17.08 -8.17
C GLY B 327 25.89 16.26 -6.97
N TYR B 328 25.47 15.00 -6.92
CA TYR B 328 25.96 14.06 -5.91
C TYR B 328 27.09 13.19 -6.41
N GLY B 329 27.55 13.39 -7.65
CA GLY B 329 28.61 12.59 -8.21
C GLY B 329 28.15 11.24 -8.68
N LEU B 330 27.09 11.20 -9.47
CA LEU B 330 26.46 9.97 -9.92
C LEU B 330 26.26 10.03 -11.44
N GLU B 331 25.87 8.90 -12.01
CA GLU B 331 25.64 8.77 -13.44
C GLU B 331 24.14 8.67 -13.72
N ALA B 332 23.81 8.66 -15.01
CA ALA B 332 22.41 8.64 -15.47
C ALA B 332 22.23 7.51 -16.46
N LEU B 333 21.34 6.57 -16.14
CA LEU B 333 20.94 5.50 -17.05
C LEU B 333 19.80 6.02 -17.93
N VAL B 334 20.08 6.22 -19.22
CA VAL B 334 19.14 6.92 -20.08
C VAL B 334 18.67 6.00 -21.21
N THR B 335 18.56 4.71 -20.93
CA THR B 335 17.95 3.78 -21.88
C THR B 335 16.53 3.45 -21.42
N ASP B 336 15.84 2.66 -22.24
CA ASP B 336 14.44 2.34 -22.01
C ASP B 336 14.22 0.83 -21.97
N ASP B 337 15.15 0.10 -21.36
CA ASP B 337 15.07 -1.35 -21.27
C ASP B 337 15.02 -1.76 -19.81
N TYR B 338 14.02 -2.58 -19.47
CA TYR B 338 13.82 -2.97 -18.08
C TYR B 338 14.95 -3.84 -17.55
N LEU B 339 15.53 -4.70 -18.39
CA LEU B 339 16.63 -5.54 -17.96
C LEU B 339 17.82 -4.71 -17.51
N GLU B 340 18.02 -3.53 -18.12
CA GLU B 340 19.12 -2.69 -17.71
C GLU B 340 18.92 -2.16 -16.30
N VAL B 341 17.69 -1.76 -15.96
CA VAL B 341 17.38 -1.40 -14.58
C VAL B 341 17.59 -2.60 -13.67
N GLU B 342 17.22 -3.79 -14.13
CA GLU B 342 17.42 -5.00 -13.35
C GLU B 342 18.89 -5.16 -12.95
N GLU B 343 19.78 -5.30 -13.95
CA GLU B 343 21.17 -5.53 -13.56
C GLU B 343 21.81 -4.30 -12.93
N ALA B 344 21.30 -3.09 -13.19
CA ALA B 344 21.80 -1.93 -12.47
C ALA B 344 21.55 -2.07 -10.97
N ILE B 345 20.34 -2.44 -10.58
CA ILE B 345 20.05 -2.59 -9.16
C ILE B 345 20.55 -3.90 -8.58
N GLN B 346 20.97 -4.86 -9.41
CA GLN B 346 21.79 -5.95 -8.87
C GLN B 346 23.21 -5.48 -8.56
N ALA B 347 23.81 -4.74 -9.48
CA ALA B 347 25.19 -4.30 -9.29
C ALA B 347 25.30 -3.31 -8.13
N LEU B 348 24.25 -2.54 -7.89
CA LEU B 348 24.24 -1.50 -6.87
C LEU B 348 23.15 -1.75 -5.82
N ALA B 349 23.04 -3.00 -5.36
CA ALA B 349 21.89 -3.53 -4.63
C ALA B 349 21.35 -2.55 -3.60
N PRO B 350 20.18 -1.96 -3.84
CA PRO B 350 19.64 -0.95 -2.94
C PRO B 350 18.69 -1.53 -1.90
N GLU B 351 18.24 -0.67 -0.98
CA GLU B 351 17.17 -1.01 -0.06
C GLU B 351 15.85 -0.34 -0.41
N LEU B 352 15.88 0.89 -0.93
CA LEU B 352 14.69 1.59 -1.38
C LEU B 352 14.90 2.00 -2.82
N ILE B 353 14.21 1.34 -3.74
CA ILE B 353 14.25 1.68 -5.16
C ILE B 353 12.99 2.47 -5.49
N LEU B 354 13.16 3.67 -6.02
CA LEU B 354 12.05 4.51 -6.44
C LEU B 354 11.97 4.50 -7.96
N GLY B 355 10.82 4.15 -8.49
CA GLY B 355 10.68 4.04 -9.92
C GLY B 355 9.27 3.76 -10.34
N THR B 356 9.13 3.22 -11.55
CA THR B 356 7.83 2.97 -12.15
C THR B 356 7.19 1.72 -11.51
N GLN B 357 6.09 1.26 -12.10
CA GLN B 357 5.51 0.00 -11.64
C GLN B 357 6.34 -1.18 -12.06
N MET B 358 7.03 -1.09 -13.21
CA MET B 358 7.90 -2.20 -13.58
C MET B 358 9.07 -2.30 -12.61
N GLU B 359 9.59 -1.18 -12.13
CA GLU B 359 10.57 -1.21 -11.06
C GLU B 359 9.99 -1.84 -9.81
N ARG B 360 8.73 -1.54 -9.51
CA ARG B 360 8.07 -2.14 -8.35
C ARG B 360 8.06 -3.66 -8.46
N HIS B 361 7.70 -4.18 -9.63
CA HIS B 361 7.66 -5.64 -9.78
C HIS B 361 9.05 -6.25 -9.89
N ILE B 362 10.03 -5.52 -10.43
CA ILE B 362 11.40 -5.99 -10.42
C ILE B 362 11.87 -6.17 -8.99
N ALA B 363 11.61 -5.18 -8.14
CA ALA B 363 11.99 -5.28 -6.74
C ALA B 363 11.19 -6.35 -6.02
N LYS B 364 9.93 -6.54 -6.40
CA LYS B 364 9.14 -7.65 -5.85
C LYS B 364 9.78 -8.99 -6.17
N ARG B 365 10.35 -9.11 -7.38
CA ARG B 365 11.04 -10.34 -7.74
C ARG B 365 12.27 -10.56 -6.86
N LEU B 366 13.13 -9.55 -6.75
CA LEU B 366 14.35 -9.71 -5.96
C LEU B 366 14.06 -9.64 -4.46
N GLY B 367 13.15 -8.75 -4.05
CA GLY B 367 12.76 -8.70 -2.66
C GLY B 367 13.25 -7.49 -1.90
N ILE B 368 13.34 -6.34 -2.58
CA ILE B 368 13.73 -5.11 -1.91
C ILE B 368 12.55 -4.14 -1.97
N PRO B 369 12.39 -3.27 -0.97
CA PRO B 369 11.28 -2.31 -0.99
C PRO B 369 11.31 -1.41 -2.21
N CYS B 370 10.13 -1.10 -2.73
CA CYS B 370 9.98 -0.34 -3.96
C CYS B 370 8.77 0.57 -3.86
N ALA B 371 8.93 1.79 -4.38
CA ALA B 371 7.85 2.78 -4.42
C ALA B 371 7.51 3.07 -5.87
N VAL B 372 6.38 3.77 -6.06
CA VAL B 372 5.94 4.22 -7.37
C VAL B 372 5.97 5.74 -7.37
N ILE B 373 6.80 6.30 -8.25
CA ILE B 373 6.96 7.75 -8.33
C ILE B 373 6.95 8.21 -9.80
N SER B 374 6.56 7.33 -10.71
CA SER B 374 6.78 7.60 -12.12
C SER B 374 5.59 7.14 -12.93
N ALA B 375 5.69 7.27 -14.26
CA ALA B 375 4.55 7.29 -15.16
C ALA B 375 3.87 5.92 -15.35
N PRO B 376 4.54 4.90 -15.93
CA PRO B 376 3.77 3.69 -16.31
C PRO B 376 3.25 2.93 -15.10
N VAL B 377 1.93 2.96 -14.90
CA VAL B 377 1.32 2.44 -13.69
C VAL B 377 0.07 1.64 -14.02
N HIS B 378 -0.63 1.18 -12.99
CA HIS B 378 -1.84 0.38 -13.10
C HIS B 378 -3.02 1.13 -12.50
N VAL B 379 -4.15 0.44 -12.36
CA VAL B 379 -5.33 1.04 -11.78
C VAL B 379 -5.10 1.46 -10.33
N GLN B 380 -4.26 0.72 -9.59
CA GLN B 380 -4.02 1.05 -8.20
C GLN B 380 -3.36 2.42 -8.06
N ASP B 381 -2.42 2.74 -8.95
CA ASP B 381 -1.64 3.96 -8.79
C ASP B 381 -2.42 5.20 -9.24
N PHE B 382 -3.45 5.02 -10.05
CA PHE B 382 -4.41 6.10 -10.28
C PHE B 382 -5.41 6.10 -9.13
N PRO B 383 -5.32 7.03 -8.19
CA PRO B 383 -6.18 6.98 -7.02
C PRO B 383 -7.46 7.78 -7.20
N ALA B 384 -8.47 7.39 -6.44
CA ALA B 384 -9.65 8.23 -6.28
C ALA B 384 -9.42 9.34 -5.26
N ARG B 385 -8.49 9.15 -4.33
CA ARG B 385 -8.26 10.06 -3.22
C ARG B 385 -7.43 11.26 -3.66
N TYR B 386 -7.16 12.15 -2.70
CA TYR B 386 -6.28 13.29 -2.91
C TYR B 386 -4.85 12.80 -2.76
N SER B 387 -4.22 12.48 -3.88
CA SER B 387 -2.84 11.99 -3.91
C SER B 387 -2.05 12.86 -4.87
N PRO B 388 -1.69 14.07 -4.47
CA PRO B 388 -0.87 14.93 -5.32
C PRO B 388 0.61 14.58 -5.20
N GLN B 389 1.41 15.24 -6.02
CA GLN B 389 2.86 15.13 -5.90
C GLN B 389 3.57 16.46 -6.12
N MET B 390 2.83 17.55 -6.33
CA MET B 390 3.41 18.87 -6.55
C MET B 390 2.84 19.85 -5.54
N GLY B 391 3.69 20.33 -4.65
CA GLY B 391 3.30 21.26 -3.60
C GLY B 391 3.71 20.74 -2.25
N PHE B 392 3.16 21.34 -1.21
CA PHE B 392 3.48 20.88 0.14
C PHE B 392 2.77 19.57 0.45
N GLU B 393 1.51 19.46 0.04
CA GLU B 393 0.84 18.16 0.10
C GLU B 393 1.53 17.17 -0.83
N GLY B 394 2.09 17.64 -1.94
CA GLY B 394 2.88 16.77 -2.79
C GLY B 394 4.11 16.21 -2.08
N ALA B 395 4.78 17.06 -1.30
CA ALA B 395 5.92 16.59 -0.51
C ALA B 395 5.49 15.61 0.57
N ASN B 396 4.34 15.86 1.20
CA ASN B 396 3.82 14.90 2.19
C ASN B 396 3.52 13.55 1.53
N VAL B 397 2.87 13.57 0.37
CA VAL B 397 2.57 12.34 -0.35
C VAL B 397 3.85 11.63 -0.74
N LEU B 398 4.86 12.39 -1.18
CA LEU B 398 6.15 11.78 -1.51
C LEU B 398 6.76 11.09 -0.30
N PHE B 399 6.75 11.77 0.85
CA PHE B 399 7.28 11.16 2.07
C PHE B 399 6.59 9.83 2.35
N ASP B 400 5.26 9.83 2.36
CA ASP B 400 4.54 8.62 2.73
C ASP B 400 4.70 7.53 1.69
N THR B 401 4.61 7.89 0.41
CA THR B 401 4.73 6.91 -0.68
C THR B 401 6.10 6.26 -0.67
N TRP B 402 7.14 7.01 -0.29
CA TRP B 402 8.46 6.40 -0.25
C TRP B 402 8.68 5.57 1.02
N ILE B 403 8.16 6.05 2.16
CA ILE B 403 8.39 5.35 3.41
C ILE B 403 7.60 4.04 3.46
N HIS B 404 6.44 3.98 2.81
CA HIS B 404 5.65 2.75 2.86
C HIS B 404 6.39 1.52 2.34
N PRO B 405 7.15 1.57 1.25
CA PRO B 405 8.00 0.42 0.93
C PRO B 405 8.98 0.07 2.03
N LEU B 406 9.57 1.07 2.68
CA LEU B 406 10.53 0.79 3.74
C LEU B 406 9.85 0.11 4.92
N THR B 407 8.67 0.59 5.32
CA THR B 407 7.94 -0.07 6.39
C THR B 407 7.50 -1.47 5.97
N MET B 408 7.09 -1.63 4.71
CA MET B 408 6.72 -2.94 4.19
C MET B 408 7.88 -3.93 4.30
N GLY B 409 9.05 -3.52 3.81
CA GLY B 409 10.22 -4.39 3.90
C GLY B 409 10.60 -4.69 5.33
N LEU B 410 10.60 -3.66 6.19
CA LEU B 410 11.00 -3.85 7.58
C LEU B 410 10.07 -4.81 8.29
N GLU B 411 8.76 -4.63 8.14
CA GLU B 411 7.82 -5.55 8.77
C GLU B 411 8.00 -6.95 8.21
N GLU B 412 8.15 -7.08 6.88
CA GLU B 412 8.31 -8.40 6.28
C GLU B 412 9.54 -9.12 6.80
N HIS B 413 10.68 -8.42 6.91
CA HIS B 413 11.86 -9.07 7.46
C HIS B 413 11.64 -9.45 8.91
N LEU B 414 11.50 -8.43 9.76
CA LEU B 414 11.55 -8.64 11.20
C LEU B 414 10.47 -9.63 11.63
N LEU B 415 9.25 -9.45 11.14
CA LEU B 415 8.25 -10.51 11.25
C LEU B 415 8.79 -11.80 10.66
N THR B 416 9.02 -12.77 11.53
CA THR B 416 9.31 -14.15 11.17
C THR B 416 10.72 -14.36 10.61
N MET B 417 11.61 -13.35 10.62
CA MET B 417 13.02 -13.74 10.61
C MET B 417 13.83 -13.01 11.68
N PHE B 418 13.18 -12.25 12.55
CA PHE B 418 13.77 -11.92 13.84
C PHE B 418 12.90 -12.42 14.98
N ARG B 419 11.64 -12.74 14.73
CA ARG B 419 10.77 -13.32 15.75
C ARG B 419 9.81 -14.36 15.16
N ARG C 22 13.74 16.01 42.83
CA ARG C 22 13.03 14.85 42.28
C ARG C 22 11.54 15.19 42.12
N GLY C 23 10.84 14.38 41.34
CA GLY C 23 9.46 14.62 40.95
C GLY C 23 9.05 13.62 39.89
N GLN C 24 8.50 14.11 38.79
CA GLN C 24 8.20 13.24 37.66
C GLN C 24 9.47 12.56 37.14
N ARG C 25 9.32 11.32 36.69
CA ARG C 25 10.43 10.57 36.12
C ARG C 25 10.30 10.52 34.60
N GLU C 26 11.27 9.87 33.97
CA GLU C 26 11.31 9.77 32.52
C GLU C 26 11.42 8.35 31.98
N VAL C 27 12.26 7.48 32.56
CA VAL C 27 12.70 6.28 31.87
C VAL C 27 11.58 5.24 31.76
N PHE C 28 11.82 4.21 30.95
CA PHE C 28 10.89 3.10 30.81
C PHE C 28 10.83 2.30 32.11
N CYS C 29 9.72 1.59 32.29
CA CYS C 29 9.68 0.59 33.34
C CYS C 29 10.44 -0.66 32.87
N GLY C 30 10.57 -1.64 33.77
CA GLY C 30 11.46 -2.76 33.52
C GLY C 30 11.07 -3.63 32.34
N LEU C 31 9.84 -3.50 31.85
CA LEU C 31 9.34 -4.40 30.82
C LEU C 31 9.99 -4.16 29.45
N THR C 32 10.73 -3.06 29.28
CA THR C 32 11.39 -2.86 27.99
C THR C 32 12.57 -3.80 27.83
N GLY C 33 13.14 -4.29 28.93
CA GLY C 33 14.18 -5.31 28.83
C GLY C 33 13.63 -6.67 28.47
N ILE C 34 12.30 -6.85 28.55
CA ILE C 34 11.68 -8.11 28.14
C ILE C 34 11.84 -8.32 26.64
N ILE C 35 11.76 -7.24 25.85
CA ILE C 35 11.92 -7.37 24.41
C ILE C 35 13.29 -7.93 24.05
N TRP C 36 14.31 -7.66 24.87
CA TRP C 36 15.64 -8.19 24.62
C TRP C 36 15.84 -9.58 25.22
N LEU C 37 15.36 -9.77 26.44
CA LEU C 37 15.50 -11.08 27.10
C LEU C 37 14.77 -12.16 26.31
N HIS C 38 13.59 -11.84 25.78
CA HIS C 38 12.84 -12.79 24.96
C HIS C 38 13.63 -13.20 23.72
N ARG C 39 14.22 -12.22 23.05
CA ARG C 39 14.97 -12.47 21.82
C ARG C 39 16.21 -13.30 22.10
N LYS C 40 16.90 -13.03 23.20
CA LYS C 40 18.18 -13.68 23.45
C LYS C 40 18.03 -15.12 23.91
N MET C 41 17.45 -15.35 25.08
CA MET C 41 17.39 -16.72 25.58
C MET C 41 16.06 -17.36 25.17
N GLN C 42 16.16 -18.33 24.27
CA GLN C 42 15.04 -18.87 23.51
C GLN C 42 13.97 -19.52 24.38
N ASP C 43 14.32 -20.64 25.02
CA ASP C 43 13.34 -21.43 25.77
C ASP C 43 13.07 -20.74 27.10
N ALA C 44 12.18 -19.77 27.08
CA ALA C 44 11.83 -19.05 28.29
C ALA C 44 10.46 -18.42 28.11
N PHE C 45 9.84 -18.04 29.22
CA PHE C 45 8.59 -17.30 29.19
C PHE C 45 8.75 -15.99 29.94
N PHE C 46 8.17 -14.92 29.40
CA PHE C 46 8.32 -13.58 29.92
C PHE C 46 6.97 -12.89 30.03
N LEU C 47 5.99 -13.61 30.58
CA LEU C 47 4.66 -13.04 30.72
C LEU C 47 4.67 -11.94 31.76
N VAL C 48 4.23 -10.75 31.34
CA VAL C 48 4.05 -9.64 32.25
C VAL C 48 2.59 -9.60 32.67
N VAL C 49 2.30 -8.85 33.74
CA VAL C 49 0.96 -8.78 34.28
C VAL C 49 0.56 -7.31 34.37
N GLY C 50 -0.74 -7.05 34.36
CA GLY C 50 -1.21 -5.70 34.57
C GLY C 50 -2.22 -5.21 33.55
N SER C 51 -2.19 -3.91 33.26
CA SER C 51 -3.17 -3.25 32.42
C SER C 51 -2.62 -3.08 31.01
N ARG C 52 -3.37 -2.37 30.17
CA ARG C 52 -2.96 -2.15 28.79
C ARG C 52 -1.80 -1.17 28.69
N THR C 53 -1.49 -0.48 29.78
CA THR C 53 -0.35 0.43 29.77
C THR C 53 0.95 -0.36 29.66
N CYS C 54 0.97 -1.56 30.24
CA CYS C 54 2.13 -2.44 30.10
C CYS C 54 2.03 -3.29 28.85
N ALA C 55 0.84 -3.82 28.56
CA ALA C 55 0.62 -4.62 27.37
C ALA C 55 0.71 -3.82 26.08
N HIS C 56 0.78 -2.50 26.18
CA HIS C 56 0.83 -1.61 25.03
C HIS C 56 2.21 -0.97 24.89
N LEU C 57 2.91 -0.72 26.00
CA LEU C 57 4.32 -0.39 25.90
C LEU C 57 5.07 -1.51 25.18
N LEU C 58 4.86 -2.75 25.62
CA LEU C 58 5.46 -3.89 24.95
C LEU C 58 5.00 -3.96 23.49
N GLN C 59 3.71 -3.76 23.24
CA GLN C 59 3.15 -3.84 21.90
C GLN C 59 3.81 -2.85 20.95
N SER C 60 3.74 -1.56 21.29
CA SER C 60 4.28 -0.52 20.43
C SER C 60 5.79 -0.63 20.31
N ALA C 61 6.48 -0.90 21.41
CA ALA C 61 7.94 -1.05 21.36
C ALA C 61 8.34 -2.19 20.44
N ALA C 62 7.61 -3.29 20.51
CA ALA C 62 7.90 -4.44 19.67
C ALA C 62 7.63 -4.14 18.21
N GLY C 63 6.47 -3.58 17.89
CA GLY C 63 6.14 -3.25 16.52
C GLY C 63 5.53 -4.40 15.74
N VAL C 64 6.33 -5.43 15.45
CA VAL C 64 5.87 -6.59 14.70
C VAL C 64 5.95 -7.87 15.51
N MET C 65 6.60 -7.83 16.68
CA MET C 65 6.75 -9.00 17.53
C MET C 65 5.40 -9.57 17.91
N ILE C 66 4.49 -8.70 18.31
CA ILE C 66 3.11 -9.00 18.68
C ILE C 66 2.37 -9.73 17.56
N PHE C 67 2.76 -9.46 16.31
CA PHE C 67 2.23 -10.23 15.19
C PHE C 67 2.99 -11.52 14.94
N ALA C 68 4.25 -11.59 15.36
CA ALA C 68 5.04 -12.81 15.17
C ALA C 68 4.77 -13.85 16.24
N GLU C 69 3.73 -13.66 17.07
CA GLU C 69 3.38 -14.57 18.15
C GLU C 69 4.57 -14.85 19.05
N PRO C 70 4.96 -13.90 19.89
CA PRO C 70 6.16 -14.06 20.72
C PRO C 70 6.00 -15.14 21.78
N ARG C 71 7.03 -15.30 22.60
CA ARG C 71 7.03 -16.29 23.67
C ARG C 71 6.51 -15.75 24.99
N PHE C 72 6.27 -14.45 25.10
CA PHE C 72 5.76 -13.86 26.34
C PHE C 72 4.23 -13.78 26.27
N GLY C 73 3.64 -13.05 27.21
CA GLY C 73 2.22 -12.78 27.17
C GLY C 73 1.89 -11.58 28.01
N THR C 74 0.61 -11.51 28.42
CA THR C 74 0.16 -10.47 29.34
C THR C 74 -1.10 -10.96 30.03
N ALA C 75 -1.02 -11.22 31.33
CA ALA C 75 -2.18 -11.71 32.06
C ALA C 75 -3.28 -10.66 32.10
N VAL C 76 -4.52 -11.13 32.24
CA VAL C 76 -5.68 -10.27 32.29
C VAL C 76 -5.68 -9.46 33.58
N LEU C 85 -5.90 -9.02 49.15
CA LEU C 85 -4.67 -9.65 48.70
C LEU C 85 -4.89 -11.13 48.38
N ALA C 86 -5.80 -11.76 49.12
CA ALA C 86 -6.11 -13.16 48.86
C ALA C 86 -6.77 -13.34 47.50
N ASP C 87 -7.68 -12.44 47.14
CA ASP C 87 -8.31 -12.50 45.83
C ASP C 87 -7.28 -12.29 44.73
N ALA C 88 -6.36 -11.35 44.93
CA ALA C 88 -5.30 -11.11 43.95
C ALA C 88 -4.39 -12.32 43.81
N ASN C 89 -4.09 -13.00 44.92
CA ASN C 89 -3.23 -14.19 44.84
C ASN C 89 -3.95 -15.34 44.17
N ALA C 90 -5.26 -15.49 44.40
CA ALA C 90 -6.03 -16.49 43.68
C ALA C 90 -6.03 -16.21 42.18
N GLU C 91 -6.20 -14.94 41.81
CA GLU C 91 -6.11 -14.56 40.40
C GLU C 91 -4.72 -14.83 39.84
N LEU C 92 -3.68 -14.61 40.67
CA LEU C 92 -2.31 -14.90 40.24
C LEU C 92 -2.15 -16.38 39.95
N ASP C 93 -2.66 -17.23 40.84
CA ASP C 93 -2.58 -18.68 40.61
C ASP C 93 -3.32 -19.07 39.34
N ARG C 94 -4.52 -18.50 39.15
CA ARG C 94 -5.30 -18.81 37.95
C ARG C 94 -4.55 -18.42 36.68
N GLU C 95 -3.96 -17.23 36.67
CA GLU C 95 -3.30 -16.76 35.46
C GLU C 95 -1.99 -17.52 35.22
N VAL C 96 -1.30 -17.94 36.27
CA VAL C 96 -0.10 -18.77 36.08
C VAL C 96 -0.48 -20.13 35.50
N ASP C 97 -1.58 -20.72 35.99
CA ASP C 97 -2.07 -21.96 35.40
C ASP C 97 -2.46 -21.75 33.95
N ARG C 98 -2.99 -20.58 33.62
CA ARG C 98 -3.31 -20.27 32.23
C ARG C 98 -2.06 -20.20 31.37
N LEU C 99 -0.98 -19.59 31.90
CA LEU C 99 0.31 -19.67 31.23
C LEU C 99 0.70 -21.11 30.96
N LEU C 100 0.67 -21.94 32.00
CA LEU C 100 1.10 -23.32 31.84
C LEU C 100 0.21 -24.08 30.86
N ALA C 101 -1.04 -23.64 30.71
CA ALA C 101 -1.98 -24.30 29.81
C ALA C 101 -1.71 -23.94 28.36
N ARG C 102 -1.71 -22.63 28.05
CA ARG C 102 -1.62 -22.22 26.65
C ARG C 102 -0.29 -22.61 26.01
N ARG C 103 0.77 -22.78 26.80
CA ARG C 103 2.08 -23.17 26.31
C ARG C 103 2.52 -24.40 27.09
N PRO C 104 2.11 -25.60 26.66
CA PRO C 104 2.53 -26.84 27.33
C PRO C 104 3.91 -27.32 26.89
N ASP C 105 4.86 -26.39 26.80
CA ASP C 105 6.24 -26.70 26.47
C ASP C 105 7.21 -25.81 27.23
N ILE C 106 6.84 -25.40 28.44
CA ILE C 106 7.64 -24.48 29.23
C ILE C 106 8.17 -25.21 30.45
N ARG C 107 9.47 -25.11 30.69
CA ARG C 107 10.10 -25.80 31.81
C ARG C 107 11.02 -24.84 32.58
N GLN C 108 11.52 -23.80 31.91
CA GLN C 108 12.40 -22.81 32.53
C GLN C 108 11.83 -21.41 32.29
N LEU C 109 10.54 -21.26 32.59
CA LEU C 109 9.87 -19.97 32.45
C LEU C 109 10.28 -19.02 33.56
N PHE C 110 10.14 -17.72 33.28
CA PHE C 110 10.41 -16.66 34.26
C PHE C 110 9.30 -15.62 34.16
N LEU C 111 8.30 -15.72 35.03
CA LEU C 111 7.24 -14.72 35.05
C LEU C 111 7.82 -13.35 35.39
N VAL C 112 7.22 -12.31 34.80
CA VAL C 112 7.67 -10.94 34.98
C VAL C 112 6.65 -10.19 35.82
N GLY C 113 7.12 -9.55 36.89
CA GLY C 113 6.28 -8.71 37.70
C GLY C 113 6.16 -7.31 37.12
N SER C 114 5.06 -6.64 37.46
CA SER C 114 4.81 -5.28 36.99
C SER C 114 4.25 -4.46 38.14
N CYS C 115 3.87 -3.23 37.82
CA CYS C 115 3.46 -2.28 38.87
C CYS C 115 2.26 -2.74 39.67
N PRO C 116 1.13 -3.15 39.07
CA PRO C 116 0.00 -3.58 39.93
C PRO C 116 0.31 -4.81 40.77
N SER C 117 1.08 -5.75 40.22
CA SER C 117 1.38 -6.98 40.96
C SER C 117 2.14 -6.68 42.25
N GLU C 118 3.14 -5.81 42.18
CA GLU C 118 3.85 -5.40 43.38
C GLU C 118 3.07 -4.37 44.21
N VAL C 119 2.11 -3.69 43.60
CA VAL C 119 1.24 -2.80 44.37
C VAL C 119 0.40 -3.60 45.34
N ILE C 120 -0.15 -4.72 44.88
CA ILE C 120 -0.86 -5.62 45.79
C ILE C 120 0.16 -6.65 46.28
N LYS C 121 1.43 -6.42 45.97
CA LYS C 121 2.55 -7.25 46.45
C LYS C 121 2.35 -8.72 46.11
N LEU C 122 2.09 -8.99 44.83
CA LEU C 122 1.81 -10.34 44.37
C LEU C 122 3.13 -11.10 44.26
N ASP C 123 3.41 -11.94 45.25
CA ASP C 123 4.66 -12.70 45.27
C ASP C 123 4.70 -13.69 44.12
N LEU C 124 5.57 -13.42 43.13
CA LEU C 124 5.71 -14.36 42.01
C LEU C 124 6.45 -15.61 42.44
N HIS C 125 7.30 -15.51 43.45
CA HIS C 125 7.96 -16.71 43.99
C HIS C 125 6.94 -17.64 44.64
N ARG C 126 5.95 -17.07 45.33
CA ARG C 126 4.90 -17.89 45.95
C ARG C 126 4.16 -18.70 44.90
N ALA C 127 3.75 -18.05 43.81
CA ALA C 127 3.07 -18.76 42.73
C ALA C 127 3.99 -19.77 42.08
N ALA C 128 5.25 -19.39 41.84
CA ALA C 128 6.18 -20.30 41.19
C ALA C 128 6.44 -21.54 42.04
N GLU C 129 6.68 -21.36 43.34
CA GLU C 129 7.02 -22.48 44.21
C GLU C 129 5.81 -23.39 44.42
N ARG C 130 4.65 -22.82 44.71
CA ARG C 130 3.46 -23.62 44.95
C ARG C 130 3.02 -24.36 43.70
N LEU C 131 3.06 -23.69 42.54
CA LEU C 131 2.58 -24.28 41.31
C LEU C 131 3.65 -25.04 40.54
N SER C 132 4.88 -25.12 41.08
CA SER C 132 5.87 -26.02 40.49
C SER C 132 5.46 -27.48 40.64
N ALA C 133 4.60 -27.79 41.60
CA ALA C 133 4.10 -29.15 41.79
C ALA C 133 2.69 -29.28 41.24
N ALA C 138 9.05 -32.02 36.52
CA ALA C 138 9.41 -31.44 35.23
C ALA C 138 9.04 -29.96 35.18
N VAL C 139 7.85 -29.64 35.69
CA VAL C 139 7.38 -28.26 35.71
C VAL C 139 8.16 -27.50 36.79
N ARG C 140 9.07 -26.64 36.38
CA ARG C 140 9.87 -25.82 37.28
C ARG C 140 9.57 -24.36 36.96
N VAL C 141 8.93 -23.67 37.91
CA VAL C 141 8.51 -22.30 37.72
C VAL C 141 9.41 -21.38 38.51
N TYR C 142 9.92 -20.33 37.85
CA TYR C 142 10.80 -19.37 38.49
C TYR C 142 10.24 -17.95 38.33
N ASN C 143 10.44 -17.14 39.36
CA ASN C 143 9.88 -15.80 39.44
C ASN C 143 10.86 -14.74 38.96
N PHE C 144 10.33 -13.54 38.74
CA PHE C 144 11.09 -12.36 38.34
C PHE C 144 10.13 -11.17 38.37
N SER C 145 10.63 -10.02 38.86
CA SER C 145 9.78 -8.82 39.02
C SER C 145 10.56 -7.60 38.55
N GLY C 146 10.39 -7.27 37.26
CA GLY C 146 10.92 -6.03 36.72
C GLY C 146 9.91 -4.91 36.69
N SER C 147 9.37 -4.54 37.84
CA SER C 147 8.29 -3.55 37.93
C SER C 147 8.88 -2.15 38.05
N GLY C 148 8.49 -1.26 37.12
CA GLY C 148 9.09 0.06 37.03
C GLY C 148 8.91 0.94 38.25
N ILE C 149 7.95 0.59 39.12
CA ILE C 149 7.87 1.28 40.40
C ILE C 149 9.10 0.97 41.25
N GLU C 150 9.63 -0.26 41.14
CA GLU C 150 10.91 -0.64 41.73
C GLU C 150 12.04 -0.62 40.72
N THR C 151 11.77 -1.13 39.52
CA THR C 151 12.75 -1.32 38.47
C THR C 151 12.84 -0.05 37.60
N THR C 152 13.86 -0.01 36.74
CA THR C 152 14.08 1.14 35.86
C THR C 152 14.36 0.59 34.46
N PHE C 153 14.89 1.46 33.59
CA PHE C 153 14.99 1.20 32.15
C PHE C 153 15.48 -0.20 31.82
N THR C 154 16.71 -0.53 32.18
CA THR C 154 17.27 -1.86 31.90
C THR C 154 17.60 -2.64 33.18
N GLN C 155 16.97 -2.31 34.29
CA GLN C 155 17.11 -3.13 35.48
C GLN C 155 16.17 -4.33 35.48
N GLY C 156 15.27 -4.43 34.49
CA GLY C 156 14.53 -5.67 34.31
C GLY C 156 15.45 -6.83 33.97
N GLU C 157 16.43 -6.57 33.10
CA GLU C 157 17.49 -7.56 32.85
C GLU C 157 18.20 -7.91 34.15
N ASP C 158 18.49 -6.91 34.97
CA ASP C 158 19.12 -7.13 36.27
C ASP C 158 18.31 -8.11 37.11
N ALA C 159 17.02 -7.81 37.27
CA ALA C 159 16.19 -8.62 38.14
C ALA C 159 16.01 -10.03 37.60
N CYS C 160 15.86 -10.18 36.28
CA CYS C 160 15.69 -11.50 35.70
C CYS C 160 16.96 -12.34 35.86
N LEU C 161 18.11 -11.79 35.45
CA LEU C 161 19.37 -12.52 35.56
C LEU C 161 19.70 -12.85 37.00
N ALA C 162 19.30 -11.97 37.94
CA ALA C 162 19.48 -12.29 39.35
C ALA C 162 18.53 -13.40 39.79
N SER C 163 17.28 -13.38 39.32
CA SER C 163 16.31 -14.40 39.67
C SER C 163 16.64 -15.76 39.08
N ILE C 164 17.54 -15.82 38.09
CA ILE C 164 18.08 -17.11 37.68
C ILE C 164 18.89 -17.73 38.82
N VAL C 165 19.60 -16.90 39.57
CA VAL C 165 20.61 -17.43 40.52
C VAL C 165 20.01 -18.22 41.67
N PRO C 166 19.04 -17.71 42.46
CA PRO C 166 18.85 -18.20 43.84
C PRO C 166 18.65 -19.71 43.99
N THR C 167 17.64 -20.26 43.32
CA THR C 167 17.28 -21.66 43.56
C THR C 167 18.38 -22.61 43.08
N LEU C 168 19.19 -22.20 42.12
CA LEU C 168 20.17 -23.11 41.54
C LEU C 168 21.21 -23.52 42.56
N PRO C 169 21.66 -24.78 42.54
CA PRO C 169 22.69 -25.24 43.49
C PRO C 169 24.08 -24.72 43.15
N ALA C 170 25.09 -25.20 43.86
CA ALA C 170 26.46 -24.72 43.73
C ALA C 170 27.31 -25.70 42.93
N THR C 171 28.19 -25.15 42.10
CA THR C 171 29.20 -25.93 41.40
C THR C 171 30.51 -25.90 42.18
N GLU C 172 31.42 -26.81 41.84
CA GLU C 172 32.62 -27.06 42.63
C GLU C 172 33.86 -27.11 41.76
N ALA C 173 34.01 -26.13 40.87
CA ALA C 173 35.20 -26.06 40.02
C ALA C 173 35.42 -24.61 39.61
N ARG C 174 36.64 -24.33 39.14
CA ARG C 174 36.98 -22.99 38.69
C ARG C 174 36.55 -22.86 37.22
N GLU C 175 35.32 -22.40 37.05
CA GLU C 175 34.84 -21.96 35.74
C GLU C 175 34.82 -20.44 35.70
N LEU C 176 34.41 -19.91 34.54
CA LEU C 176 34.27 -18.47 34.34
C LEU C 176 32.83 -18.23 33.87
N LEU C 177 31.94 -18.05 34.85
CA LEU C 177 30.51 -17.89 34.59
C LEU C 177 30.28 -16.50 34.04
N LEU C 178 30.25 -16.39 32.71
CA LEU C 178 29.96 -15.10 32.10
C LEU C 178 28.46 -14.79 32.21
N VAL C 179 28.14 -13.50 32.17
CA VAL C 179 26.79 -13.02 32.42
C VAL C 179 26.43 -11.98 31.37
N GLY C 180 25.15 -11.59 31.37
CA GLY C 180 24.66 -10.57 30.47
C GLY C 180 23.97 -11.12 29.24
N ALA C 181 22.88 -10.47 28.83
CA ALA C 181 22.15 -10.89 27.64
C ALA C 181 22.66 -10.15 26.40
N LEU C 182 23.98 -10.22 26.23
CA LEU C 182 24.63 -9.63 25.07
C LEU C 182 24.28 -10.45 23.83
N PRO C 183 24.38 -9.86 22.64
CA PRO C 183 23.96 -10.57 21.42
C PRO C 183 24.66 -11.91 21.24
N ASP C 184 23.91 -12.90 20.76
CA ASP C 184 24.47 -14.24 20.60
C ASP C 184 25.56 -14.27 19.54
N VAL C 185 25.39 -13.49 18.47
CA VAL C 185 26.44 -13.38 17.45
C VAL C 185 27.74 -12.92 18.08
N VAL C 186 27.67 -11.96 19.01
CA VAL C 186 28.85 -11.55 19.78
C VAL C 186 29.08 -12.38 21.03
N GLU C 187 28.07 -13.11 21.51
CA GLU C 187 28.35 -14.09 22.56
C GLU C 187 29.32 -15.14 22.06
N ASP C 188 29.25 -15.47 20.76
CA ASP C 188 30.23 -16.36 20.17
C ASP C 188 31.63 -15.74 20.20
N GLN C 189 31.73 -14.45 19.88
CA GLN C 189 33.03 -13.78 19.92
C GLN C 189 33.59 -13.75 21.34
N ALA C 190 32.74 -13.46 22.32
CA ALA C 190 33.17 -13.43 23.71
C ALA C 190 33.64 -14.82 24.16
N VAL C 191 32.88 -15.86 23.82
CA VAL C 191 33.26 -17.22 24.20
C VAL C 191 34.56 -17.62 23.52
N SER C 192 34.71 -17.29 22.23
CA SER C 192 35.93 -17.63 21.51
C SER C 192 37.14 -16.97 22.14
N LEU C 193 37.06 -15.66 22.39
CA LEU C 193 38.15 -14.96 23.05
C LEU C 193 38.41 -15.55 24.43
N LEU C 194 37.36 -15.83 25.19
CA LEU C 194 37.51 -16.31 26.55
C LEU C 194 38.23 -17.65 26.59
N THR C 195 37.85 -18.57 25.70
CA THR C 195 38.55 -19.85 25.61
C THR C 195 39.98 -19.67 25.09
N GLN C 196 40.20 -18.67 24.22
CA GLN C 196 41.55 -18.36 23.79
C GLN C 196 42.41 -17.91 24.96
N LEU C 197 41.80 -17.21 25.93
CA LEU C 197 42.49 -16.93 27.18
C LEU C 197 42.92 -18.20 27.88
N GLY C 198 42.06 -19.21 27.89
CA GLY C 198 42.43 -20.50 28.47
C GLY C 198 41.53 -20.91 29.61
N ILE C 199 40.35 -20.29 29.71
CA ILE C 199 39.43 -20.53 30.81
C ILE C 199 38.81 -21.92 30.70
N GLY C 200 38.16 -22.35 31.76
CA GLY C 200 37.42 -23.60 31.75
C GLY C 200 36.02 -23.41 31.18
N PRO C 201 35.03 -24.01 31.86
CA PRO C 201 33.64 -23.87 31.39
C PRO C 201 33.14 -22.44 31.50
N VAL C 202 32.16 -22.14 30.66
CA VAL C 202 31.53 -20.81 30.63
C VAL C 202 30.17 -20.82 31.32
N ARG C 203 29.22 -21.58 30.79
CA ARG C 203 27.88 -21.72 31.37
C ARG C 203 27.25 -20.35 31.65
N CYS C 204 27.01 -19.60 30.57
CA CYS C 204 26.53 -18.23 30.70
C CYS C 204 25.22 -18.18 31.47
N LEU C 205 25.12 -17.21 32.38
CA LEU C 205 23.95 -17.12 33.25
C LEU C 205 22.63 -16.98 32.50
N PRO C 206 22.49 -16.14 31.47
CA PRO C 206 21.24 -16.15 30.69
C PRO C 206 21.04 -17.49 30.03
N ALA C 207 20.02 -18.23 30.48
CA ALA C 207 19.81 -19.61 30.06
C ALA C 207 19.09 -19.61 28.72
N HIS C 208 19.88 -19.55 27.64
CA HIS C 208 19.32 -19.69 26.31
C HIS C 208 18.95 -21.13 25.99
N HIS C 209 19.55 -22.09 26.71
CA HIS C 209 19.07 -23.46 26.74
C HIS C 209 18.71 -23.81 28.17
N ALA C 210 17.55 -24.45 28.35
CA ALA C 210 17.12 -24.82 29.69
C ALA C 210 18.06 -25.84 30.32
N ALA C 211 18.60 -26.75 29.50
CA ALA C 211 19.53 -27.74 30.02
C ALA C 211 20.79 -27.10 30.57
N GLU C 212 21.26 -26.02 29.93
CA GLU C 212 22.45 -25.30 30.38
C GLU C 212 22.11 -24.54 31.66
N ALA C 213 22.40 -25.15 32.80
CA ALA C 213 22.10 -24.56 34.10
C ALA C 213 23.37 -24.05 34.76
N PRO C 214 23.52 -22.75 34.94
CA PRO C 214 24.75 -22.21 35.56
C PRO C 214 24.69 -22.29 37.07
N GLY C 215 25.51 -23.17 37.65
CA GLY C 215 25.61 -23.25 39.09
C GLY C 215 26.44 -22.12 39.67
N VAL C 216 26.14 -21.77 40.91
CA VAL C 216 26.81 -20.65 41.59
C VAL C 216 27.81 -21.26 42.56
N GLY C 217 29.08 -21.28 42.16
CA GLY C 217 30.13 -21.87 42.95
C GLY C 217 30.90 -20.84 43.75
N PRO C 218 31.36 -21.23 44.95
CA PRO C 218 32.23 -20.32 45.72
C PRO C 218 33.51 -19.96 44.97
N ASN C 219 34.07 -20.90 44.22
CA ASN C 219 35.24 -20.66 43.40
C ASN C 219 34.91 -20.04 42.05
N THR C 220 33.63 -19.89 41.72
CA THR C 220 33.26 -19.32 40.44
C THR C 220 33.59 -17.83 40.39
N VAL C 221 34.43 -17.44 39.44
CA VAL C 221 34.81 -16.04 39.25
C VAL C 221 34.11 -15.55 37.99
N PHE C 222 33.27 -14.52 38.14
CA PHE C 222 32.42 -14.07 37.05
C PHE C 222 32.67 -12.60 36.76
N ALA C 223 32.75 -12.26 35.47
CA ALA C 223 32.87 -10.89 35.01
C ALA C 223 31.49 -10.27 34.91
N LEU C 224 31.41 -9.13 34.22
CA LEU C 224 30.13 -8.46 33.99
C LEU C 224 30.15 -7.79 32.62
N VAL C 225 29.54 -8.45 31.63
CA VAL C 225 29.38 -7.84 30.31
C VAL C 225 28.41 -6.68 30.36
N GLN C 226 27.46 -6.71 31.30
CA GLN C 226 26.27 -5.88 31.23
C GLN C 226 26.26 -4.83 32.34
N PRO C 227 26.33 -3.55 32.00
CA PRO C 227 26.43 -2.51 33.06
C PRO C 227 25.26 -2.47 34.03
N PHE C 228 24.06 -2.76 33.58
CA PHE C 228 22.90 -2.72 34.47
C PHE C 228 22.63 -4.10 35.07
N LEU C 229 23.64 -4.68 35.68
CA LEU C 229 23.53 -5.96 36.38
C LEU C 229 23.94 -5.81 37.84
N GLY C 230 23.57 -4.69 38.45
CA GLY C 230 23.91 -4.47 39.85
C GLY C 230 23.22 -5.47 40.77
N ASP C 231 21.91 -5.68 40.59
CA ASP C 231 21.19 -6.63 41.42
C ASP C 231 21.68 -8.04 41.13
N THR C 232 21.95 -8.35 39.86
CA THR C 232 22.45 -9.67 39.48
C THR C 232 23.81 -9.95 40.11
N HIS C 233 24.73 -8.97 40.00
CA HIS C 233 26.04 -9.13 40.62
C HIS C 233 25.92 -9.26 42.13
N GLY C 234 25.05 -8.44 42.75
CA GLY C 234 24.87 -8.52 44.18
C GLY C 234 24.37 -9.89 44.63
N ALA C 235 23.37 -10.43 43.93
CA ALA C 235 22.83 -11.74 44.29
C ALA C 235 23.84 -12.85 44.02
N LEU C 236 24.60 -12.73 42.92
CA LEU C 236 25.60 -13.76 42.61
C LEU C 236 26.71 -13.79 43.65
N THR C 237 27.12 -12.62 44.15
CA THR C 237 28.08 -12.61 45.26
C THR C 237 27.44 -13.00 46.57
N ARG C 238 26.14 -12.75 46.72
CA ARG C 238 25.43 -13.15 47.94
C ARG C 238 25.38 -14.66 48.07
N ARG C 239 25.09 -15.36 46.97
CA ARG C 239 25.09 -16.82 47.02
C ARG C 239 26.48 -17.38 47.21
N GLY C 240 27.51 -16.64 46.82
CA GLY C 240 28.87 -17.05 47.09
C GLY C 240 29.88 -16.82 45.97
N ALA C 241 29.40 -16.67 44.74
CA ALA C 241 30.29 -16.54 43.60
C ALA C 241 31.07 -15.24 43.65
N ARG C 242 32.40 -15.33 43.64
CA ARG C 242 33.23 -14.14 43.63
C ARG C 242 33.18 -13.46 42.26
N HIS C 243 33.25 -12.13 42.28
CA HIS C 243 33.07 -11.31 41.09
C HIS C 243 34.40 -10.71 40.68
N ILE C 244 34.70 -10.78 39.38
CA ILE C 244 35.91 -10.20 38.81
C ILE C 244 35.67 -8.72 38.54
N ALA C 245 36.75 -7.94 38.53
CA ALA C 245 36.64 -6.52 38.21
C ALA C 245 35.99 -6.35 36.84
N ALA C 246 35.05 -5.42 36.75
CA ALA C 246 34.15 -5.32 35.60
C ALA C 246 34.13 -3.91 35.03
N PRO C 247 35.17 -3.53 34.28
CA PRO C 247 35.06 -2.37 33.38
C PRO C 247 34.31 -2.83 32.13
N PHE C 248 33.16 -2.21 31.87
CA PHE C 248 32.19 -2.92 31.05
C PHE C 248 32.52 -2.83 29.55
N PRO C 249 32.31 -3.91 28.80
CA PRO C 249 32.93 -4.09 27.48
C PRO C 249 32.30 -3.32 26.33
N PHE C 250 32.73 -2.08 26.10
CA PHE C 250 32.19 -1.32 24.98
C PHE C 250 33.27 -0.87 24.00
N GLY C 251 34.12 -1.80 23.60
CA GLY C 251 35.14 -1.49 22.62
C GLY C 251 36.34 -0.78 23.22
N GLU C 252 37.53 -1.08 22.71
CA GLU C 252 38.78 -0.47 23.18
C GLU C 252 38.87 -0.67 24.69
N GLU C 253 39.12 0.38 25.47
CA GLU C 253 39.45 0.20 26.88
C GLU C 253 38.28 -0.36 27.69
N GLY C 254 37.04 -0.09 27.25
CA GLY C 254 35.87 -0.58 27.96
C GLY C 254 35.88 -2.08 28.09
N THR C 255 36.24 -2.77 27.00
CA THR C 255 36.42 -4.22 27.02
C THR C 255 37.87 -4.62 27.26
N THR C 256 38.82 -3.71 26.97
CA THR C 256 40.22 -4.00 27.25
C THR C 256 40.40 -4.33 28.72
N LEU C 257 39.95 -3.42 29.59
CA LEU C 257 40.17 -3.64 31.00
C LEU C 257 39.26 -4.75 31.53
N TRP C 258 38.12 -4.96 30.89
CA TRP C 258 37.26 -6.10 31.24
C TRP C 258 38.00 -7.42 31.06
N LEU C 259 38.49 -7.67 29.84
CA LEU C 259 39.16 -8.93 29.57
C LEU C 259 40.52 -8.99 30.25
N LYS C 260 41.16 -7.84 30.52
CA LYS C 260 42.38 -7.85 31.30
C LYS C 260 42.12 -8.31 32.73
N ALA C 261 41.04 -7.83 33.33
CA ALA C 261 40.64 -8.34 34.65
C ALA C 261 40.33 -9.82 34.58
N ILE C 262 39.66 -10.25 33.52
CA ILE C 262 39.39 -11.68 33.33
C ILE C 262 40.70 -12.46 33.34
N ALA C 263 41.70 -11.97 32.58
CA ALA C 263 42.96 -12.69 32.44
C ALA C 263 43.72 -12.72 33.75
N ASP C 264 43.86 -11.57 34.43
CA ASP C 264 44.60 -11.56 35.67
C ASP C 264 43.88 -12.30 36.79
N GLU C 265 42.56 -12.47 36.69
CA GLU C 265 41.86 -13.33 37.63
C GLU C 265 42.06 -14.80 37.35
N PHE C 266 42.06 -15.21 36.08
CA PHE C 266 42.36 -16.59 35.73
C PHE C 266 43.86 -16.82 35.60
N GLY C 267 44.65 -15.77 35.78
CA GLY C 267 46.10 -15.91 35.69
C GLY C 267 46.59 -16.17 34.30
N VAL C 268 45.87 -15.69 33.29
CA VAL C 268 46.29 -15.81 31.91
C VAL C 268 47.49 -14.90 31.72
N SER C 269 48.57 -15.45 31.17
CA SER C 269 49.79 -14.69 30.95
C SER C 269 49.51 -13.47 30.08
N ALA C 270 50.16 -12.35 30.44
CA ALA C 270 49.96 -11.10 29.70
C ALA C 270 50.24 -11.29 28.22
N GLU C 271 51.34 -11.98 27.89
CA GLU C 271 51.66 -12.25 26.50
C GLU C 271 50.72 -13.27 25.86
N THR C 272 49.96 -14.02 26.66
CA THR C 272 48.92 -14.88 26.10
C THR C 272 47.66 -14.09 25.79
N PHE C 273 47.13 -13.39 26.79
CA PHE C 273 45.94 -12.56 26.63
C PHE C 273 46.11 -11.54 25.52
N GLU C 274 47.19 -10.75 25.58
CA GLU C 274 47.36 -9.68 24.60
C GLU C 274 47.54 -10.25 23.21
N ALA C 275 48.23 -11.38 23.09
CA ALA C 275 48.41 -12.02 21.79
C ALA C 275 47.07 -12.44 21.21
N VAL C 276 46.19 -13.01 22.04
CA VAL C 276 44.95 -13.56 21.49
C VAL C 276 43.86 -12.48 21.45
N THR C 277 44.14 -11.28 21.96
CA THR C 277 43.11 -10.25 21.96
C THR C 277 43.49 -8.94 21.27
N ALA C 278 44.72 -8.77 20.78
CA ALA C 278 45.09 -7.48 20.18
C ALA C 278 44.33 -7.23 18.89
N ALA C 279 44.09 -8.27 18.09
CA ALA C 279 43.38 -8.08 16.83
C ALA C 279 41.96 -7.56 17.01
N PRO C 280 41.14 -8.11 17.94
CA PRO C 280 39.82 -7.51 18.19
C PRO C 280 39.92 -6.05 18.60
N ARG C 281 40.96 -5.73 19.38
CA ARG C 281 41.19 -4.34 19.78
C ARG C 281 41.43 -3.45 18.57
N ALA C 282 42.30 -3.90 17.67
CA ALA C 282 42.61 -3.12 16.47
C ALA C 282 41.36 -2.95 15.62
N ARG C 283 40.59 -4.01 15.46
CA ARG C 283 39.38 -3.94 14.65
C ARG C 283 38.39 -2.93 15.22
N ALA C 284 38.13 -3.02 16.52
CA ALA C 284 37.18 -2.09 17.14
C ALA C 284 37.70 -0.66 17.09
N ARG C 285 39.01 -0.46 17.31
CA ARG C 285 39.56 0.89 17.29
C ARG C 285 39.44 1.51 15.91
N LYS C 286 39.75 0.74 14.87
CA LYS C 286 39.60 1.26 13.51
C LYS C 286 38.13 1.52 13.18
N ALA C 287 37.24 0.62 13.60
CA ALA C 287 35.83 0.75 13.24
C ALA C 287 35.19 1.96 13.91
N VAL C 288 35.49 2.20 15.19
CA VAL C 288 34.91 3.35 15.87
C VAL C 288 35.40 4.65 15.25
N ALA C 289 36.70 4.71 14.93
CA ALA C 289 37.25 5.91 14.28
C ALA C 289 36.61 6.13 12.91
N ALA C 290 36.43 5.06 12.14
CA ALA C 290 35.83 5.18 10.82
C ALA C 290 34.32 5.31 10.85
N ALA C 291 33.69 5.17 12.02
CA ALA C 291 32.26 5.39 12.15
C ALA C 291 31.92 6.70 12.85
N SER C 292 32.88 7.36 13.49
CA SER C 292 32.58 8.62 14.17
C SER C 292 33.33 9.79 13.56
N GLU C 293 33.42 9.87 12.23
CA GLU C 293 34.10 10.99 11.60
C GLU C 293 33.37 12.30 11.85
N GLY C 294 32.04 12.27 11.75
CA GLY C 294 31.23 13.45 11.97
C GLY C 294 30.90 13.75 13.41
N LEU C 295 31.44 12.97 14.35
CA LEU C 295 31.17 13.15 15.77
C LEU C 295 32.22 14.02 16.45
N ARG C 296 32.82 14.96 15.73
CA ARG C 296 33.83 15.85 16.31
C ARG C 296 33.19 17.16 16.72
N GLY C 297 33.60 17.67 17.89
CA GLY C 297 33.00 18.87 18.44
C GLY C 297 31.59 18.61 18.93
N LYS C 298 31.46 17.81 19.99
CA LYS C 298 30.16 17.35 20.44
C LYS C 298 30.09 17.46 21.96
N SER C 299 28.85 17.62 22.46
CA SER C 299 28.56 17.63 23.90
C SER C 299 27.40 16.66 24.09
N VAL C 300 27.71 15.43 24.50
CA VAL C 300 26.75 14.33 24.47
C VAL C 300 26.12 14.26 25.87
N PHE C 301 24.99 14.95 26.03
CA PHE C 301 24.24 14.92 27.27
C PHE C 301 23.52 13.59 27.42
N PHE C 302 23.73 12.94 28.56
CA PHE C 302 23.19 11.61 28.83
C PHE C 302 22.04 11.72 29.84
N LEU C 303 20.85 12.00 29.33
CA LEU C 303 19.66 11.97 30.16
C LEU C 303 19.39 10.52 30.56
N PRO C 304 18.82 10.26 31.76
CA PRO C 304 18.71 8.86 32.10
C PRO C 304 17.53 8.12 31.46
N SER C 306 19.58 4.42 29.56
CA SER C 306 20.24 3.23 29.05
C SER C 306 21.05 2.56 30.15
N GLN C 307 21.36 3.33 31.20
CA GLN C 307 22.21 2.90 32.30
C GLN C 307 23.63 2.63 31.80
N LEU C 308 23.85 2.87 30.51
CA LEU C 308 25.16 2.76 29.91
C LEU C 308 25.94 4.05 30.07
N GLU C 309 25.32 5.02 30.74
CA GLU C 309 25.76 6.42 30.72
C GLU C 309 27.21 6.63 31.13
N PRO C 310 27.73 6.03 32.21
CA PRO C 310 29.16 6.18 32.50
C PRO C 310 30.03 5.47 31.48
N SER C 311 29.64 4.24 31.12
CA SER C 311 30.41 3.47 30.16
C SER C 311 30.41 4.14 28.79
N LEU C 312 29.24 4.58 28.33
CA LEU C 312 29.18 5.29 27.05
C LEU C 312 29.86 6.64 27.13
N ALA C 313 29.79 7.30 28.29
CA ALA C 313 30.49 8.57 28.46
C ALA C 313 32.00 8.39 28.30
N ARG C 314 32.55 7.32 28.87
CA ARG C 314 33.96 7.01 28.65
C ARG C 314 34.24 6.60 27.21
N PHE C 315 33.33 5.84 26.59
CA PHE C 315 33.50 5.49 25.19
C PHE C 315 33.58 6.73 24.31
N LEU C 316 32.84 7.77 24.66
CA LEU C 316 32.84 9.03 23.92
C LEU C 316 33.76 10.04 24.60
N THR C 317 35.07 9.75 24.59
CA THR C 317 36.04 10.77 24.98
C THR C 317 37.18 10.92 23.98
N ARG C 318 37.67 9.84 23.38
CA ARG C 318 38.89 9.88 22.58
C ARG C 318 38.64 10.11 21.10
N GLU C 319 37.70 9.39 20.50
CA GLU C 319 37.47 9.53 19.07
C GLU C 319 36.90 10.91 18.74
N CYS C 320 37.54 11.59 17.80
CA CYS C 320 37.18 12.95 17.37
C CYS C 320 37.02 13.82 18.61
N GLY C 321 35.98 14.65 18.70
CA GLY C 321 35.80 15.50 19.86
C GLY C 321 34.48 15.27 20.58
N MET C 322 34.55 14.75 21.80
CA MET C 322 33.36 14.48 22.61
C MET C 322 33.51 15.19 23.96
N SER C 323 33.07 16.44 24.01
CA SER C 323 33.08 17.22 25.24
C SER C 323 31.81 16.88 26.02
N ALA C 324 31.81 15.70 26.64
CA ALA C 324 30.62 15.19 27.29
C ALA C 324 30.18 16.10 28.44
N VAL C 325 28.88 16.12 28.67
CA VAL C 325 28.28 16.93 29.73
C VAL C 325 27.36 15.99 30.53
N GLU C 326 26.62 16.54 31.47
CA GLU C 326 25.96 15.81 32.57
C GLU C 326 25.44 14.45 32.11
N VAL C 327 25.79 13.42 32.86
CA VAL C 327 25.48 12.03 32.51
C VAL C 327 24.72 11.42 33.69
N GLY C 328 23.40 11.45 33.64
CA GLY C 328 22.58 10.88 34.68
C GLY C 328 22.18 9.45 34.36
N THR C 329 21.75 8.74 35.41
CA THR C 329 21.29 7.37 35.26
C THR C 329 19.98 7.20 36.02
N PRO C 330 19.10 6.27 35.59
CA PRO C 330 17.93 5.91 36.47
C PRO C 330 18.30 5.04 37.67
N PHE C 331 19.52 4.50 37.72
CA PHE C 331 19.95 3.65 38.81
C PHE C 331 21.46 3.55 38.76
N LEU C 332 22.18 4.12 39.73
CA LEU C 332 23.63 4.15 39.70
C LEU C 332 24.21 3.58 40.98
N HIS C 333 25.15 2.64 40.83
CA HIS C 333 26.03 2.23 41.92
C HIS C 333 27.44 2.11 41.38
N ARG C 334 28.41 2.67 42.09
CA ARG C 334 29.80 2.42 41.77
C ARG C 334 30.15 0.96 42.04
N GLY C 335 29.97 0.50 43.27
CA GLY C 335 30.26 -0.86 43.64
C GLY C 335 31.66 -1.26 43.24
N ILE C 336 31.78 -2.46 42.67
CA ILE C 336 33.02 -2.90 42.05
C ILE C 336 32.86 -2.66 40.55
N LEU C 337 31.70 -2.12 40.17
CA LEU C 337 31.48 -1.56 38.84
C LEU C 337 32.14 -0.20 38.69
N GLY C 338 33.01 0.16 39.63
CA GLY C 338 33.62 1.46 39.69
C GLY C 338 34.58 1.87 38.57
N PRO C 339 35.23 0.90 37.86
CA PRO C 339 36.12 1.29 36.76
C PRO C 339 35.50 2.27 35.77
N ASP C 340 34.17 2.26 35.64
CA ASP C 340 33.50 3.26 34.83
C ASP C 340 33.84 4.66 35.29
N LEU C 341 33.55 4.96 36.56
CA LEU C 341 33.80 6.29 37.11
C LEU C 341 35.30 6.55 37.26
N ASP C 342 36.07 5.52 37.58
CA ASP C 342 37.51 5.67 37.70
C ASP C 342 38.12 6.12 36.37
N LEU C 343 37.62 5.56 35.27
CA LEU C 343 38.10 5.95 33.95
C LEU C 343 37.27 7.09 33.36
N LEU C 344 36.27 7.57 34.09
CA LEU C 344 35.43 8.68 33.65
C LEU C 344 36.05 9.99 34.12
N ALA C 345 35.78 11.06 33.37
CA ALA C 345 36.30 12.38 33.68
C ALA C 345 35.42 13.05 34.73
N GLU C 346 35.62 14.36 34.93
CA GLU C 346 34.81 15.12 35.87
C GLU C 346 33.85 16.09 35.22
N GLY C 347 34.02 16.36 33.92
CA GLY C 347 33.14 17.23 33.18
C GLY C 347 31.68 16.85 33.30
N PRO C 348 31.32 15.65 32.83
CA PRO C 348 29.91 15.22 32.92
C PRO C 348 29.50 14.87 34.35
N VAL C 349 28.44 15.50 34.83
CA VAL C 349 27.99 15.29 36.20
C VAL C 349 27.33 13.91 36.31
N LEU C 350 27.70 13.16 37.33
CA LEU C 350 27.16 11.82 37.56
C LEU C 350 25.96 11.87 38.51
N SER C 351 24.93 12.59 38.08
CA SER C 351 23.76 12.84 38.91
C SER C 351 22.85 11.62 38.90
N GLU C 352 22.81 10.90 40.01
CA GLU C 352 21.84 9.82 40.16
C GLU C 352 20.52 10.41 40.62
N GLY C 353 19.44 10.05 39.94
CA GLY C 353 18.14 10.58 40.25
C GLY C 353 17.94 11.93 39.59
N GLN C 354 16.86 12.09 38.85
CA GLN C 354 16.66 13.29 38.04
C GLN C 354 15.18 13.47 37.79
N ASP C 355 14.84 14.64 37.26
CA ASP C 355 13.48 14.94 36.83
C ASP C 355 13.61 15.69 35.51
N VAL C 356 12.97 15.18 34.46
CA VAL C 356 13.07 15.83 33.15
C VAL C 356 12.47 17.23 33.25
N GLU C 357 11.47 17.41 34.12
CA GLU C 357 10.79 18.70 34.17
C GLU C 357 11.73 19.82 34.60
N ARG C 358 12.90 19.49 35.15
CA ARG C 358 13.98 20.43 35.36
C ARG C 358 15.28 20.03 34.68
N GLN C 359 15.47 18.73 34.41
CA GLN C 359 16.64 18.31 33.66
C GLN C 359 16.63 18.89 32.25
N LEU C 360 15.44 19.07 31.66
CA LEU C 360 15.36 19.68 30.35
C LEU C 360 15.62 21.18 30.42
N ASP C 361 15.31 21.82 31.54
CA ASP C 361 15.77 23.19 31.76
C ASP C 361 17.29 23.25 31.79
N ARG C 362 17.91 22.31 32.51
CA ARG C 362 19.37 22.21 32.49
C ARG C 362 19.89 21.91 31.09
N VAL C 363 19.10 21.21 30.28
CA VAL C 363 19.49 20.90 28.90
C VAL C 363 19.45 22.17 28.06
N ARG C 364 18.38 22.95 28.18
CA ARG C 364 18.29 24.22 27.48
C ARG C 364 19.46 25.12 27.84
N ALA C 365 19.76 25.22 29.13
CA ALA C 365 20.90 26.04 29.57
C ALA C 365 22.20 25.50 29.02
N ALA C 366 22.37 24.18 29.05
CA ALA C 366 23.61 23.57 28.57
C ALA C 366 23.75 23.68 27.06
N ARG C 367 22.65 23.53 26.33
CA ARG C 367 22.62 23.41 24.87
C ARG C 367 23.66 22.34 24.45
N PRO C 368 23.34 21.06 24.69
CA PRO C 368 24.27 19.99 24.26
C PRO C 368 23.97 19.60 22.82
N ASP C 369 25.03 19.56 22.00
CA ASP C 369 24.85 19.36 20.57
C ASP C 369 24.29 17.99 20.23
N LEU C 370 24.39 17.02 21.15
CA LEU C 370 23.73 15.72 21.02
C LEU C 370 23.22 15.35 22.42
N THR C 371 21.97 15.68 22.70
CA THR C 371 21.40 15.32 24.00
C THR C 371 20.73 13.95 23.89
N VAL C 372 21.53 12.90 24.02
CA VAL C 372 20.94 11.57 23.96
C VAL C 372 20.04 11.37 25.17
N CYS C 373 18.74 11.34 24.91
CA CYS C 373 17.72 11.43 25.95
C CYS C 373 16.95 10.12 26.00
N GLY C 374 17.12 9.38 27.12
CA GLY C 374 16.41 8.12 27.27
C GLY C 374 14.91 8.27 27.11
N LEU C 375 14.28 9.06 27.97
CA LEU C 375 12.86 9.34 27.85
C LEU C 375 12.51 10.65 28.53
N GLY C 376 11.22 10.82 28.82
CA GLY C 376 10.67 12.04 29.34
C GLY C 376 10.30 12.99 28.23
N LEU C 377 11.33 13.56 27.59
CA LEU C 377 11.11 14.56 26.54
C LEU C 377 11.34 13.91 25.18
N ALA C 378 12.53 13.35 24.96
CA ALA C 378 12.86 12.55 23.78
C ALA C 378 12.72 13.41 22.53
N ASN C 379 11.92 13.01 21.53
CA ASN C 379 11.89 13.67 20.20
C ASN C 379 11.53 15.15 20.21
N PRO C 380 10.60 15.65 21.04
CA PRO C 380 10.39 17.10 21.11
C PRO C 380 11.68 17.88 21.32
N LEU C 381 12.71 17.23 21.87
CA LEU C 381 14.02 17.84 21.92
C LEU C 381 14.53 18.14 20.52
N GLU C 382 14.39 17.18 19.60
CA GLU C 382 14.66 17.44 18.20
C GLU C 382 13.68 18.44 17.61
N ALA C 383 12.52 18.61 18.25
CA ALA C 383 11.55 19.60 17.81
C ALA C 383 11.81 21.00 18.38
N GLU C 384 12.72 21.14 19.34
CA GLU C 384 13.11 22.44 19.89
C GLU C 384 14.60 22.66 19.71
N GLY C 385 15.10 22.30 18.53
CA GLY C 385 16.48 22.57 18.17
C GLY C 385 17.53 21.88 18.99
N PHE C 386 17.27 20.64 19.43
CA PHE C 386 18.24 19.85 20.19
C PHE C 386 18.36 18.48 19.50
N THR C 387 19.51 18.22 18.88
CA THR C 387 19.74 16.90 18.31
C THR C 387 19.69 15.83 19.39
N THR C 388 18.97 14.75 19.12
CA THR C 388 18.64 13.76 20.13
C THR C 388 18.93 12.36 19.65
N LYS C 389 19.59 11.58 20.50
CA LYS C 389 19.76 10.14 20.31
C LYS C 389 18.92 9.44 21.38
N TRP C 390 18.51 8.21 21.10
CA TRP C 390 17.63 7.44 21.97
CA TRP C 390 17.66 7.48 22.01
C TRP C 390 18.30 6.14 22.40
N ALA C 391 18.06 5.75 23.64
CA ALA C 391 18.81 4.71 24.34
C ALA C 391 18.56 3.30 23.81
N ILE C 392 17.32 2.95 23.50
CA ILE C 392 17.03 1.54 23.20
C ILE C 392 17.68 1.12 21.90
N GLU C 393 18.03 2.08 21.04
CA GLU C 393 18.86 1.76 19.89
C GLU C 393 20.21 1.21 20.33
N LEU C 394 20.83 1.87 21.31
CA LEU C 394 22.09 1.38 21.84
C LEU C 394 21.91 0.03 22.54
N VAL C 395 20.82 -0.12 23.29
CA VAL C 395 20.64 -1.35 24.07
C VAL C 395 20.34 -2.55 23.17
N PHE C 396 19.53 -2.38 22.13
CA PHE C 396 19.02 -3.48 21.32
C PHE C 396 19.71 -3.58 19.96
N THR C 397 20.91 -3.01 19.85
CA THR C 397 21.71 -3.19 18.64
C THR C 397 23.12 -3.59 19.06
N PRO C 398 23.66 -4.69 18.53
CA PRO C 398 24.96 -5.21 18.99
C PRO C 398 26.06 -4.15 19.06
N VAL C 399 26.51 -3.84 20.28
CA VAL C 399 27.49 -2.77 20.47
C VAL C 399 28.62 -3.20 21.41
N HIS C 400 28.83 -4.51 21.55
CA HIS C 400 29.76 -5.04 22.55
C HIS C 400 31.00 -5.60 21.84
N PHE C 401 32.12 -4.86 21.96
CA PHE C 401 33.43 -5.33 21.49
CA PHE C 401 33.46 -5.20 21.46
C PHE C 401 33.46 -5.59 19.97
N TYR C 402 34.65 -5.77 19.41
CA TYR C 402 34.88 -6.13 18.02
C TYR C 402 34.13 -5.22 17.05
N GLU C 403 33.44 -5.81 16.06
CA GLU C 403 32.66 -5.03 15.12
C GLU C 403 31.38 -4.49 15.73
N GLN C 404 30.95 -5.08 16.83
CA GLN C 404 29.73 -4.64 17.50
C GLN C 404 29.92 -3.26 18.13
N ALA C 405 30.96 -3.10 18.95
CA ALA C 405 31.24 -1.76 19.46
C ALA C 405 31.76 -0.84 18.36
N GLY C 406 32.13 -1.39 17.21
CA GLY C 406 32.59 -0.55 16.12
C GLY C 406 31.50 0.35 15.58
N ASP C 407 30.27 -0.15 15.52
CA ASP C 407 29.14 0.65 15.05
C ASP C 407 28.43 1.38 16.19
N LEU C 408 28.97 1.31 17.41
CA LEU C 408 28.49 2.20 18.47
C LEU C 408 28.70 3.66 18.09
N ALA C 409 29.84 3.95 17.47
CA ALA C 409 30.10 5.29 16.94
C ALA C 409 29.08 5.65 15.86
N GLY C 410 28.73 4.68 15.01
CA GLY C 410 27.70 4.95 14.01
C GLY C 410 26.34 5.22 14.63
N LEU C 411 26.02 4.47 15.69
CA LEU C 411 24.77 4.70 16.41
C LEU C 411 24.73 6.12 16.98
N PHE C 412 25.82 6.55 17.60
CA PHE C 412 25.86 7.91 18.14
C PHE C 412 25.98 8.98 17.06
N SER C 413 26.43 8.61 15.87
CA SER C 413 26.46 9.54 14.76
C SER C 413 25.12 9.65 14.04
N ARG C 414 24.24 8.66 14.20
CA ARG C 414 22.93 8.65 13.56
C ARG C 414 22.20 9.98 13.73
N PRO C 415 21.91 10.44 14.97
CA PRO C 415 21.25 11.74 15.10
C PRO C 415 22.09 12.88 14.56
N VAL C 416 23.41 12.80 14.67
CA VAL C 416 24.27 13.86 14.18
C VAL C 416 24.29 13.89 12.65
N ARG C 417 24.34 12.71 12.02
CA ARG C 417 24.31 12.70 10.56
C ARG C 417 22.94 13.09 10.04
N ARG C 418 21.89 12.89 10.84
CA ARG C 418 20.61 13.48 10.49
C ARG C 418 20.69 15.01 10.56
N ARG C 419 21.18 15.53 11.70
CA ARG C 419 21.18 16.97 11.92
C ARG C 419 22.04 17.68 10.88
N ALA C 420 23.06 17.00 10.34
CA ALA C 420 23.93 17.62 9.35
C ALA C 420 23.19 18.01 8.09
N ILE C 421 22.08 17.33 7.77
CA ILE C 421 21.38 17.58 6.52
C ILE C 421 19.91 17.94 6.73
N LEU C 422 19.16 17.09 7.43
CA LEU C 422 17.75 17.37 7.70
C LEU C 422 17.62 18.28 8.91
N ARG C 423 18.15 19.49 8.76
CA ARG C 423 18.12 20.47 9.85
C ARG C 423 16.71 21.02 10.05
N LEU D 3 -5.31 -12.60 28.04
CA LEU D 3 -3.98 -12.83 27.50
C LEU D 3 -3.80 -12.19 26.13
N THR D 4 -4.13 -10.91 26.04
CA THR D 4 -4.05 -10.19 24.76
C THR D 4 -2.58 -9.92 24.43
N LEU D 5 -2.01 -10.70 23.52
CA LEU D 5 -0.66 -10.46 23.06
C LEU D 5 -0.56 -9.16 22.26
N TRP D 6 -1.63 -8.79 21.55
CA TRP D 6 -1.82 -7.45 21.02
C TRP D 6 -3.10 -6.87 21.59
N THR D 7 -3.03 -5.61 22.01
CA THR D 7 -4.16 -4.87 22.55
C THR D 7 -4.64 -3.89 21.50
N TYR D 8 -5.95 -3.88 21.26
CA TYR D 8 -6.51 -3.05 20.19
C TYR D 8 -6.24 -1.57 20.46
N GLU D 9 -6.85 -1.04 21.51
CA GLU D 9 -6.64 0.34 21.89
C GLU D 9 -5.78 0.42 23.14
N GLY D 10 -5.32 1.62 23.46
CA GLY D 10 -4.44 1.82 24.59
C GLY D 10 -5.19 1.78 25.92
N PRO D 11 -4.57 2.33 26.95
CA PRO D 11 -5.26 2.48 28.23
C PRO D 11 -6.10 3.75 28.24
N PRO D 12 -7.04 3.89 29.18
CA PRO D 12 -7.94 5.05 29.15
C PRO D 12 -7.26 6.39 29.39
N HIS D 13 -5.95 6.43 29.58
CA HIS D 13 -5.25 7.70 29.75
C HIS D 13 -4.67 8.22 28.44
N VAL D 14 -4.34 7.31 27.51
CA VAL D 14 -3.71 7.75 26.27
C VAL D 14 -4.69 8.56 25.45
N GLY D 15 -5.99 8.27 25.54
CA GLY D 15 -6.98 9.06 24.83
C GLY D 15 -7.07 10.49 25.36
N ALA D 16 -7.03 10.64 26.68
CA ALA D 16 -6.98 11.98 27.25
C ALA D 16 -5.74 12.73 26.81
N MET D 17 -4.60 12.02 26.75
CA MET D 17 -3.38 12.65 26.24
C MET D 17 -3.50 12.99 24.76
N ARG D 18 -4.16 12.13 23.98
CA ARG D 18 -4.49 12.45 22.59
C ARG D 18 -5.19 13.79 22.53
N VAL D 19 -6.21 13.95 23.37
CA VAL D 19 -7.01 15.17 23.36
C VAL D 19 -6.15 16.37 23.72
N ALA D 20 -5.40 16.25 24.81
CA ALA D 20 -4.62 17.37 25.30
C ALA D 20 -3.48 17.74 24.37
N THR D 21 -3.03 16.83 23.52
CA THR D 21 -1.95 17.14 22.59
C THR D 21 -2.37 18.22 21.59
N GLY D 22 -3.62 18.17 21.12
CA GLY D 22 -4.14 19.19 20.23
C GLY D 22 -4.62 20.45 20.91
N MET D 23 -4.61 20.48 22.24
CA MET D 23 -5.03 21.64 23.02
C MET D 23 -3.79 22.27 23.63
N THR D 24 -3.31 23.34 23.02
CA THR D 24 -2.09 24.02 23.46
C THR D 24 -2.37 24.74 24.77
N GLY D 25 -1.96 24.14 25.88
CA GLY D 25 -2.10 24.77 27.18
C GLY D 25 -2.81 23.90 28.20
N MET D 26 -3.80 23.14 27.77
CA MET D 26 -4.61 22.37 28.70
C MET D 26 -3.82 21.18 29.22
N HIS D 27 -3.81 20.99 30.53
CA HIS D 27 -2.91 20.03 31.17
C HIS D 27 -3.73 18.99 31.93
N TYR D 28 -3.09 17.88 32.30
CA TYR D 28 -3.79 16.76 32.91
C TYR D 28 -2.85 16.08 33.91
N VAL D 29 -3.19 16.14 35.19
CA VAL D 29 -2.31 15.59 36.21
C VAL D 29 -2.64 14.12 36.40
N LEU D 30 -1.74 13.25 35.96
CA LEU D 30 -1.94 11.81 35.94
C LEU D 30 -0.89 11.14 36.81
N HIS D 31 -1.33 10.31 37.76
CA HIS D 31 -0.44 9.53 38.62
C HIS D 31 -0.07 8.25 37.89
N ALA D 32 0.90 8.38 37.00
CA ALA D 32 1.37 7.28 36.16
C ALA D 32 2.82 6.95 36.48
N PRO D 33 3.12 5.78 37.02
CA PRO D 33 4.54 5.40 37.31
C PRO D 33 5.42 5.40 36.07
N GLN D 34 6.71 5.69 36.29
CA GLN D 34 7.67 5.68 35.19
C GLN D 34 7.63 4.34 34.46
N GLY D 35 7.27 4.38 33.18
CA GLY D 35 6.94 3.18 32.44
C GLY D 35 5.56 3.31 31.84
N ASP D 36 4.67 3.97 32.58
CA ASP D 36 3.44 4.51 32.00
C ASP D 36 3.69 5.78 31.21
N THR D 37 4.92 6.29 31.24
CA THR D 37 5.34 7.42 30.42
C THR D 37 5.75 7.00 29.02
N TYR D 38 5.60 5.71 28.69
CA TYR D 38 5.76 5.26 27.31
C TYR D 38 4.76 5.94 26.38
N ALA D 39 3.62 6.36 26.91
CA ALA D 39 2.63 7.02 26.07
C ALA D 39 2.94 8.48 25.82
N ASP D 40 3.88 9.06 26.59
CA ASP D 40 4.44 10.35 26.20
C ASP D 40 5.17 10.26 24.88
N LEU D 41 5.61 9.06 24.49
CA LEU D 41 6.20 8.91 23.16
C LEU D 41 5.13 9.01 22.09
N LEU D 42 4.02 8.30 22.28
CA LEU D 42 3.07 8.03 21.19
C LEU D 42 2.83 9.23 20.27
N PHE D 43 2.61 10.41 20.85
CA PHE D 43 2.25 11.60 20.09
C PHE D 43 3.45 12.37 19.57
N THR D 44 4.64 11.81 19.65
CA THR D 44 5.82 12.31 18.94
C THR D 44 6.64 11.18 18.34
N MET D 45 6.22 9.94 18.53
CA MET D 45 6.90 8.72 18.14
C MET D 45 6.07 8.03 17.05
N ILE D 46 4.81 7.74 17.38
CA ILE D 46 3.88 7.12 16.45
C ILE D 46 3.21 8.19 15.58
N GLU D 47 2.52 9.14 16.24
CA GLU D 47 2.01 10.35 15.58
C GLU D 47 3.06 11.43 15.74
N ARG D 48 4.03 11.43 14.85
CA ARG D 48 5.27 12.17 15.08
C ARG D 48 4.96 13.66 15.04
N ARG D 49 4.87 14.25 16.22
CA ARG D 49 4.66 15.69 16.42
C ARG D 49 5.86 16.25 17.16
N GLY D 50 5.77 17.54 17.53
CA GLY D 50 6.91 18.20 18.12
C GLY D 50 6.64 18.87 19.45
N LYS D 51 5.81 18.25 20.29
CA LYS D 51 5.44 18.84 21.57
C LYS D 51 5.27 17.73 22.60
N ARG D 52 5.91 17.89 23.75
CA ARG D 52 5.69 16.98 24.86
C ARG D 52 4.22 17.07 25.27
N PRO D 53 3.52 15.95 25.38
CA PRO D 53 2.07 15.98 25.64
C PRO D 53 1.76 16.82 26.87
N PRO D 54 0.78 17.72 26.76
CA PRO D 54 0.37 18.54 27.92
C PRO D 54 -0.47 17.74 28.91
N VAL D 55 0.17 16.77 29.56
CA VAL D 55 -0.46 15.92 30.56
C VAL D 55 0.58 15.64 31.65
N SER D 56 0.27 16.03 32.88
CA SER D 56 1.24 15.89 33.96
C SER D 56 1.45 14.43 34.32
N TYR D 57 2.68 14.09 34.67
CA TYR D 57 3.02 12.77 35.15
C TYR D 57 3.69 12.91 36.51
N THR D 58 3.49 11.92 37.37
CA THR D 58 4.08 11.93 38.71
C THR D 58 5.13 10.86 38.90
N THR D 59 4.90 9.64 38.40
CA THR D 59 5.87 8.56 38.45
C THR D 59 6.32 8.28 39.89
N PHE D 60 5.37 7.86 40.72
CA PHE D 60 5.68 7.51 42.10
C PHE D 60 6.39 6.14 42.12
N GLN D 61 7.53 6.09 42.80
CA GLN D 61 8.39 4.92 42.81
CA GLN D 61 8.37 4.91 42.80
C GLN D 61 8.04 4.01 43.99
N ALA D 62 8.90 3.02 44.24
CA ALA D 62 8.68 2.08 45.33
C ALA D 62 8.76 2.78 46.69
N ARG D 63 9.71 3.69 46.85
CA ARG D 63 9.78 4.47 48.08
C ARG D 63 8.61 5.43 48.24
N ASP D 64 7.66 5.42 47.30
CA ASP D 64 6.51 6.31 47.32
C ASP D 64 5.24 5.48 47.17
N LEU D 65 4.74 4.95 48.29
CA LEU D 65 3.49 4.21 48.34
C LEU D 65 2.67 4.71 49.52
N GLY D 66 1.43 5.12 49.26
CA GLY D 66 0.57 5.60 50.31
C GLY D 66 0.22 7.08 50.19
N SER D 67 0.31 7.81 51.31
CA SER D 67 0.03 9.24 51.30
C SER D 67 1.16 10.05 50.66
N ASP D 68 2.35 9.46 50.54
CA ASP D 68 3.40 10.11 49.78
C ASP D 68 2.96 10.39 48.35
N THR D 69 2.25 9.45 47.73
CA THR D 69 1.69 9.69 46.41
C THR D 69 0.72 10.87 46.44
N ALA D 70 -0.03 11.02 47.53
CA ALA D 70 -0.92 12.18 47.66
C ALA D 70 -0.13 13.47 47.69
N GLU D 71 1.03 13.48 48.35
CA GLU D 71 1.86 14.68 48.34
C GLU D 71 2.48 14.94 46.97
N LEU D 72 2.95 13.89 46.30
CA LEU D 72 3.49 14.03 44.95
C LEU D 72 2.45 14.53 43.96
N PHE D 73 1.18 14.20 44.19
CA PHE D 73 0.11 14.78 43.37
C PHE D 73 0.20 16.31 43.35
N GLN D 74 0.25 16.91 44.54
CA GLN D 74 0.26 18.37 44.63
C GLN D 74 1.60 18.94 44.18
N SER D 75 2.70 18.25 44.50
CA SER D 75 4.01 18.73 44.04
C SER D 75 4.07 18.79 42.53
N ALA D 76 3.67 17.70 41.86
CA ALA D 76 3.67 17.68 40.40
C ALA D 76 2.70 18.70 39.82
N CYS D 77 1.53 18.87 40.45
CA CYS D 77 0.56 19.84 39.96
C CYS D 77 1.14 21.26 39.99
N ARG D 78 1.73 21.63 41.14
CA ARG D 78 2.29 22.97 41.26
C ARG D 78 3.45 23.18 40.29
N ASP D 79 4.34 22.20 40.18
CA ASP D 79 5.49 22.34 39.28
C ASP D 79 5.03 22.42 37.83
N ALA D 80 4.04 21.61 37.45
CA ALA D 80 3.52 21.66 36.09
C ALA D 80 2.88 23.01 35.78
N TYR D 81 2.13 23.56 36.75
CA TYR D 81 1.56 24.89 36.51
C TYR D 81 2.65 25.93 36.36
N GLU D 82 3.66 25.91 37.23
CA GLU D 82 4.73 26.90 37.13
C GLU D 82 5.56 26.72 35.86
N ARG D 83 5.52 25.53 35.25
CA ARG D 83 6.31 25.28 34.06
C ARG D 83 5.91 26.20 32.91
N PHE D 84 4.66 26.07 32.42
CA PHE D 84 4.25 26.75 31.20
C PHE D 84 2.96 27.54 31.34
N GLN D 85 2.47 27.76 32.56
CA GLN D 85 1.24 28.53 32.81
C GLN D 85 0.07 27.98 31.99
N PRO D 86 -0.48 26.82 32.36
CA PRO D 86 -1.59 26.24 31.60
C PRO D 86 -2.83 27.12 31.63
N GLN D 87 -3.85 26.67 30.89
CA GLN D 87 -5.15 27.33 30.87
C GLN D 87 -6.24 26.55 31.58
N ALA D 88 -6.05 25.24 31.77
CA ALA D 88 -6.98 24.44 32.57
C ALA D 88 -6.23 23.22 33.09
N ILE D 89 -6.70 22.71 34.24
CA ILE D 89 -6.09 21.55 34.89
C ILE D 89 -7.14 20.46 35.04
N MET D 90 -6.78 19.24 34.63
CA MET D 90 -7.61 18.06 34.74
C MET D 90 -6.93 17.04 35.63
N VAL D 91 -7.68 16.44 36.54
CA VAL D 91 -7.14 15.50 37.51
C VAL D 91 -7.70 14.11 37.22
N GLY D 92 -6.90 13.10 37.52
CA GLY D 92 -7.26 11.72 37.24
C GLY D 92 -6.03 10.83 37.31
N SER D 93 -6.22 9.57 37.69
CA SER D 93 -5.11 8.66 37.93
C SER D 93 -5.18 7.46 36.99
N SER D 94 -4.05 6.77 36.87
CA SER D 94 -4.01 5.47 36.22
C SER D 94 -4.65 4.39 37.07
N CYS D 95 -5.02 4.72 38.31
CA CYS D 95 -5.76 3.91 39.28
C CYS D 95 -4.93 2.81 39.93
N THR D 96 -3.69 2.60 39.49
CA THR D 96 -2.95 1.38 39.84
C THR D 96 -2.83 1.19 41.34
N ALA D 97 -2.14 2.08 42.04
CA ALA D 97 -2.12 2.06 43.49
C ALA D 97 -3.22 2.91 44.09
N GLU D 98 -3.88 3.73 43.28
CA GLU D 98 -4.89 4.67 43.74
C GLU D 98 -6.02 4.76 42.70
N LEU D 99 -7.00 3.87 42.82
CA LEU D 99 -8.22 4.03 42.04
C LEU D 99 -8.83 5.43 42.23
N ILE D 100 -9.19 5.77 43.47
CA ILE D 100 -9.90 7.02 43.73
C ILE D 100 -9.31 7.70 44.98
N GLN D 101 -8.10 7.28 45.39
CA GLN D 101 -7.64 7.56 46.75
C GLN D 101 -6.45 8.52 46.84
N ASP D 102 -6.16 9.31 45.80
CA ASP D 102 -5.29 10.47 46.01
C ASP D 102 -5.79 11.75 45.38
N ASP D 103 -6.97 11.73 44.75
CA ASP D 103 -7.47 12.93 44.08
C ASP D 103 -7.44 14.10 45.04
N THR D 104 -6.59 15.08 44.73
CA THR D 104 -6.33 16.20 45.64
C THR D 104 -6.40 17.48 44.82
N GLY D 105 -7.54 18.15 44.88
CA GLY D 105 -7.72 19.38 44.14
C GLY D 105 -7.13 20.59 44.82
N GLY D 106 -6.84 20.48 46.12
CA GLY D 106 -6.40 21.61 46.93
C GLY D 106 -5.48 22.60 46.25
N LEU D 107 -4.43 22.09 45.60
CA LEU D 107 -3.51 22.96 44.87
C LEU D 107 -3.71 22.91 43.36
N ALA D 108 -4.54 21.99 42.85
CA ALA D 108 -4.92 22.04 41.44
C ALA D 108 -5.82 23.23 41.15
N ASP D 109 -6.74 23.52 42.06
CA ASP D 109 -7.40 24.81 42.14
C ASP D 109 -6.41 25.83 42.70
N ALA D 110 -6.89 27.04 42.99
CA ALA D 110 -6.04 28.14 43.45
C ALA D 110 -4.95 28.47 42.43
N LEU D 111 -5.32 28.41 41.15
CA LEU D 111 -4.47 28.85 40.06
C LEU D 111 -5.22 29.91 39.27
N SER D 112 -4.52 30.56 38.34
CA SER D 112 -5.14 31.65 37.58
C SER D 112 -6.32 31.15 36.75
N LEU D 113 -6.39 29.83 36.59
CA LEU D 113 -7.39 29.05 35.87
C LEU D 113 -8.80 29.40 36.31
N PRO D 114 -9.64 29.95 35.44
CA PRO D 114 -11.01 30.31 35.86
C PRO D 114 -11.83 29.12 36.33
N VAL D 115 -11.68 27.97 35.70
CA VAL D 115 -12.51 26.79 35.96
C VAL D 115 -11.58 25.66 36.41
N PRO D 116 -11.46 25.38 37.71
CA PRO D 116 -10.56 24.30 38.15
C PRO D 116 -11.27 22.97 38.37
N VAL D 117 -12.60 22.97 38.28
CA VAL D 117 -13.36 21.74 38.53
C VAL D 117 -13.14 20.73 37.40
N VAL D 118 -12.50 21.15 36.32
CA VAL D 118 -12.15 20.28 35.20
C VAL D 118 -11.40 19.06 35.71
N HIS D 119 -11.88 17.87 35.37
CA HIS D 119 -11.28 16.63 35.83
C HIS D 119 -11.75 15.51 34.93
N LEU D 120 -10.85 14.60 34.57
CA LEU D 120 -11.18 13.40 33.81
C LEU D 120 -10.87 12.19 34.68
N GLU D 121 -11.92 11.57 35.19
CA GLU D 121 -11.81 10.26 35.83
C GLU D 121 -12.21 9.19 34.82
N LEU D 122 -11.34 8.19 34.67
CA LEU D 122 -11.58 7.12 33.73
C LEU D 122 -11.88 5.85 34.51
N PRO D 123 -12.90 5.09 34.13
CA PRO D 123 -13.27 3.89 34.90
C PRO D 123 -12.18 2.84 34.95
N SER D 124 -12.14 2.11 36.07
CA SER D 124 -11.03 1.21 36.35
C SER D 124 -11.14 -0.08 35.55
N TYR D 125 -10.12 -0.36 34.73
CA TYR D 125 -9.99 -1.61 34.01
C TYR D 125 -11.23 -1.94 33.19
N GLN D 126 -11.85 -0.93 32.58
CA GLN D 126 -13.11 -1.13 31.89
C GLN D 126 -13.14 -0.30 30.61
N ARG D 127 -11.97 0.09 30.11
CA ARG D 127 -11.92 1.11 29.07
C ARG D 127 -10.74 0.85 28.15
N LYS D 128 -10.70 1.62 27.06
CA LYS D 128 -9.64 1.59 26.05
C LYS D 128 -9.49 3.01 25.52
N GLU D 129 -8.84 3.15 24.35
CA GLU D 129 -8.56 4.47 23.78
C GLU D 129 -9.74 5.02 22.98
N ASN D 130 -10.95 4.99 23.57
CA ASN D 130 -12.05 5.77 23.01
C ASN D 130 -12.58 6.72 24.06
N PHE D 131 -12.93 6.17 25.23
CA PHE D 131 -13.42 7.03 26.30
C PHE D 131 -12.32 7.86 26.91
N GLY D 132 -11.05 7.48 26.70
CA GLY D 132 -9.97 8.36 27.11
C GLY D 132 -10.09 9.73 26.46
N ALA D 133 -10.46 9.75 25.19
CA ALA D 133 -10.68 10.99 24.46
C ALA D 133 -12.14 11.45 24.49
N ASP D 134 -13.06 10.61 24.93
CA ASP D 134 -14.48 10.99 25.01
C ASP D 134 -14.86 11.60 26.35
N GLU D 135 -14.43 11.01 27.47
CA GLU D 135 -14.52 11.68 28.76
C GLU D 135 -13.64 12.91 28.80
N SER D 136 -12.75 13.08 27.81
CA SER D 136 -12.18 14.40 27.59
C SER D 136 -13.29 15.42 27.33
N PHE D 137 -13.98 15.32 26.19
CA PHE D 137 -14.92 16.37 25.85
C PHE D 137 -16.28 16.18 26.50
N LEU D 138 -16.40 15.25 27.43
CA LEU D 138 -17.52 15.29 28.37
C LEU D 138 -17.19 16.10 29.62
N GLN D 139 -15.93 16.50 29.78
CA GLN D 139 -15.51 17.30 30.93
C GLN D 139 -14.86 18.63 30.52
N ILE D 140 -13.86 18.57 29.65
CA ILE D 140 -13.08 19.73 29.24
C ILE D 140 -13.86 20.68 28.37
N CYS D 141 -14.98 20.24 27.81
CA CYS D 141 -15.89 21.11 27.11
C CYS D 141 -17.18 21.31 27.86
N ARG D 142 -17.48 20.47 28.85
CA ARG D 142 -18.58 20.72 29.76
C ARG D 142 -18.24 21.82 30.76
N LYS D 143 -16.95 22.09 30.99
CA LYS D 143 -16.55 23.10 31.97
C LYS D 143 -16.17 24.42 31.30
N LEU D 144 -15.14 24.46 30.46
CA LEU D 144 -14.68 25.71 29.86
C LEU D 144 -15.24 25.93 28.44
N ALA D 145 -16.57 25.94 28.32
CA ALA D 145 -17.23 26.31 27.08
C ALA D 145 -18.46 27.12 27.41
N ARG D 146 -18.53 28.33 26.89
CA ARG D 146 -19.59 29.25 27.25
C ARG D 146 -20.71 29.24 26.22
N PRO D 147 -21.97 29.34 26.64
CA PRO D 147 -23.06 29.53 25.68
C PRO D 147 -23.01 30.91 25.05
N MET D 148 -21.97 31.13 24.25
CA MET D 148 -21.75 32.40 23.58
C MET D 148 -22.84 32.63 22.53
N GLU D 149 -23.08 33.91 22.21
CA GLU D 149 -24.05 34.25 21.20
C GLU D 149 -23.68 33.64 19.85
N ARG D 150 -24.67 33.13 19.14
CA ARG D 150 -24.44 32.58 17.81
C ARG D 150 -24.07 33.70 16.85
N THR D 151 -22.88 33.58 16.25
CA THR D 151 -22.37 34.67 15.41
C THR D 151 -23.28 34.92 14.22
N GLU D 152 -23.08 36.07 13.57
CA GLU D 152 -24.03 36.58 12.59
C GLU D 152 -24.27 35.58 11.47
N LYS D 153 -23.20 35.10 10.84
CA LYS D 153 -23.32 34.04 9.86
C LYS D 153 -23.56 32.71 10.57
N VAL D 154 -24.26 31.80 9.89
CA VAL D 154 -24.55 30.51 10.49
C VAL D 154 -23.24 29.76 10.68
N SER D 155 -22.84 29.57 11.92
CA SER D 155 -21.56 28.96 12.28
C SER D 155 -21.78 27.55 12.79
N CYS D 156 -20.69 26.85 13.05
CA CYS D 156 -20.74 25.45 13.45
C CYS D 156 -19.49 25.11 14.25
N ASN D 157 -19.43 23.87 14.72
CA ASN D 157 -18.27 23.35 15.44
C ASN D 157 -17.90 22.01 14.85
N LEU D 158 -16.62 21.83 14.54
CA LEU D 158 -16.10 20.56 14.03
C LEU D 158 -15.76 19.69 15.23
N LEU D 159 -16.69 18.82 15.61
CA LEU D 159 -16.60 18.11 16.88
C LEU D 159 -16.22 16.65 16.67
N GLY D 160 -15.34 16.15 17.53
CA GLY D 160 -14.97 14.76 17.51
C GLY D 160 -13.50 14.39 17.30
N PRO D 161 -12.79 15.06 16.39
CA PRO D 161 -11.44 14.58 16.04
C PRO D 161 -10.41 14.83 17.13
N THR D 162 -9.78 13.75 17.60
CA THR D 162 -8.73 13.83 18.61
C THR D 162 -7.41 13.40 18.01
N ALA D 163 -6.31 13.84 18.63
CA ALA D 163 -4.99 13.46 18.16
C ALA D 163 -4.78 11.96 18.35
N LEU D 164 -3.72 11.45 17.72
CA LEU D 164 -3.48 10.01 17.62
C LEU D 164 -4.75 9.28 17.21
N GLY D 165 -5.57 9.95 16.40
CA GLY D 165 -6.79 9.35 15.89
C GLY D 165 -6.59 8.95 14.45
N PHE D 166 -7.45 8.08 13.93
CA PHE D 166 -7.26 7.55 12.59
C PHE D 166 -7.51 8.66 11.57
N ARG D 167 -6.43 9.28 11.12
CA ARG D 167 -6.47 10.27 10.03
C ARG D 167 -7.39 11.43 10.37
N HIS D 168 -7.46 11.80 11.64
CA HIS D 168 -8.41 12.82 12.08
C HIS D 168 -8.04 14.20 11.54
N ARG D 169 -6.74 14.50 11.45
CA ARG D 169 -6.32 15.83 11.05
C ARG D 169 -6.79 16.17 9.65
N ASP D 170 -6.92 15.18 8.76
CA ASP D 170 -7.38 15.44 7.40
C ASP D 170 -8.89 15.37 7.26
N ASP D 171 -9.54 14.54 8.06
CA ASP D 171 -10.99 14.59 8.18
C ASP D 171 -11.44 15.99 8.56
N ILE D 172 -10.69 16.64 9.45
CA ILE D 172 -11.01 18.00 9.85
C ILE D 172 -11.05 18.93 8.64
N LEU D 173 -10.00 18.90 7.82
CA LEU D 173 -9.94 19.81 6.69
C LEU D 173 -11.00 19.48 5.64
N GLU D 174 -11.27 18.19 5.40
CA GLU D 174 -12.28 17.87 4.40
C GLU D 174 -13.66 18.36 4.82
N VAL D 175 -14.04 18.11 6.08
CA VAL D 175 -15.36 18.54 6.52
C VAL D 175 -15.44 20.06 6.60
N THR D 176 -14.35 20.71 7.01
CA THR D 176 -14.33 22.17 7.01
C THR D 176 -14.48 22.73 5.61
N ARG D 177 -13.81 22.12 4.63
CA ARG D 177 -13.96 22.55 3.24
C ARG D 177 -15.39 22.38 2.76
N LEU D 178 -16.01 21.24 3.08
CA LEU D 178 -17.40 21.02 2.72
C LEU D 178 -18.30 22.11 3.33
N LEU D 179 -18.13 22.36 4.62
CA LEU D 179 -19.00 23.31 5.32
C LEU D 179 -18.81 24.73 4.79
N GLU D 180 -17.56 25.13 4.53
CA GLU D 180 -17.31 26.48 4.04
C GLU D 180 -17.82 26.64 2.61
N GLY D 181 -17.66 25.62 1.77
CA GLY D 181 -18.19 25.70 0.43
C GLY D 181 -19.71 25.68 0.39
N MET D 182 -20.34 25.07 1.39
CA MET D 182 -21.78 25.12 1.54
C MET D 182 -22.26 26.42 2.17
N GLY D 183 -21.35 27.20 2.75
CA GLY D 183 -21.70 28.44 3.41
C GLY D 183 -21.77 28.35 4.92
N ILE D 184 -21.40 27.22 5.50
CA ILE D 184 -21.47 27.01 6.94
C ILE D 184 -20.13 27.43 7.55
N ALA D 185 -20.18 28.42 8.44
CA ALA D 185 -18.97 28.83 9.14
C ALA D 185 -18.59 27.79 10.18
N VAL D 186 -17.29 27.60 10.35
CA VAL D 186 -16.75 26.71 11.38
C VAL D 186 -16.13 27.59 12.45
N ASN D 187 -16.78 27.67 13.61
CA ASN D 187 -16.28 28.52 14.69
C ASN D 187 -14.93 28.01 15.18
N ALA D 188 -14.79 26.70 15.33
CA ALA D 188 -13.53 26.14 15.80
C ALA D 188 -13.54 24.65 15.50
N VAL D 189 -12.35 24.10 15.34
CA VAL D 189 -12.16 22.65 15.32
C VAL D 189 -11.83 22.28 16.77
N ALA D 190 -12.87 22.10 17.59
CA ALA D 190 -12.64 22.10 19.03
C ALA D 190 -11.84 20.91 19.54
N PRO D 191 -12.13 19.69 19.16
CA PRO D 191 -11.31 18.51 19.60
C PRO D 191 -9.87 18.41 19.12
N MET D 192 -9.48 19.19 18.12
CA MET D 192 -8.14 19.04 17.57
C MET D 192 -7.68 20.36 16.97
N GLY D 193 -6.41 20.68 17.19
CA GLY D 193 -5.85 21.89 16.62
C GLY D 193 -6.51 23.16 17.10
N ALA D 194 -7.00 23.19 18.33
CA ALA D 194 -7.73 24.33 18.87
C ALA D 194 -6.94 24.99 20.00
N SER D 195 -7.57 25.97 20.62
CA SER D 195 -7.05 26.68 21.77
C SER D 195 -8.16 26.78 22.81
N PRO D 196 -7.81 26.95 24.09
CA PRO D 196 -8.85 27.11 25.12
C PRO D 196 -9.77 28.30 24.86
N ALA D 197 -9.29 29.35 24.21
CA ALA D 197 -10.18 30.41 23.75
C ALA D 197 -11.20 29.86 22.76
N ASP D 198 -10.74 29.05 21.82
CA ASP D 198 -11.65 28.45 20.84
C ASP D 198 -12.67 27.54 21.52
N ILE D 199 -12.25 26.78 22.53
CA ILE D 199 -13.18 25.86 23.18
C ILE D 199 -14.18 26.64 24.04
N ALA D 200 -13.75 27.78 24.59
CA ALA D 200 -14.70 28.68 25.23
C ALA D 200 -15.69 29.23 24.21
N ARG D 201 -15.26 29.45 22.98
CA ARG D 201 -16.14 29.91 21.92
C ARG D 201 -16.95 28.79 21.30
N LEU D 202 -17.65 27.98 22.09
CA LEU D 202 -18.56 27.00 21.50
C LEU D 202 -20.00 27.48 21.43
N GLY D 203 -20.31 28.67 21.98
CA GLY D 203 -21.63 29.21 21.77
C GLY D 203 -21.82 29.85 20.41
N ALA D 204 -20.74 30.32 19.78
CA ALA D 204 -20.83 30.94 18.47
C ALA D 204 -20.89 29.88 17.38
N ALA D 205 -21.84 28.94 17.51
CA ALA D 205 -21.99 27.86 16.55
C ALA D 205 -23.46 27.47 16.51
N HIS D 206 -24.09 27.67 15.35
CA HIS D 206 -25.51 27.37 15.22
C HIS D 206 -25.78 25.87 15.40
N PHE D 207 -24.81 25.02 15.13
CA PHE D 207 -24.95 23.59 15.33
C PHE D 207 -23.59 22.90 15.31
N ASN D 208 -23.33 22.03 16.27
CA ASN D 208 -22.11 21.23 16.21
C ASN D 208 -22.17 20.28 15.02
N VAL D 209 -21.04 20.13 14.35
CA VAL D 209 -20.92 19.16 13.26
C VAL D 209 -20.15 17.98 13.84
N LEU D 210 -20.83 16.85 13.98
CA LEU D 210 -20.21 15.72 14.64
C LEU D 210 -19.34 14.99 13.61
N LEU D 211 -18.19 14.48 14.05
CA LEU D 211 -17.30 13.79 13.13
C LEU D 211 -17.26 12.28 13.38
N TYR D 212 -17.22 11.83 14.65
CA TYR D 212 -17.31 10.37 14.98
C TYR D 212 -17.80 10.06 16.41
N PRO D 213 -18.76 9.15 16.74
CA PRO D 213 -19.11 8.79 18.15
C PRO D 213 -17.91 8.38 19.02
N GLU D 214 -16.83 7.90 18.40
CA GLU D 214 -15.69 7.40 19.21
C GLU D 214 -15.43 8.36 20.37
N THR D 215 -15.27 9.66 20.08
CA THR D 215 -14.92 10.63 21.13
C THR D 215 -15.89 11.80 21.15
N GLY D 216 -16.34 12.24 19.97
CA GLY D 216 -17.20 13.39 19.90
C GLY D 216 -18.67 13.13 20.06
N GLU D 217 -19.09 11.87 20.18
CA GLU D 217 -20.51 11.57 20.33
C GLU D 217 -21.06 12.14 21.64
N SER D 218 -20.35 11.91 22.75
CA SER D 218 -20.77 12.44 24.03
C SER D 218 -20.77 13.96 24.01
N ALA D 219 -19.73 14.56 23.43
CA ALA D 219 -19.64 16.00 23.36
C ALA D 219 -20.81 16.59 22.56
N ALA D 220 -21.14 15.96 21.43
CA ALA D 220 -22.21 16.47 20.58
C ALA D 220 -23.57 16.32 21.26
N ARG D 221 -23.80 15.16 21.89
CA ARG D 221 -25.06 14.95 22.60
C ARG D 221 -25.23 15.97 23.72
N TRP D 222 -24.18 16.16 24.52
CA TRP D 222 -24.26 17.12 25.63
C TRP D 222 -24.43 18.54 25.10
N ALA D 223 -23.70 18.90 24.03
CA ALA D 223 -23.78 20.26 23.50
C ALA D 223 -25.17 20.56 22.95
N GLU D 224 -25.76 19.61 22.23
CA GLU D 224 -27.14 19.81 21.80
C GLU D 224 -28.07 19.90 23.00
N LYS D 225 -27.82 19.09 24.03
CA LYS D 225 -28.66 19.15 25.23
C LYS D 225 -28.47 20.47 25.96
N THR D 226 -27.23 20.96 26.07
CA THR D 226 -26.92 22.13 26.89
C THR D 226 -26.79 23.41 26.08
N LEU D 227 -25.86 23.43 25.11
CA LEU D 227 -25.60 24.65 24.37
C LEU D 227 -26.73 25.01 23.41
N LYS D 228 -27.68 24.10 23.20
CA LYS D 228 -28.79 24.29 22.26
C LYS D 228 -28.29 24.57 20.85
N GLN D 229 -27.50 23.62 20.36
CA GLN D 229 -27.06 23.54 18.97
C GLN D 229 -26.99 22.06 18.61
N PRO D 230 -27.93 21.57 17.81
CA PRO D 230 -27.97 20.14 17.49
C PRO D 230 -26.75 19.72 16.69
N TYR D 231 -26.48 18.42 16.72
CA TYR D 231 -25.37 17.84 15.98
C TYR D 231 -25.89 17.07 14.78
N THR D 232 -24.97 16.75 13.87
CA THR D 232 -25.31 15.99 12.67
C THR D 232 -25.36 14.52 13.04
N LYS D 233 -26.57 13.97 13.12
CA LYS D 233 -26.72 12.57 13.55
C LYS D 233 -26.08 11.61 12.56
N THR D 234 -26.06 11.97 11.28
CA THR D 234 -25.41 11.13 10.28
C THR D 234 -23.89 11.35 10.32
N VAL D 235 -23.17 10.52 9.57
CA VAL D 235 -21.71 10.57 9.53
C VAL D 235 -21.29 10.76 8.08
N PRO D 236 -20.25 11.54 7.80
CA PRO D 236 -19.82 11.76 6.41
C PRO D 236 -18.94 10.66 5.82
N ILE D 237 -18.91 9.47 6.41
CA ILE D 237 -18.16 8.35 5.85
C ILE D 237 -19.06 7.63 4.86
N GLY D 238 -18.78 7.78 3.59
CA GLY D 238 -19.56 7.07 2.59
C GLY D 238 -20.41 8.02 1.77
N VAL D 239 -20.61 7.68 0.50
CA VAL D 239 -21.24 8.61 -0.45
C VAL D 239 -22.68 8.89 -0.04
N GLY D 240 -23.46 7.83 0.18
CA GLY D 240 -24.83 8.02 0.64
C GLY D 240 -24.88 8.64 2.02
N ALA D 241 -23.99 8.19 2.92
CA ALA D 241 -23.89 8.82 4.23
C ALA D 241 -23.43 10.26 4.14
N THR D 242 -22.52 10.58 3.22
CA THR D 242 -22.10 11.97 3.04
C THR D 242 -23.27 12.82 2.56
N ARG D 243 -24.07 12.31 1.62
CA ARG D 243 -25.19 13.09 1.11
C ARG D 243 -26.26 13.28 2.18
N ASP D 244 -26.53 12.24 2.98
CA ASP D 244 -27.47 12.41 4.09
C ASP D 244 -26.93 13.35 5.16
N PHE D 245 -25.62 13.33 5.38
CA PHE D 245 -24.98 14.29 6.28
C PHE D 245 -25.16 15.70 5.77
N VAL D 246 -25.00 15.91 4.47
CA VAL D 246 -25.23 17.24 3.89
C VAL D 246 -26.69 17.64 4.07
N ALA D 247 -27.61 16.70 3.86
CA ALA D 247 -29.02 16.99 4.09
C ALA D 247 -29.25 17.44 5.53
N GLU D 248 -28.66 16.75 6.49
CA GLU D 248 -28.84 17.10 7.89
C GLU D 248 -28.23 18.46 8.22
N VAL D 249 -27.02 18.74 7.74
CA VAL D 249 -26.36 19.99 8.09
C VAL D 249 -27.11 21.16 7.47
N ALA D 250 -27.62 20.99 6.25
CA ALA D 250 -28.34 22.08 5.61
C ALA D 250 -29.74 22.24 6.20
N ALA D 251 -30.33 21.13 6.68
CA ALA D 251 -31.64 21.22 7.32
C ALA D 251 -31.54 21.97 8.64
N LEU D 252 -30.53 21.66 9.44
CA LEU D 252 -30.34 22.38 10.69
C LEU D 252 -29.79 23.78 10.48
N ALA D 253 -29.10 24.01 9.36
CA ALA D 253 -28.55 25.33 9.08
C ALA D 253 -29.62 26.28 8.55
N GLY D 254 -30.51 25.77 7.71
CA GLY D 254 -31.38 26.62 6.92
C GLY D 254 -30.77 27.11 5.63
N VAL D 255 -29.59 26.56 5.31
CA VAL D 255 -28.85 27.03 4.11
C VAL D 255 -28.99 26.02 2.99
N ALA D 256 -28.47 26.34 1.79
CA ALA D 256 -28.53 25.41 0.64
C ALA D 256 -27.59 24.23 0.90
N PRO D 257 -27.99 22.98 0.55
CA PRO D 257 -27.14 21.80 0.74
C PRO D 257 -26.01 21.69 -0.30
N VAL D 258 -25.19 22.74 -0.43
CA VAL D 258 -24.07 22.73 -1.42
C VAL D 258 -23.13 21.58 -1.08
N ALA D 259 -22.91 20.66 -2.02
CA ALA D 259 -22.02 19.50 -1.78
C ALA D 259 -21.01 19.38 -2.93
N ASP D 260 -19.72 19.50 -2.63
CA ASP D 260 -18.68 19.46 -3.70
C ASP D 260 -18.41 18.01 -4.12
N ASP D 261 -19.39 17.38 -4.79
CA ASP D 261 -19.21 15.99 -5.27
C ASP D 261 -18.39 16.00 -6.56
N SER D 262 -18.05 17.19 -7.07
CA SER D 262 -17.17 17.27 -8.26
C SER D 262 -15.95 16.37 -8.01
N ARG D 263 -15.39 16.46 -6.81
CA ARG D 263 -14.23 15.63 -6.45
C ARG D 263 -14.60 14.16 -6.31
N LEU D 264 -15.85 13.88 -5.95
CA LEU D 264 -16.23 12.53 -5.53
C LEU D 264 -16.15 11.56 -6.71
N ARG D 265 -15.43 10.45 -6.51
CA ARG D 265 -15.22 9.48 -7.57
C ARG D 265 -15.49 8.03 -7.15
N GLN D 266 -15.73 7.76 -5.87
CA GLN D 266 -16.06 6.39 -5.47
C GLN D 266 -17.32 5.86 -6.15
N PRO D 267 -18.44 6.59 -6.23
CA PRO D 267 -19.62 6.02 -6.90
C PRO D 267 -19.36 5.67 -8.35
N TRP D 268 -18.53 6.44 -9.04
CA TRP D 268 -18.22 6.09 -10.42
C TRP D 268 -17.13 5.01 -10.48
N TRP D 269 -16.03 5.19 -9.75
CA TRP D 269 -14.95 4.21 -9.82
C TRP D 269 -15.38 2.84 -9.32
N SER D 270 -16.46 2.77 -8.54
CA SER D 270 -17.08 1.51 -8.17
C SER D 270 -18.16 1.09 -9.16
N ALA D 271 -18.29 1.83 -10.28
CA ALA D 271 -19.24 1.48 -11.32
C ALA D 271 -18.58 0.95 -12.59
N SER D 272 -17.27 1.13 -12.75
CA SER D 272 -16.58 0.54 -13.89
C SER D 272 -16.58 -0.98 -13.78
N VAL D 273 -16.18 -1.64 -14.87
CA VAL D 273 -16.29 -3.10 -14.89
C VAL D 273 -15.09 -3.78 -14.21
N ASP D 274 -13.99 -3.05 -14.01
CA ASP D 274 -13.04 -3.50 -13.00
C ASP D 274 -13.75 -3.65 -11.67
N SER D 275 -14.61 -2.69 -11.35
CA SER D 275 -15.50 -2.80 -10.21
C SER D 275 -16.74 -3.61 -10.57
N THR D 276 -16.54 -4.77 -11.19
CA THR D 276 -17.64 -5.71 -11.35
C THR D 276 -17.17 -7.10 -10.90
N TYR D 277 -15.88 -7.39 -11.09
CA TYR D 277 -15.35 -8.65 -10.61
C TYR D 277 -15.37 -8.74 -9.09
N LEU D 278 -15.58 -7.62 -8.40
CA LEU D 278 -15.66 -7.61 -6.95
C LEU D 278 -17.09 -7.82 -6.46
N THR D 279 -18.04 -8.01 -7.39
CA THR D 279 -19.42 -8.22 -7.01
C THR D 279 -19.56 -9.54 -6.27
N GLY D 280 -20.11 -9.50 -5.07
CA GLY D 280 -20.29 -10.68 -4.26
C GLY D 280 -19.05 -11.13 -3.51
N LYS D 281 -17.92 -10.43 -3.66
CA LYS D 281 -16.73 -10.77 -2.89
C LYS D 281 -17.02 -10.67 -1.39
N ARG D 282 -16.90 -11.81 -0.70
CA ARG D 282 -17.13 -11.83 0.74
C ARG D 282 -16.03 -11.04 1.44
N VAL D 283 -16.44 -10.09 2.28
CA VAL D 283 -15.52 -9.15 2.91
C VAL D 283 -15.79 -9.16 4.41
N PHE D 284 -14.73 -9.37 5.19
CA PHE D 284 -14.82 -9.29 6.65
C PHE D 284 -14.52 -7.87 7.09
N LEU D 285 -15.31 -7.36 8.03
CA LEU D 285 -15.20 -5.98 8.49
C LEU D 285 -15.18 -5.96 10.02
N PHE D 286 -13.98 -5.93 10.59
CA PHE D 286 -13.78 -5.76 12.03
C PHE D 286 -13.09 -4.43 12.27
N GLY D 287 -13.49 -3.74 13.32
CA GLY D 287 -12.92 -2.45 13.64
C GLY D 287 -13.94 -1.63 14.41
N ASP D 288 -13.59 -0.36 14.62
CA ASP D 288 -14.39 0.50 15.48
C ASP D 288 -15.80 0.66 14.91
N ALA D 289 -16.77 0.85 15.81
CA ALA D 289 -18.16 0.80 15.40
C ALA D 289 -18.48 1.82 14.31
N THR D 290 -18.14 3.09 14.52
CA THR D 290 -18.47 4.11 13.53
C THR D 290 -17.93 3.72 12.16
N HIS D 291 -16.65 3.40 12.10
CA HIS D 291 -16.02 3.05 10.83
C HIS D 291 -16.58 1.76 10.27
N VAL D 292 -16.86 0.77 11.12
CA VAL D 292 -17.35 -0.51 10.62
C VAL D 292 -18.74 -0.37 10.03
N ILE D 293 -19.66 0.30 10.74
CA ILE D 293 -21.00 0.52 10.21
C ILE D 293 -20.95 1.31 8.91
N ALA D 294 -20.21 2.41 8.88
CA ALA D 294 -20.16 3.21 7.67
C ALA D 294 -19.57 2.42 6.51
N ALA D 295 -18.44 1.75 6.75
CA ALA D 295 -17.78 0.98 5.72
C ALA D 295 -18.62 -0.19 5.24
N ALA D 296 -19.38 -0.82 6.14
CA ALA D 296 -20.19 -1.96 5.76
C ALA D 296 -21.43 -1.54 4.99
N ARG D 297 -22.05 -0.42 5.35
CA ARG D 297 -23.09 0.13 4.49
C ARG D 297 -22.54 0.39 3.09
N VAL D 298 -21.40 1.09 3.02
CA VAL D 298 -20.80 1.41 1.73
C VAL D 298 -20.55 0.15 0.93
N ALA D 299 -19.91 -0.84 1.56
CA ALA D 299 -19.63 -2.11 0.91
C ALA D 299 -20.93 -2.73 0.40
N ARG D 300 -21.82 -3.07 1.33
CA ARG D 300 -23.00 -3.87 1.03
C ARG D 300 -23.82 -3.28 -0.11
N ASP D 301 -24.02 -1.95 -0.11
CA ASP D 301 -24.83 -1.38 -1.19
C ASP D 301 -24.00 -0.93 -2.38
N GLU D 302 -23.06 0.00 -2.18
CA GLU D 302 -22.43 0.69 -3.30
C GLU D 302 -21.12 0.05 -3.76
N MET D 303 -20.51 -0.85 -2.98
CA MET D 303 -19.19 -1.31 -3.40
C MET D 303 -19.25 -2.42 -4.43
N GLY D 304 -20.07 -3.44 -4.19
CA GLY D 304 -20.03 -4.69 -4.91
C GLY D 304 -19.67 -5.87 -4.03
N PHE D 305 -18.82 -5.65 -3.03
CA PHE D 305 -18.51 -6.69 -2.06
C PHE D 305 -19.79 -7.15 -1.35
N GLU D 306 -19.74 -8.35 -0.82
CA GLU D 306 -20.79 -8.87 0.05
C GLU D 306 -20.24 -8.95 1.47
N VAL D 307 -20.90 -8.26 2.39
CA VAL D 307 -20.41 -8.19 3.77
C VAL D 307 -20.75 -9.49 4.47
N VAL D 308 -19.72 -10.25 4.84
CA VAL D 308 -19.91 -11.49 5.59
C VAL D 308 -19.52 -11.34 7.06
N GLY D 309 -18.81 -10.28 7.42
CA GLY D 309 -18.41 -10.05 8.78
C GLY D 309 -18.54 -8.60 9.18
N MET D 310 -19.05 -8.35 10.39
CA MET D 310 -19.20 -6.98 10.86
C MET D 310 -18.83 -6.83 12.33
N GLY D 311 -18.17 -7.82 12.93
CA GLY D 311 -17.84 -7.75 14.34
C GLY D 311 -17.00 -6.53 14.69
N CYS D 312 -16.90 -6.27 15.99
CA CYS D 312 -16.26 -5.06 16.48
C CYS D 312 -15.67 -5.28 17.86
N TYR D 313 -14.96 -4.27 18.34
CA TYR D 313 -14.43 -4.22 19.69
C TYR D 313 -14.98 -3.06 20.50
N ASN D 314 -15.74 -2.16 19.89
CA ASN D 314 -16.42 -1.08 20.62
C ASN D 314 -17.87 -1.48 20.84
N ARG D 315 -18.07 -2.38 21.80
CA ARG D 315 -19.39 -2.94 22.07
C ARG D 315 -20.16 -2.16 23.12
N GLU D 316 -19.72 -0.94 23.46
CA GLU D 316 -20.41 -0.13 24.45
C GLU D 316 -21.82 0.20 24.01
N PHE D 317 -21.96 0.94 22.91
CA PHE D 317 -23.25 1.14 22.26
C PHE D 317 -23.54 -0.11 21.44
N ALA D 318 -24.02 -1.15 22.14
CA ALA D 318 -24.12 -2.47 21.55
C ALA D 318 -25.24 -2.56 20.51
N ARG D 319 -26.41 -1.97 20.80
CA ARG D 319 -27.54 -2.10 19.90
C ARG D 319 -27.30 -1.49 18.52
N PRO D 320 -26.76 -0.27 18.39
CA PRO D 320 -26.51 0.26 17.04
C PRO D 320 -25.54 -0.57 16.24
N MET D 321 -24.75 -1.43 16.90
CA MET D 321 -23.91 -2.37 16.17
C MET D 321 -24.73 -3.37 15.38
N ARG D 322 -25.52 -4.20 16.06
CA ARG D 322 -26.33 -5.17 15.35
C ARG D 322 -27.47 -4.54 14.59
N ALA D 323 -27.76 -3.26 14.79
CA ALA D 323 -28.73 -2.58 13.93
C ALA D 323 -28.31 -2.69 12.47
N ALA D 324 -27.08 -2.31 12.16
CA ALA D 324 -26.58 -2.48 10.80
C ALA D 324 -26.43 -3.95 10.43
N ALA D 325 -26.19 -4.83 11.40
CA ALA D 325 -26.08 -6.26 11.10
C ALA D 325 -27.39 -6.80 10.56
N LYS D 326 -28.51 -6.47 11.22
CA LYS D 326 -29.81 -6.79 10.65
C LYS D 326 -30.08 -6.00 9.38
N GLY D 327 -29.47 -4.83 9.23
CA GLY D 327 -29.52 -4.15 7.95
C GLY D 327 -28.92 -4.99 6.83
N TYR D 328 -27.85 -5.72 7.13
CA TYR D 328 -27.24 -6.66 6.20
C TYR D 328 -27.71 -8.09 6.42
N GLY D 329 -28.52 -8.34 7.44
CA GLY D 329 -29.00 -9.68 7.72
C GLY D 329 -28.03 -10.57 8.47
N LEU D 330 -27.13 -9.98 9.26
CA LEU D 330 -26.12 -10.78 9.96
C LEU D 330 -26.12 -10.49 11.45
N GLU D 331 -25.10 -10.98 12.15
CA GLU D 331 -24.87 -10.73 13.57
C GLU D 331 -23.50 -10.11 13.76
N ALA D 332 -23.25 -9.62 14.96
CA ALA D 332 -22.02 -8.88 15.28
C ALA D 332 -21.17 -9.68 16.25
N LEU D 333 -19.87 -9.78 15.94
CA LEU D 333 -18.89 -10.38 16.84
C LEU D 333 -18.26 -9.26 17.66
N VAL D 334 -18.84 -9.01 18.83
CA VAL D 334 -18.51 -7.82 19.63
C VAL D 334 -17.44 -8.14 20.66
N THR D 335 -16.77 -9.28 20.51
CA THR D 335 -15.69 -9.65 21.41
C THR D 335 -14.53 -8.66 21.29
N ASP D 336 -13.56 -8.79 22.19
CA ASP D 336 -12.42 -7.88 22.24
C ASP D 336 -11.11 -8.66 22.19
N ASP D 337 -11.02 -9.64 21.30
CA ASP D 337 -9.80 -10.39 21.11
C ASP D 337 -9.61 -10.68 19.62
N TYR D 338 -8.37 -10.60 19.15
CA TYR D 338 -8.08 -10.87 17.76
C TYR D 338 -8.12 -12.36 17.43
N LEU D 339 -8.07 -13.22 18.45
CA LEU D 339 -8.19 -14.66 18.20
C LEU D 339 -9.55 -14.99 17.59
N GLU D 340 -10.60 -14.34 18.09
CA GLU D 340 -11.93 -14.53 17.50
C GLU D 340 -11.98 -14.00 16.07
N VAL D 341 -11.27 -12.92 15.78
CA VAL D 341 -11.20 -12.42 14.41
C VAL D 341 -10.53 -13.45 13.51
N GLU D 342 -9.42 -14.03 13.98
CA GLU D 342 -8.75 -15.08 13.22
C GLU D 342 -9.69 -16.26 12.98
N GLU D 343 -10.41 -16.68 14.01
CA GLU D 343 -11.32 -17.80 13.86
C GLU D 343 -12.44 -17.48 12.86
N ALA D 344 -13.01 -16.29 12.95
CA ALA D 344 -14.12 -15.93 12.07
C ALA D 344 -13.67 -15.84 10.61
N ILE D 345 -12.50 -15.23 10.36
CA ILE D 345 -12.02 -15.14 8.99
C ILE D 345 -11.58 -16.51 8.47
N GLN D 346 -11.13 -17.39 9.36
CA GLN D 346 -10.87 -18.77 8.93
C GLN D 346 -12.16 -19.48 8.56
N ALA D 347 -13.23 -19.24 9.32
CA ALA D 347 -14.50 -19.91 9.05
C ALA D 347 -15.11 -19.43 7.74
N LEU D 348 -15.18 -18.11 7.54
CA LEU D 348 -15.83 -17.57 6.36
C LEU D 348 -14.91 -17.45 5.15
N ALA D 349 -13.59 -17.52 5.36
CA ALA D 349 -12.58 -17.43 4.31
C ALA D 349 -12.87 -16.28 3.33
N PRO D 350 -12.91 -15.03 3.82
CA PRO D 350 -13.27 -13.91 2.93
C PRO D 350 -12.14 -13.56 1.97
N GLU D 351 -12.31 -12.47 1.23
CA GLU D 351 -11.29 -11.97 0.33
C GLU D 351 -10.78 -10.59 0.73
N LEU D 352 -11.33 -10.00 1.78
CA LEU D 352 -10.89 -8.69 2.25
C LEU D 352 -11.24 -8.57 3.73
N ILE D 353 -10.25 -8.21 4.54
CA ILE D 353 -10.37 -8.29 5.99
C ILE D 353 -10.18 -6.89 6.54
N LEU D 354 -10.67 -5.89 5.79
CA LEU D 354 -10.54 -4.47 6.11
C LEU D 354 -10.71 -4.18 7.60
N GLY D 355 -9.70 -3.55 8.21
CA GLY D 355 -9.78 -3.25 9.63
C GLY D 355 -8.44 -2.78 10.18
N THR D 356 -8.18 -3.13 11.43
CA THR D 356 -7.01 -2.67 12.14
C THR D 356 -5.73 -3.17 11.47
N GLN D 357 -4.59 -2.65 11.93
CA GLN D 357 -3.32 -3.24 11.57
C GLN D 357 -3.15 -4.64 12.13
N MET D 358 -3.83 -4.97 13.22
CA MET D 358 -3.77 -6.33 13.75
C MET D 358 -4.45 -7.29 12.80
N GLU D 359 -5.66 -6.96 12.33
CA GLU D 359 -6.28 -7.76 11.28
C GLU D 359 -5.46 -7.72 10.00
N ARG D 360 -4.75 -6.62 9.76
CA ARG D 360 -3.85 -6.55 8.63
C ARG D 360 -2.78 -7.63 8.72
N HIS D 361 -2.20 -7.80 9.90
CA HIS D 361 -1.15 -8.79 10.07
C HIS D 361 -1.71 -10.21 10.15
N ILE D 362 -2.94 -10.37 10.64
CA ILE D 362 -3.59 -11.67 10.56
C ILE D 362 -3.76 -12.08 9.11
N ALA D 363 -4.28 -11.19 8.28
CA ALA D 363 -4.49 -11.52 6.88
C ALA D 363 -3.17 -11.69 6.13
N LYS D 364 -2.14 -10.95 6.53
CA LYS D 364 -0.80 -11.23 6.01
C LYS D 364 -0.36 -12.64 6.38
N ARG D 365 -0.67 -13.07 7.60
CA ARG D 365 -0.35 -14.43 8.04
C ARG D 365 -1.38 -15.46 7.57
N LEU D 366 -2.57 -15.04 7.17
CA LEU D 366 -3.58 -15.95 6.64
C LEU D 366 -3.73 -15.84 5.12
N GLY D 367 -2.91 -15.03 4.46
CA GLY D 367 -2.92 -14.97 3.01
C GLY D 367 -3.98 -14.07 2.41
N ILE D 368 -5.04 -13.81 3.16
CA ILE D 368 -6.17 -13.01 2.70
C ILE D 368 -5.73 -11.56 2.49
N PRO D 369 -6.30 -10.85 1.52
CA PRO D 369 -6.06 -9.41 1.42
C PRO D 369 -6.73 -8.64 2.56
N CYS D 370 -6.26 -7.41 2.76
CA CYS D 370 -6.59 -6.62 3.93
C CYS D 370 -6.05 -5.20 3.80
N ALA D 371 -6.76 -4.25 4.42
CA ALA D 371 -6.34 -2.86 4.47
C ALA D 371 -6.72 -2.28 5.82
N VAL D 372 -6.41 -1.00 6.02
CA VAL D 372 -6.60 -0.33 7.29
C VAL D 372 -7.75 0.65 7.17
N ILE D 373 -8.77 0.48 8.02
CA ILE D 373 -9.93 1.35 8.07
C ILE D 373 -10.28 1.70 9.50
N SER D 374 -9.48 1.24 10.46
CA SER D 374 -9.87 1.26 11.86
C SER D 374 -8.86 2.01 12.70
N ALA D 375 -9.10 2.01 14.01
CA ALA D 375 -8.28 2.81 14.94
C ALA D 375 -6.95 2.16 15.31
N PRO D 376 -6.90 0.86 15.73
CA PRO D 376 -5.64 0.33 16.26
C PRO D 376 -4.56 0.19 15.21
N VAL D 377 -3.91 1.31 14.88
CA VAL D 377 -2.91 1.36 13.83
C VAL D 377 -1.63 1.97 14.37
N HIS D 378 -0.51 1.61 13.75
CA HIS D 378 0.80 2.12 14.11
C HIS D 378 1.15 3.33 13.26
N VAL D 379 2.44 3.70 13.30
CA VAL D 379 2.96 4.95 12.77
C VAL D 379 2.58 5.18 11.30
N GLN D 380 2.52 4.11 10.51
CA GLN D 380 2.40 4.29 9.07
C GLN D 380 1.00 4.73 8.65
N ASP D 381 -0.01 4.46 9.46
CA ASP D 381 -1.37 4.85 9.12
C ASP D 381 -1.76 6.23 9.66
N PHE D 382 -0.88 6.86 10.43
CA PHE D 382 -1.00 8.29 10.73
C PHE D 382 -0.10 9.02 9.75
N PRO D 383 -0.64 9.45 8.62
CA PRO D 383 0.20 9.82 7.48
C PRO D 383 0.51 11.31 7.42
N ALA D 384 1.55 11.62 6.66
CA ALA D 384 1.86 13.00 6.29
C ALA D 384 0.95 13.50 5.19
N ARG D 385 0.58 12.64 4.24
CA ARG D 385 -0.24 13.03 3.11
C ARG D 385 -1.63 13.43 3.57
N TYR D 386 -2.34 14.11 2.67
CA TYR D 386 -3.75 14.44 2.92
C TYR D 386 -4.55 13.16 2.80
N SER D 387 -4.94 12.60 3.94
CA SER D 387 -5.63 11.30 3.99
C SER D 387 -6.90 11.46 4.80
N PRO D 388 -7.92 12.10 4.23
CA PRO D 388 -9.17 12.29 4.98
C PRO D 388 -10.13 11.12 4.76
N GLN D 389 -10.62 10.52 5.84
CA GLN D 389 -11.55 9.39 5.72
C GLN D 389 -13.01 9.83 5.66
N MET D 390 -13.28 11.12 5.71
CA MET D 390 -14.65 11.63 5.75
C MET D 390 -14.86 12.67 4.66
N GLY D 391 -16.13 12.84 4.28
CA GLY D 391 -16.48 13.70 3.17
C GLY D 391 -16.40 12.95 1.85
N PHE D 392 -16.52 13.74 0.78
CA PHE D 392 -16.42 13.17 -0.57
C PHE D 392 -15.03 12.59 -0.80
N GLU D 393 -13.99 13.30 -0.37
CA GLU D 393 -12.65 12.73 -0.46
C GLU D 393 -12.47 11.56 0.50
N GLY D 394 -13.22 11.52 1.59
CA GLY D 394 -13.21 10.33 2.43
C GLY D 394 -13.75 9.11 1.72
N ALA D 395 -14.89 9.28 1.04
CA ALA D 395 -15.39 8.20 0.20
C ALA D 395 -14.41 7.87 -0.92
N ASN D 396 -13.67 8.86 -1.40
CA ASN D 396 -12.69 8.62 -2.46
C ASN D 396 -11.54 7.74 -1.96
N VAL D 397 -10.97 8.08 -0.79
CA VAL D 397 -9.88 7.27 -0.25
C VAL D 397 -10.37 5.89 0.15
N LEU D 398 -11.62 5.78 0.56
CA LEU D 398 -12.13 4.47 0.97
C LEU D 398 -12.21 3.48 -0.18
N PHE D 399 -12.08 3.93 -1.42
CA PHE D 399 -12.04 3.00 -2.53
C PHE D 399 -10.62 2.47 -2.75
N ASP D 400 -9.66 3.37 -2.93
CA ASP D 400 -8.29 2.94 -3.20
C ASP D 400 -7.70 2.16 -2.02
N THR D 401 -7.97 2.61 -0.80
CA THR D 401 -7.47 1.90 0.36
C THR D 401 -7.99 0.47 0.39
N TRP D 402 -9.27 0.29 0.06
CA TRP D 402 -9.86 -1.05 0.12
C TRP D 402 -9.41 -1.93 -1.04
N ILE D 403 -9.16 -1.32 -2.21
CA ILE D 403 -8.86 -2.15 -3.39
C ILE D 403 -7.38 -2.38 -3.61
N HIS D 404 -6.50 -1.69 -2.89
CA HIS D 404 -5.08 -2.04 -2.95
C HIS D 404 -4.82 -3.47 -2.48
N PRO D 405 -5.37 -3.94 -1.33
CA PRO D 405 -5.20 -5.36 -0.99
C PRO D 405 -5.79 -6.31 -2.02
N LEU D 406 -6.89 -5.93 -2.68
CA LEU D 406 -7.37 -6.76 -3.77
C LEU D 406 -6.40 -6.78 -4.93
N THR D 407 -5.73 -5.67 -5.21
CA THR D 407 -4.62 -5.69 -6.16
C THR D 407 -3.54 -6.68 -5.73
N MET D 408 -3.21 -6.71 -4.44
CA MET D 408 -2.32 -7.73 -3.92
C MET D 408 -2.83 -9.13 -4.26
N GLY D 409 -4.01 -9.47 -3.74
CA GLY D 409 -4.58 -10.80 -3.88
C GLY D 409 -4.87 -11.23 -5.30
N LEU D 410 -4.90 -10.29 -6.24
CA LEU D 410 -5.13 -10.62 -7.64
C LEU D 410 -3.82 -10.72 -8.43
N GLU D 411 -2.96 -9.69 -8.35
CA GLU D 411 -1.72 -9.73 -9.11
C GLU D 411 -0.75 -10.76 -8.57
N GLU D 412 -0.73 -10.95 -7.24
CA GLU D 412 0.08 -12.01 -6.66
C GLU D 412 -0.36 -13.38 -7.18
N HIS D 413 -1.67 -13.60 -7.20
CA HIS D 413 -2.23 -14.85 -7.71
C HIS D 413 -1.84 -15.07 -9.17
N LEU D 414 -1.98 -14.02 -9.99
CA LEU D 414 -1.65 -14.15 -11.41
C LEU D 414 -0.17 -14.45 -11.59
N LEU D 415 0.70 -13.75 -10.85
CA LEU D 415 2.13 -14.01 -10.95
C LEU D 415 2.47 -15.44 -10.55
N THR D 416 1.92 -15.90 -9.43
CA THR D 416 2.25 -17.22 -8.92
C THR D 416 1.60 -18.35 -9.73
N MET D 417 0.59 -18.04 -10.52
CA MET D 417 -0.09 -19.05 -11.31
C MET D 417 0.32 -19.05 -12.78
N PHE D 418 0.92 -17.98 -13.26
CA PHE D 418 1.28 -17.87 -14.68
C PHE D 418 2.63 -18.52 -14.98
N ARG D 419 3.70 -18.05 -14.34
CA ARG D 419 5.01 -18.67 -14.49
C ARG D 419 5.31 -19.71 -13.41
N GLU D 420 4.44 -19.82 -12.40
CA GLU D 420 4.62 -20.76 -11.30
C GLU D 420 5.97 -20.58 -10.62
FE1 SF4 E . -4.11 -5.32 -32.69
FE2 SF4 E . -3.63 -2.72 -33.16
FE3 SF4 E . -1.58 -4.43 -33.03
FE4 SF4 E . -3.26 -4.53 -35.12
S1 SF4 E . -1.89 -2.82 -34.57
S2 SF4 E . -2.49 -6.29 -33.94
S3 SF4 E . -5.21 -3.99 -34.14
S4 SF4 E . -2.98 -3.88 -31.35
MG PMR F . -8.32 -6.04 -18.61
CBB PMR F . -5.79 -2.53 -22.68
CAB PMR F . -6.15 -2.01 -21.51
C3B PMR F . -6.60 -2.86 -20.39
C2B PMR F . -5.91 -2.97 -19.17
CMB PMR F . -4.92 -1.95 -18.67
C1B PMR F . -5.95 -4.29 -18.73
CHB PMR F . -5.61 -4.87 -17.53
NB PMR F . -7.15 -4.68 -19.30
C4B PMR F . -7.34 -4.04 -20.49
CHC PMR F . -7.77 -4.84 -21.53
C1C PMR F . -7.78 -6.24 -21.44
NC PMR F . -7.71 -6.85 -20.23
C2C PMR F . -7.39 -7.20 -22.45
CMC PMR F . -7.28 -6.96 -23.93
C3C PMR F . -7.62 -8.41 -21.86
CAC PMR F . -7.49 -9.72 -22.57
CBC PMR F . -6.10 -10.29 -22.32
C4C PMR F . -7.56 -8.19 -20.43
CHD PMR F . -7.55 -9.16 -19.42
C1D PMR F . -8.30 -9.07 -18.28
C2D PMR F . -9.42 -9.65 -17.70
CMD PMR F . -10.01 -10.97 -18.11
ND PMR F . -8.35 -7.78 -17.79
C4D PMR F . -9.02 -7.76 -16.65
C3D PMR F . -9.77 -8.93 -16.54
CAD PMR F . -10.56 -8.71 -15.34
OAD PMR F . -11.44 -9.44 -14.93
CBD PMR F . -10.37 -7.24 -14.94
CGD PMR F . -11.64 -6.48 -15.21
O1D PMR F . -12.70 -6.86 -14.66
O2D PMR F . -11.71 -5.80 -16.25
C2O PMR F . -12.18 -6.45 -17.51
CHA PMR F . -9.26 -6.70 -15.83
C1A PMR F . -8.59 -5.47 -15.87
NA PMR F . -7.82 -5.20 -16.96
C4A PMR F . -6.56 -5.01 -16.53
C3A PMR F . -6.74 -4.27 -15.29
CMA PMR F . -5.96 -3.04 -14.94
C2A PMR F . -7.97 -4.65 -14.82
CAA PMR F . -8.38 -4.70 -13.36
CBA PMR F . -7.19 -5.08 -12.47
CGA PMR F . -7.44 -6.40 -11.80
O1A PMR F . -8.22 -7.22 -12.33
O2A PMR F . -6.62 -6.81 -10.96
MG PMR G . 10.61 2.42 18.49
CBB PMR G . 7.03 2.02 23.24
CAB PMR G . 7.14 3.10 22.47
C3B PMR G . 7.82 3.02 21.17
C2B PMR G . 7.16 3.18 19.95
CMB PMR G . 5.78 3.77 19.83
C1B PMR G . 7.71 2.28 19.03
CHB PMR G . 7.46 2.04 17.70
NB PMR G . 9.00 2.12 19.52
C4B PMR G . 8.95 2.24 20.89
CHC PMR G . 9.97 1.69 21.63
C1C PMR G . 11.03 1.01 21.01
NC PMR G . 11.19 1.03 19.68
C2C PMR G . 11.94 0.02 21.54
CMC PMR G . 11.88 -0.56 22.94
C3C PMR G . 12.50 -0.57 20.44
CAC PMR G . 13.60 -1.59 20.40
CBC PMR G . 14.87 -0.98 19.83
C4C PMR G . 11.65 -0.19 19.31
CHD PMR G . 11.84 -0.56 17.98
C1D PMR G . 12.36 0.34 17.08
C2D PMR G . 13.55 0.63 16.42
CMD PMR G . 14.71 -0.32 16.24
ND PMR G . 11.98 1.62 17.37
C4D PMR G . 12.33 2.43 16.39
C3D PMR G . 13.38 1.83 15.71
CAD PMR G . 13.70 2.82 14.69
OAD PMR G . 14.54 2.68 13.83
CBD PMR G . 12.48 3.74 14.61
CGD PMR G . 12.86 5.20 14.74
O1D PMR G . 12.87 5.92 13.72
O2D PMR G . 12.74 5.75 15.85
C2O PMR G . 13.71 5.44 16.95
CHA PMR G . 11.54 3.33 15.74
C1A PMR G . 10.14 3.36 15.85
NA PMR G . 9.53 2.85 16.95
C4A PMR G . 8.23 2.60 16.69
C3A PMR G . 7.92 3.54 15.64
CMA PMR G . 6.94 4.68 15.75
C2A PMR G . 9.05 3.52 14.88
CAA PMR G . 9.15 3.84 13.41
CBA PMR G . 10.01 2.80 12.70
CGA PMR G . 10.67 3.44 11.49
O1A PMR G . 9.95 4.03 10.65
O2A PMR G . 11.84 3.13 11.17
FE1 SF4 H . 5.88 -0.05 33.51
FE2 SF4 H . 3.47 1.16 33.77
FE3 SF4 H . 3.59 -1.53 33.42
FE4 SF4 H . 4.41 -0.43 35.77
S1 SF4 H . 2.30 -0.43 34.91
S2 SF4 H . 5.49 -2.03 34.58
S3 SF4 H . 5.31 1.53 35.03
S4 SF4 H . 4.24 0.08 31.93
CU CU I . 0.41 -3.13 2.47
CU CU J . 0.60 -3.60 -1.96
#